data_9Q9S
#
_entry.id   9Q9S
#
_cell.length_a   1.00
_cell.length_b   1.00
_cell.length_c   1.00
_cell.angle_alpha   90.00
_cell.angle_beta   90.00
_cell.angle_gamma   90.00
#
_symmetry.space_group_name_H-M   'P 1'
#
loop_
_entity.id
_entity.type
_entity.pdbx_description
1 polymer Nb1_gbHSV
2 polymer 'Envelope glycoprotein B'
3 branched 2-acetamido-2-deoxy-beta-D-glucopyranose-(1-4)-2-acetamido-2-deoxy-beta-D-glucopyranose
#
loop_
_entity_poly.entity_id
_entity_poly.type
_entity_poly.pdbx_seq_one_letter_code
_entity_poly.pdbx_strand_id
1 'polypeptide(L)'
;QVQLVESGGGSVQPGGSLRLSCAASASGRLSMSGALGWYRQVQGKSRELVATITDRSSTNYADSVKGRFTISIDDAENTM
YLQMNSLKPEDTGVYYCNARWRGMNVWGKGTRVTVSSTS
;
d,e,f
2 'polypeptide(L)'
;MRGGGLICALVVGALVAAVASAAPAAPAAPRASGGVAATVAANGGPASRPPPVPSPATTKARKRKTKKPPKRPEATPPPD
ANATVAAGHATLRAHLREIKVENADAQFYVCPPPTGATVVQFEQPRRCPTRPEGQNYTEGIAVVFKENIAPYKFKATMYY
KDVTVSQVWFGHRYSQFMGIFEDRAPVPFEEVIDKINAKGVCRSTAKYVRNNMETTAFHRDDHETDMELKPAKVATRTSR
GWHTTDLKYNPSRVEAFHRYGTTVNCIVEEVDARSVYPYDEFVLATGDFVYMSPFYGYREGSHTEHTSYAADRFKQVDGF
YARDLTTKARATSPTTRNLLTTPKFTVAWDWVPKRPAVCTMTKWQEVDEMLRAEYGGSFRFSSDAISTTFTTNLTQYSLS
RVDLGDCIGRDAREAIDRMFARKYNATHIKVGQPQYYLATGGFLIAYQPLLSNTLAELYVREYMREQDRKPRNATPAPLR
EAPSANASVERIKTTSSIEFARLQFTYNHIQRHVNDMLGRIAVAWCELQNHELTLWNEARKLNPNAIASATVGRRVSARM
LGDVMAVSTCVPVAPDNVIVQNSMRVSSRPGTCYSRPLVSFRYEDQGPLIEGQLGENNELRLTRDALEPCTVGHRRYFIF
GGGYVYFEEYAYSHQLSRADVTTVSTFIDLNITMLEDHEFVPLEVYTRHEIKDSGLLDYTEVQRRNQLHDLRFADIDTVI
RADANAAMFAGLCAFFEGMGDLGRAVGKVVMGVVGGVVSAVSGVSSFMSNPFGALAVGLLVLAGLVAAFFAFRYVLQLQR
NPMKALYPLTTKELKTSDPGGVGGEGEEGAEGGGFDEAKLAEAREMIRYMALVSAMERTEHKARKKGTSALLSSKVTNMV
LRKRNKARYSPLHNEDEAGDEDELGTLEVLFQGPGGSGSAWSHPQFEKGGGSGGGSGGSAWSHPQFEK
;
A,B,C
#
# COMPACT_ATOMS: atom_id res chain seq x y z
N GLN A 1 18.83 1.63 28.39
CA GLN A 1 19.47 2.18 29.60
C GLN A 1 20.97 1.94 29.56
N VAL A 2 21.79 2.88 30.03
CA VAL A 2 23.23 2.79 30.08
C VAL A 2 23.73 2.93 31.51
N GLN A 3 24.74 2.12 31.86
CA GLN A 3 25.37 2.09 33.17
C GLN A 3 26.83 2.51 33.05
N LEU A 4 27.27 3.41 33.91
CA LEU A 4 28.64 3.89 34.01
C LEU A 4 29.20 3.44 35.35
N VAL A 5 30.09 2.44 35.34
CA VAL A 5 30.73 1.92 36.52
C VAL A 5 32.10 2.58 36.65
N GLU A 6 32.23 3.42 37.68
CA GLU A 6 33.40 4.22 37.97
C GLU A 6 34.33 3.57 38.99
N SER A 7 35.65 3.71 38.82
CA SER A 7 36.66 3.14 39.69
C SER A 7 38.02 3.80 39.56
N GLY A 8 38.85 3.74 40.60
CA GLY A 8 40.19 4.29 40.63
C GLY A 8 40.44 5.40 41.64
N GLY A 9 39.46 5.74 42.49
CA GLY A 9 39.59 6.75 43.51
C GLY A 9 40.50 6.36 44.67
N GLY A 10 40.70 7.24 45.64
CA GLY A 10 41.55 6.98 46.79
C GLY A 10 42.18 8.21 47.43
N SER A 11 43.37 8.03 47.99
CA SER A 11 44.13 9.07 48.67
C SER A 11 45.63 8.90 48.48
N VAL A 12 46.35 9.99 48.22
CA VAL A 12 47.79 10.03 48.05
C VAL A 12 48.35 11.36 48.54
N GLN A 13 49.63 11.38 48.93
CA GLN A 13 50.32 12.58 49.36
C GLN A 13 50.57 13.52 48.20
N PRO A 14 50.82 14.82 48.44
CA PRO A 14 51.11 15.77 47.40
C PRO A 14 52.26 15.33 46.50
N GLY A 15 52.14 15.59 45.20
CA GLY A 15 53.10 15.18 44.19
C GLY A 15 52.88 13.77 43.65
N GLY A 16 51.95 13.00 44.22
CA GLY A 16 51.60 11.67 43.78
C GLY A 16 50.84 11.65 42.45
N SER A 17 50.42 10.46 42.02
CA SER A 17 49.69 10.24 40.78
C SER A 17 48.58 9.21 40.93
N LEU A 18 47.49 9.36 40.18
CA LEU A 18 46.32 8.51 40.18
C LEU A 18 45.82 8.27 38.76
N ARG A 19 44.89 7.33 38.59
CA ARG A 19 44.28 7.01 37.32
C ARG A 19 42.83 6.58 37.53
N LEU A 20 41.89 7.48 37.24
CA LEU A 20 40.48 7.18 37.34
C LEU A 20 40.04 6.48 36.05
N SER A 21 38.97 5.69 36.15
CA SER A 21 38.40 4.94 35.05
C SER A 21 36.88 4.90 35.17
N CYS A 22 36.21 4.86 34.02
CA CYS A 22 34.77 4.83 33.92
C CYS A 22 34.44 3.92 32.74
N ALA A 23 33.91 2.73 33.02
CA ALA A 23 33.54 1.74 32.03
C ALA A 23 32.04 1.78 31.80
N ALA A 24 31.59 1.60 30.56
CA ALA A 24 30.20 1.66 30.20
C ALA A 24 29.63 0.34 29.66
N SER A 25 28.35 0.10 29.94
CA SER A 25 27.63 -1.05 29.44
C SER A 25 27.56 -1.02 27.92
N ALA A 26 27.35 -2.18 27.27
CA ALA A 26 27.29 -2.29 25.83
C ALA A 26 26.29 -1.36 25.14
N SER A 27 25.23 -0.96 25.85
CA SER A 27 24.19 -0.06 25.38
C SER A 27 24.62 1.37 25.11
N GLY A 28 25.88 1.75 25.39
CA GLY A 28 26.40 3.07 25.11
C GLY A 28 27.89 2.98 24.80
N ARG A 29 28.28 3.22 23.55
CA ARG A 29 29.65 3.15 23.10
C ARG A 29 30.36 4.49 23.32
N LEU A 30 31.34 4.55 24.22
CA LEU A 30 32.02 5.80 24.54
C LEU A 30 32.71 6.46 23.35
N SER A 31 33.35 5.72 22.46
CA SER A 31 34.04 6.32 21.32
C SER A 31 33.12 7.07 20.37
N MET A 32 31.81 6.83 20.42
CA MET A 32 30.82 7.51 19.60
C MET A 32 30.06 8.59 20.36
N SER A 33 30.32 8.76 21.66
CA SER A 33 29.68 9.75 22.50
C SER A 33 29.96 11.16 21.99
N GLY A 34 28.97 12.05 22.06
CA GLY A 34 29.11 13.43 21.63
C GLY A 34 29.96 14.24 22.60
N ALA A 35 29.89 13.94 23.89
CA ALA A 35 30.68 14.59 24.92
C ALA A 35 30.91 13.64 26.09
N LEU A 36 32.17 13.36 26.41
CA LEU A 36 32.59 12.51 27.50
C LEU A 36 33.40 13.34 28.48
N GLY A 37 33.41 13.03 29.78
CA GLY A 37 34.26 13.81 30.66
C GLY A 37 34.13 13.55 32.15
N TRP A 38 34.96 14.26 32.90
CA TRP A 38 35.05 14.23 34.35
C TRP A 38 34.73 15.61 34.91
N TYR A 39 33.90 15.64 35.95
CA TYR A 39 33.49 16.85 36.64
C TYR A 39 33.78 16.73 38.12
N ARG A 40 34.25 17.80 38.77
CA ARG A 40 34.61 17.79 40.18
C ARG A 40 33.67 18.63 41.02
N GLN A 41 33.27 18.11 42.19
CA GLN A 41 32.55 18.88 43.20
C GLN A 41 33.51 19.17 44.34
N VAL A 42 33.36 20.37 44.89
CA VAL A 42 34.11 20.89 46.03
C VAL A 42 33.07 21.35 47.05
N GLN A 43 33.40 21.32 48.34
CA GLN A 43 32.51 21.66 49.43
C GLN A 43 31.69 22.93 49.25
N GLY A 44 32.27 23.98 48.66
CA GLY A 44 31.63 25.25 48.39
C GLY A 44 31.29 25.56 46.94
N LYS A 45 31.23 24.58 46.05
CA LYS A 45 30.97 24.78 44.64
C LYS A 45 30.15 23.70 43.95
N SER A 46 29.55 24.07 42.81
CA SER A 46 28.85 23.16 41.92
C SER A 46 29.86 22.38 41.10
N ARG A 47 29.42 21.52 40.18
CA ARG A 47 30.27 20.71 39.33
C ARG A 47 31.14 21.52 38.39
N GLU A 48 32.46 21.50 38.61
CA GLU A 48 33.45 22.12 37.75
C GLU A 48 33.80 21.18 36.62
N LEU A 49 34.08 21.71 35.43
CA LEU A 49 34.56 20.96 34.28
C LEU A 49 36.01 20.61 34.54
N VAL A 50 36.42 19.34 34.54
CA VAL A 50 37.81 18.97 34.76
C VAL A 50 38.50 18.64 33.44
N ALA A 51 37.98 17.66 32.71
CA ALA A 51 38.52 17.23 31.42
C ALA A 51 37.45 16.54 30.59
N THR A 52 37.37 16.83 29.29
CA THR A 52 36.36 16.26 28.41
C THR A 52 36.82 16.10 26.97
N ILE A 53 36.08 15.31 26.19
CA ILE A 53 36.27 15.06 24.77
C ILE A 53 34.94 15.42 24.13
N THR A 54 34.77 16.68 23.73
CA THR A 54 33.53 17.26 23.22
C THR A 54 33.15 16.99 21.77
N ASP A 55 34.00 16.21 21.10
CA ASP A 55 33.78 15.71 19.75
C ASP A 55 34.72 14.53 19.70
N ARG A 56 34.47 13.54 18.83
CA ARG A 56 35.21 12.30 18.80
C ARG A 56 36.73 12.45 18.73
N SER A 57 37.24 13.62 18.35
CA SER A 57 38.66 13.94 18.28
C SER A 57 39.11 15.19 19.04
N SER A 58 38.23 15.95 19.68
CA SER A 58 38.59 17.16 20.38
C SER A 58 38.90 16.93 21.86
N THR A 59 39.47 17.89 22.59
CA THR A 59 39.80 17.75 23.99
C THR A 59 39.70 19.08 24.73
N ASN A 60 39.36 19.06 26.02
CA ASN A 60 39.21 20.23 26.87
C ASN A 60 39.72 19.95 28.28
N TYR A 61 40.38 20.92 28.91
CA TYR A 61 40.90 20.81 30.26
C TYR A 61 40.71 22.11 31.03
N ALA A 62 40.51 22.03 32.34
CA ALA A 62 40.43 23.23 33.15
C ALA A 62 41.79 23.93 33.16
N ASP A 63 41.78 25.26 33.25
CA ASP A 63 42.98 26.08 33.27
C ASP A 63 43.99 25.63 34.33
N SER A 64 43.48 25.32 35.53
CA SER A 64 44.21 24.88 36.70
C SER A 64 44.63 23.41 36.67
N VAL A 65 44.41 22.71 35.56
CA VAL A 65 44.69 21.30 35.36
C VAL A 65 45.49 21.03 34.08
N LYS A 66 45.36 21.88 33.07
CA LYS A 66 46.02 21.74 31.78
C LYS A 66 47.51 21.46 31.97
N GLY A 67 47.97 20.36 31.34
CA GLY A 67 49.33 19.88 31.41
C GLY A 67 49.57 18.79 32.44
N ARG A 68 48.81 18.73 33.54
CA ARG A 68 48.96 17.72 34.57
C ARG A 68 48.13 16.47 34.32
N PHE A 69 46.86 16.62 33.95
CA PHE A 69 45.98 15.50 33.70
C PHE A 69 45.87 15.19 32.22
N THR A 70 45.35 14.01 31.87
CA THR A 70 45.17 13.58 30.50
C THR A 70 44.00 12.60 30.39
N ILE A 71 43.04 12.88 29.49
CA ILE A 71 41.90 12.04 29.24
C ILE A 71 42.13 11.19 28.00
N SER A 72 41.70 9.93 28.05
CA SER A 72 41.83 8.98 26.96
C SER A 72 40.74 7.92 27.00
N ILE A 73 40.51 7.21 25.90
CA ILE A 73 39.50 6.18 25.80
C ILE A 73 40.03 4.92 25.12
N ASP A 74 39.34 3.80 25.36
CA ASP A 74 39.61 2.50 24.79
C ASP A 74 38.30 1.93 24.25
N ASP A 75 38.17 1.89 22.92
CA ASP A 75 36.99 1.41 22.24
C ASP A 75 36.76 -0.09 22.38
N ALA A 76 37.82 -0.88 22.63
CA ALA A 76 37.70 -2.32 22.78
C ALA A 76 37.12 -2.66 24.15
N GLU A 77 37.59 -1.98 25.19
CA GLU A 77 37.12 -2.17 26.55
C GLU A 77 35.85 -1.37 26.85
N ASN A 78 35.55 -0.36 26.04
CA ASN A 78 34.44 0.57 26.21
C ASN A 78 34.56 1.29 27.55
N THR A 79 35.77 1.82 27.78
CA THR A 79 36.17 2.49 28.99
C THR A 79 36.98 3.75 28.71
N MET A 80 36.85 4.76 29.56
CA MET A 80 37.65 5.97 29.49
C MET A 80 38.44 6.15 30.78
N TYR A 81 39.63 6.74 30.67
CA TYR A 81 40.55 6.95 31.77
C TYR A 81 41.00 8.40 31.89
N LEU A 82 41.21 8.84 33.12
CA LEU A 82 41.74 10.16 33.45
C LEU A 82 43.03 9.94 34.22
N GLN A 83 44.15 10.08 33.51
CA GLN A 83 45.47 9.98 34.11
C GLN A 83 45.75 11.29 34.83
N MET A 84 46.02 11.25 36.14
CA MET A 84 46.26 12.45 36.92
C MET A 84 47.66 12.39 37.53
N ASN A 85 48.57 13.24 37.05
CA ASN A 85 49.94 13.29 37.54
C ASN A 85 50.19 14.52 38.39
N SER A 86 51.16 14.45 39.30
CA SER A 86 51.59 15.54 40.16
C SER A 86 50.47 16.24 40.90
N LEU A 87 49.66 15.48 41.65
CA LEU A 87 48.52 16.04 42.36
C LEU A 87 48.89 17.07 43.41
N LYS A 88 47.97 18.01 43.66
CA LYS A 88 48.07 19.09 44.63
C LYS A 88 46.93 18.99 45.62
N PRO A 89 47.02 19.54 46.85
CA PRO A 89 45.95 19.47 47.82
C PRO A 89 44.62 20.00 47.31
N GLU A 90 44.64 21.01 46.43
CA GLU A 90 43.49 21.62 45.81
C GLU A 90 42.71 20.66 44.91
N ASP A 91 43.33 19.57 44.46
CA ASP A 91 42.71 18.56 43.62
C ASP A 91 41.76 17.65 44.39
N THR A 92 41.64 17.82 45.71
CA THR A 92 40.74 17.06 46.57
C THR A 92 39.28 17.35 46.24
N GLY A 93 38.44 16.31 46.20
CA GLY A 93 37.02 16.42 45.93
C GLY A 93 36.39 15.15 45.42
N VAL A 94 35.14 15.24 44.95
CA VAL A 94 34.40 14.13 44.39
C VAL A 94 34.34 14.30 42.89
N TYR A 95 34.90 13.34 42.15
CA TYR A 95 34.95 13.33 40.70
C TYR A 95 33.82 12.47 40.16
N TYR A 96 33.11 12.95 39.14
CA TYR A 96 31.98 12.28 38.52
C TYR A 96 32.18 12.13 37.02
N CYS A 97 32.08 10.91 36.47
CA CYS A 97 32.15 10.76 35.02
C CYS A 97 30.78 11.03 34.42
N ASN A 98 30.78 11.56 33.19
CA ASN A 98 29.61 11.90 32.41
C ASN A 98 29.83 11.51 30.95
N ALA A 99 28.79 11.00 30.30
CA ALA A 99 28.81 10.63 28.89
C ALA A 99 27.43 10.93 28.33
N ARG A 100 27.35 11.55 27.15
CA ARG A 100 26.08 11.89 26.55
C ARG A 100 26.06 11.69 25.04
N TRP A 101 25.01 11.03 24.57
CA TRP A 101 24.81 10.70 23.16
C TRP A 101 23.56 11.38 22.63
N ARG A 102 23.72 12.43 21.83
CA ARG A 102 22.64 13.07 21.10
C ARG A 102 21.36 13.32 21.89
N GLY A 103 21.47 13.90 23.08
CA GLY A 103 20.35 14.20 23.94
C GLY A 103 20.13 13.22 25.09
N MET A 104 20.61 11.98 24.99
CA MET A 104 20.57 11.02 26.08
C MET A 104 21.79 11.29 26.94
N ASN A 105 21.63 11.38 28.27
CA ASN A 105 22.69 11.73 29.19
C ASN A 105 22.83 10.73 30.33
N VAL A 106 24.04 10.52 30.86
CA VAL A 106 24.32 9.59 31.94
C VAL A 106 25.42 10.08 32.86
N TRP A 107 25.25 9.87 34.17
CA TRP A 107 26.21 10.24 35.20
C TRP A 107 26.60 9.03 36.05
N GLY A 108 27.88 8.93 36.42
CA GLY A 108 28.38 7.89 37.30
C GLY A 108 28.29 8.31 38.76
N LYS A 109 28.33 7.34 39.69
CA LYS A 109 28.34 7.62 41.12
C LYS A 109 29.74 8.09 41.44
N GLY A 110 29.89 9.37 41.80
CA GLY A 110 31.18 9.99 42.00
C GLY A 110 32.13 9.33 42.99
N THR A 111 33.39 9.14 42.58
CA THR A 111 34.47 8.60 43.39
C THR A 111 35.23 9.73 44.06
N ARG A 112 35.71 9.50 45.30
CA ARG A 112 36.45 10.49 46.06
C ARG A 112 37.94 10.41 45.80
N VAL A 113 38.59 11.58 45.79
CA VAL A 113 40.02 11.75 45.66
C VAL A 113 40.46 12.77 46.69
N THR A 114 41.51 12.49 47.46
CA THR A 114 42.02 13.40 48.48
C THR A 114 43.53 13.42 48.56
N VAL A 115 44.07 14.62 48.79
CA VAL A 115 45.48 14.92 48.86
C VAL A 115 45.83 15.71 50.13
N GLN B 1 -7.51 28.52 -17.08
CA GLN B 1 -8.23 29.41 -18.01
C GLN B 1 -7.26 30.04 -19.00
N VAL B 2 -7.65 30.17 -20.28
CA VAL B 2 -6.86 30.76 -21.34
C VAL B 2 -7.59 31.97 -21.91
N GLN B 3 -6.83 33.00 -22.33
CA GLN B 3 -7.36 34.22 -22.89
C GLN B 3 -6.65 34.58 -24.19
N LEU B 4 -7.39 35.08 -25.17
CA LEU B 4 -6.89 35.49 -26.47
C LEU B 4 -7.02 37.00 -26.67
N VAL B 5 -5.88 37.69 -26.68
CA VAL B 5 -5.77 39.12 -26.88
C VAL B 5 -5.63 39.37 -28.38
N GLU B 6 -6.74 39.80 -29.01
CA GLU B 6 -6.83 40.03 -30.43
C GLU B 6 -6.61 41.48 -30.85
N SER B 7 -5.91 41.73 -31.95
CA SER B 7 -5.61 43.06 -32.44
C SER B 7 -5.30 43.11 -33.93
N GLY B 8 -5.13 44.32 -34.48
CA GLY B 8 -4.78 44.56 -35.87
C GLY B 8 -5.93 44.91 -36.80
N GLY B 9 -7.17 45.00 -36.31
CA GLY B 9 -8.34 45.38 -37.10
C GLY B 9 -8.32 46.82 -37.58
N GLY B 10 -9.28 47.22 -38.41
CA GLY B 10 -9.38 48.58 -38.92
C GLY B 10 -10.05 48.72 -40.29
N SER B 11 -9.77 49.84 -40.96
CA SER B 11 -10.29 50.19 -42.26
C SER B 11 -9.16 50.40 -43.27
N VAL B 12 -9.26 49.79 -44.44
CA VAL B 12 -8.28 49.86 -45.51
C VAL B 12 -9.00 49.86 -46.86
N GLN B 13 -8.61 50.73 -47.78
CA GLN B 13 -9.22 50.82 -49.10
C GLN B 13 -8.97 49.57 -49.95
N PRO B 14 -9.78 49.30 -50.98
CA PRO B 14 -9.61 48.16 -51.85
C PRO B 14 -8.20 48.07 -52.44
N GLY B 15 -7.68 46.85 -52.54
CA GLY B 15 -6.35 46.56 -53.04
C GLY B 15 -5.25 46.64 -51.99
N GLY B 16 -5.53 47.17 -50.78
CA GLY B 16 -4.58 47.28 -49.70
C GLY B 16 -4.24 45.97 -49.01
N SER B 17 -3.48 46.07 -47.91
CA SER B 17 -3.04 44.98 -47.07
C SER B 17 -3.27 45.28 -45.59
N LEU B 18 -3.38 44.24 -44.76
CA LEU B 18 -3.62 44.33 -43.33
C LEU B 18 -3.10 43.08 -42.63
N ARG B 19 -2.85 43.13 -41.31
CA ARG B 19 -2.33 42.01 -40.56
C ARG B 19 -2.96 41.89 -39.18
N LEU B 20 -3.75 40.82 -38.97
CA LEU B 20 -4.38 40.55 -37.69
C LEU B 20 -3.45 39.73 -36.81
N SER B 21 -3.57 39.87 -35.49
CA SER B 21 -2.79 39.10 -34.53
C SER B 21 -3.66 38.68 -33.35
N CYS B 22 -3.33 37.52 -32.77
CA CYS B 22 -4.03 36.93 -31.66
C CYS B 22 -2.98 36.32 -30.74
N ALA B 23 -2.73 36.96 -29.60
CA ALA B 23 -1.76 36.55 -28.61
C ALA B 23 -2.44 35.81 -27.47
N ALA B 24 -1.87 34.70 -27.00
CA ALA B 24 -2.46 33.90 -25.95
C ALA B 24 -1.70 33.91 -24.63
N SER B 25 -2.43 33.80 -23.52
CA SER B 25 -1.88 33.71 -22.19
C SER B 25 -1.01 32.47 -22.04
N ALA B 26 -0.04 32.46 -21.11
CA ALA B 26 0.86 31.34 -20.92
C ALA B 26 0.20 29.99 -20.68
N SER B 27 -1.03 29.99 -20.17
CA SER B 27 -1.85 28.82 -19.90
C SER B 27 -2.28 28.04 -21.14
N GLY B 28 -2.04 28.52 -22.35
CA GLY B 28 -2.37 27.83 -23.59
C GLY B 28 -1.33 28.14 -24.66
N ARG B 29 -0.52 27.15 -25.03
CA ARG B 29 0.54 27.31 -26.01
C ARG B 29 0.01 27.08 -27.42
N LEU B 30 -0.09 28.13 -28.24
CA LEU B 30 -0.63 28.02 -29.58
C LEU B 30 0.10 27.01 -30.45
N SER B 31 1.42 26.88 -30.32
CA SER B 31 2.21 25.95 -31.10
C SER B 31 1.77 24.49 -30.94
N MET B 32 1.20 24.12 -29.80
CA MET B 32 0.73 22.79 -29.51
C MET B 32 -0.77 22.63 -29.71
N SER B 33 -1.49 23.69 -30.09
CA SER B 33 -2.92 23.64 -30.29
C SER B 33 -3.30 22.65 -31.38
N GLY B 34 -4.41 21.93 -31.17
CA GLY B 34 -4.90 20.94 -32.12
C GLY B 34 -5.48 21.59 -33.37
N ALA B 35 -6.13 22.75 -33.21
CA ALA B 35 -6.67 23.53 -34.30
C ALA B 35 -6.68 25.01 -33.91
N LEU B 36 -6.09 25.87 -34.74
CA LEU B 36 -6.00 27.31 -34.58
C LEU B 36 -6.62 27.98 -35.79
N GLY B 37 -7.15 29.20 -35.67
CA GLY B 37 -7.66 29.84 -36.87
C GLY B 37 -8.49 31.10 -36.68
N TRP B 38 -8.93 31.62 -37.82
CA TRP B 38 -9.73 32.82 -37.95
C TRP B 38 -11.05 32.48 -38.63
N TYR B 39 -12.14 33.03 -38.09
CA TYR B 39 -13.48 32.85 -38.61
C TYR B 39 -14.13 34.21 -38.84
N ARG B 40 -14.86 34.38 -39.94
CA ARG B 40 -15.49 35.63 -40.31
C ARG B 40 -17.01 35.57 -40.13
N GLN B 41 -17.60 36.65 -39.60
CA GLN B 41 -19.03 36.85 -39.58
C GLN B 41 -19.36 38.01 -40.52
N VAL B 42 -20.49 37.87 -41.21
CA VAL B 42 -21.05 38.83 -42.14
C VAL B 42 -22.54 38.89 -41.84
N GLN B 43 -23.20 40.03 -42.09
CA GLN B 43 -24.58 40.29 -41.78
C GLN B 43 -25.57 39.16 -42.09
N GLY B 44 -25.41 38.47 -43.22
CA GLY B 44 -26.29 37.39 -43.65
C GLY B 44 -25.87 35.96 -43.34
N LYS B 45 -24.81 35.71 -42.56
CA LYS B 45 -24.34 34.36 -42.29
C LYS B 45 -23.71 34.15 -40.92
N SER B 46 -23.56 32.87 -40.57
CA SER B 46 -22.86 32.40 -39.38
C SER B 46 -21.35 32.46 -39.62
N ARG B 47 -20.54 32.00 -38.68
CA ARG B 47 -19.09 31.99 -38.76
C ARG B 47 -18.55 31.14 -39.89
N GLU B 48 -17.95 31.79 -40.90
CA GLU B 48 -17.28 31.16 -42.01
C GLU B 48 -15.85 30.83 -41.62
N LEU B 49 -15.30 29.71 -42.10
CA LEU B 49 -13.91 29.33 -41.90
C LEU B 49 -13.08 30.23 -42.81
N VAL B 50 -12.08 30.96 -42.32
CA VAL B 50 -11.25 31.79 -43.16
C VAL B 50 -9.89 31.15 -43.41
N ALA B 51 -9.15 30.86 -42.34
CA ALA B 51 -7.84 30.26 -42.38
C ALA B 51 -7.55 29.55 -41.06
N THR B 52 -6.99 28.34 -41.07
CA THR B 52 -6.69 27.57 -39.88
C THR B 52 -5.46 26.70 -40.04
N ILE B 53 -4.95 26.16 -38.93
CA ILE B 53 -3.85 25.23 -38.85
C ILE B 53 -4.41 24.05 -38.06
N THR B 54 -4.99 23.07 -38.75
CA THR B 54 -5.73 21.96 -38.20
C THR B 54 -4.95 20.77 -37.64
N ASP B 55 -3.63 20.89 -37.71
CA ASP B 55 -2.66 19.99 -37.11
C ASP B 55 -1.41 20.84 -37.06
N ARG B 56 -0.45 20.53 -36.19
CA ARG B 56 0.73 21.35 -35.96
C ARG B 56 1.54 21.72 -37.19
N SER B 57 1.26 21.12 -38.36
CA SER B 57 1.91 21.38 -39.63
C SER B 57 1.00 21.45 -40.85
N SER B 58 -0.32 21.62 -40.72
CA SER B 58 -1.22 21.64 -41.86
C SER B 58 -2.13 22.87 -41.95
N THR B 59 -1.99 23.70 -42.98
CA THR B 59 -2.79 24.89 -43.18
C THR B 59 -4.02 24.63 -44.04
N ASN B 60 -5.12 25.33 -43.77
CA ASN B 60 -6.39 25.23 -44.47
C ASN B 60 -6.93 26.63 -44.74
N TYR B 61 -7.40 26.92 -45.96
CA TYR B 61 -7.93 28.22 -46.34
C TYR B 61 -9.24 28.14 -47.11
N ALA B 62 -10.07 29.17 -46.99
CA ALA B 62 -11.30 29.25 -47.77
C ALA B 62 -10.96 29.45 -49.25
N ASP B 63 -11.81 28.97 -50.15
CA ASP B 63 -11.60 29.05 -51.58
C ASP B 63 -11.36 30.47 -52.09
N SER B 64 -12.13 31.46 -51.63
CA SER B 64 -12.04 32.86 -51.99
C SER B 64 -10.85 33.60 -51.40
N VAL B 65 -10.08 32.93 -50.53
CA VAL B 65 -8.94 33.46 -49.81
C VAL B 65 -7.64 32.74 -50.17
N LYS B 66 -7.71 31.53 -50.71
CA LYS B 66 -6.56 30.73 -51.04
C LYS B 66 -5.57 31.49 -51.92
N GLY B 67 -4.31 31.53 -51.49
CA GLY B 67 -3.23 32.24 -52.15
C GLY B 67 -3.20 33.75 -51.92
N ARG B 68 -4.24 34.33 -51.32
CA ARG B 68 -4.38 35.75 -51.05
C ARG B 68 -4.01 36.13 -49.61
N PHE B 69 -4.39 35.31 -48.63
CA PHE B 69 -4.04 35.48 -47.23
C PHE B 69 -3.03 34.43 -46.80
N THR B 70 -2.47 34.53 -45.60
CA THR B 70 -1.51 33.58 -45.06
C THR B 70 -1.54 33.57 -43.54
N ILE B 71 -1.61 32.38 -42.93
CA ILE B 71 -1.61 32.20 -41.50
C ILE B 71 -0.26 31.69 -41.02
N SER B 72 0.22 32.18 -39.88
CA SER B 72 1.48 31.80 -39.28
C SER B 72 1.47 31.98 -37.77
N ILE B 73 2.42 31.35 -37.07
CA ILE B 73 2.54 31.41 -35.63
C ILE B 73 3.97 31.63 -35.17
N ASP B 74 4.12 32.17 -33.95
CA ASP B 74 5.38 32.43 -33.29
C ASP B 74 5.33 31.84 -31.89
N ASP B 75 6.06 30.75 -31.68
CA ASP B 75 6.10 30.05 -30.41
C ASP B 75 6.79 30.83 -29.30
N ALA B 76 7.68 31.78 -29.61
CA ALA B 76 8.36 32.57 -28.61
C ALA B 76 7.42 33.62 -28.03
N GLU B 77 6.65 34.28 -28.92
CA GLU B 77 5.68 35.28 -28.56
C GLU B 77 4.32 34.70 -28.21
N ASN B 78 4.12 33.39 -28.39
CA ASN B 78 2.88 32.67 -28.18
C ASN B 78 1.73 33.40 -28.85
N THR B 79 1.94 33.78 -30.12
CA THR B 79 1.02 34.58 -30.90
C THR B 79 0.90 34.06 -32.33
N MET B 80 -0.27 34.20 -32.93
CA MET B 80 -0.52 33.86 -34.32
C MET B 80 -0.97 35.09 -35.09
N TYR B 81 -0.64 35.11 -36.39
CA TYR B 81 -0.94 36.20 -37.30
C TYR B 81 -1.64 35.74 -38.56
N LEU B 82 -2.49 36.61 -39.11
CA LEU B 82 -3.16 36.41 -40.39
C LEU B 82 -2.76 37.57 -41.29
N GLN B 83 -1.82 37.33 -42.21
CA GLN B 83 -1.39 38.32 -43.16
C GLN B 83 -2.41 38.36 -44.29
N MET B 84 -2.97 39.54 -44.57
CA MET B 84 -3.95 39.75 -45.62
C MET B 84 -3.40 40.72 -46.65
N ASN B 85 -3.59 40.40 -47.93
CA ASN B 85 -3.13 41.18 -49.06
C ASN B 85 -4.23 41.23 -50.13
N SER B 86 -4.17 42.20 -51.04
CA SER B 86 -5.13 42.36 -52.12
C SER B 86 -6.56 42.32 -51.60
N LEU B 87 -6.85 43.11 -50.56
CA LEU B 87 -8.16 43.18 -49.93
C LEU B 87 -9.25 43.63 -50.88
N LYS B 88 -10.45 43.05 -50.75
CA LYS B 88 -11.63 43.31 -51.54
C LYS B 88 -12.78 43.77 -50.66
N PRO B 89 -13.79 44.50 -51.16
CA PRO B 89 -14.91 44.93 -50.36
C PRO B 89 -15.63 43.77 -49.68
N GLU B 90 -15.62 42.60 -50.33
CA GLU B 90 -16.20 41.35 -49.89
C GLU B 90 -15.58 40.81 -48.60
N ASP B 91 -14.35 41.19 -48.28
CA ASP B 91 -13.64 40.77 -47.08
C ASP B 91 -14.12 41.50 -45.83
N THR B 92 -15.01 42.49 -45.97
CA THR B 92 -15.55 43.25 -44.85
C THR B 92 -16.34 42.38 -43.89
N GLY B 93 -16.10 42.52 -42.59
CA GLY B 93 -16.80 41.76 -41.56
C GLY B 93 -16.08 41.73 -40.22
N VAL B 94 -16.55 40.88 -39.31
CA VAL B 94 -15.96 40.70 -38.00
C VAL B 94 -15.21 39.39 -37.97
N TYR B 95 -13.90 39.45 -37.73
CA TYR B 95 -12.99 38.32 -37.69
C TYR B 95 -12.78 37.90 -36.23
N TYR B 96 -12.87 36.61 -35.93
CA TYR B 96 -12.70 36.05 -34.60
C TYR B 96 -11.61 34.99 -34.57
N CYS B 97 -10.63 35.10 -33.67
CA CYS B 97 -9.64 34.05 -33.54
C CYS B 97 -10.17 32.95 -32.63
N ASN B 98 -9.76 31.71 -32.89
CA ASN B 98 -10.14 30.52 -32.16
C ASN B 98 -8.94 29.60 -31.99
N ALA B 99 -8.81 28.96 -30.82
CA ALA B 99 -7.75 28.00 -30.56
C ALA B 99 -8.35 26.92 -29.67
N ARG B 100 -8.05 25.64 -29.94
CA ARG B 100 -8.59 24.55 -29.15
C ARG B 100 -7.59 23.44 -28.94
N TRP B 101 -7.46 23.04 -27.67
CA TRP B 101 -6.54 22.02 -27.20
C TRP B 101 -7.31 20.83 -26.66
N ARG B 102 -7.37 19.74 -27.42
CA ARG B 102 -7.89 18.46 -26.97
C ARG B 102 -9.21 18.52 -26.21
N GLY B 103 -10.21 19.22 -26.74
CA GLY B 103 -11.51 19.36 -26.13
C GLY B 103 -11.74 20.66 -25.39
N MET B 104 -10.69 21.37 -24.96
CA MET B 104 -10.80 22.68 -24.35
C MET B 104 -10.80 23.68 -25.51
N ASN B 105 -11.76 24.62 -25.55
CA ASN B 105 -11.93 25.56 -26.64
C ASN B 105 -11.96 27.00 -26.18
N VAL B 106 -11.48 27.95 -26.98
CA VAL B 106 -11.41 29.35 -26.65
C VAL B 106 -11.63 30.26 -27.86
N TRP B 107 -12.40 31.33 -27.69
CA TRP B 107 -12.70 32.32 -28.71
C TRP B 107 -12.27 33.71 -28.28
N GLY B 108 -11.74 34.51 -29.21
CA GLY B 108 -11.35 35.88 -28.96
C GLY B 108 -12.50 36.84 -29.25
N LYS B 109 -12.46 38.06 -28.71
CA LYS B 109 -13.46 39.08 -28.96
C LYS B 109 -13.20 39.62 -30.37
N GLY B 110 -14.10 39.34 -31.31
CA GLY B 110 -13.92 39.66 -32.71
C GLY B 110 -13.58 41.11 -33.07
N THR B 111 -12.55 41.29 -33.90
CA THR B 111 -12.10 42.56 -34.42
C THR B 111 -12.71 42.82 -35.79
N ARG B 112 -13.10 44.07 -36.07
CA ARG B 112 -13.69 44.45 -37.34
C ARG B 112 -12.65 44.82 -38.39
N VAL B 113 -12.95 44.46 -39.63
CA VAL B 113 -12.16 44.74 -40.82
C VAL B 113 -13.14 45.26 -41.87
N THR B 114 -12.87 46.41 -42.48
CA THR B 114 -13.74 47.01 -43.46
C THR B 114 -12.96 47.56 -44.66
N VAL B 115 -13.54 47.36 -45.85
CA VAL B 115 -12.99 47.73 -47.13
C VAL B 115 -13.96 48.54 -47.98
N GLN C 1 -10.80 -30.15 -11.70
CA GLN C 1 -11.13 -31.57 -11.63
C GLN C 1 -10.37 -32.35 -12.70
N VAL C 2 -9.90 -33.56 -12.41
CA VAL C 2 -9.18 -34.42 -13.32
C VAL C 2 -9.96 -35.71 -13.54
N GLN C 3 -9.90 -36.28 -14.75
CA GLN C 3 -10.59 -37.50 -15.11
C GLN C 3 -9.65 -38.46 -15.82
N LEU C 4 -9.70 -39.74 -15.43
CA LEU C 4 -8.91 -40.82 -15.97
C LEU C 4 -9.78 -41.74 -16.82
N VAL C 5 -9.53 -41.75 -18.13
CA VAL C 5 -10.21 -42.55 -19.12
C VAL C 5 -9.42 -43.84 -19.32
N GLU C 6 -9.89 -44.91 -18.68
CA GLU C 6 -9.25 -46.21 -18.69
C GLU C 6 -9.74 -47.12 -19.82
N SER C 7 -8.84 -47.87 -20.45
CA SER C 7 -9.13 -48.75 -21.57
C SER C 7 -8.10 -49.87 -21.73
N GLY C 8 -8.34 -50.81 -22.65
CA GLY C 8 -7.47 -51.92 -22.97
C GLY C 8 -7.73 -53.24 -22.27
N GLY C 9 -8.80 -53.35 -21.47
CA GLY C 9 -9.17 -54.57 -20.78
C GLY C 9 -9.65 -55.68 -21.70
N GLY C 10 -10.02 -56.85 -21.15
CA GLY C 10 -10.51 -57.97 -21.94
C GLY C 10 -10.19 -59.35 -21.37
N SER C 11 -9.97 -60.32 -22.25
CA SER C 11 -9.66 -61.69 -21.89
C SER C 11 -8.83 -62.40 -22.94
N VAL C 12 -7.90 -63.25 -22.48
CA VAL C 12 -7.00 -64.05 -23.29
C VAL C 12 -6.60 -65.32 -22.55
N GLN C 13 -6.23 -66.37 -23.27
CA GLN C 13 -5.75 -67.63 -22.70
C GLN C 13 -4.37 -67.46 -22.09
N PRO C 14 -3.91 -68.37 -21.23
CA PRO C 14 -2.59 -68.31 -20.64
C PRO C 14 -1.47 -68.17 -21.68
N GLY C 15 -0.43 -67.42 -21.33
CA GLY C 15 0.69 -67.12 -22.21
C GLY C 15 0.47 -65.93 -23.13
N GLY C 16 -0.73 -65.35 -23.16
CA GLY C 16 -1.06 -64.20 -23.98
C GLY C 16 -0.45 -62.88 -23.52
N SER C 17 -0.88 -61.78 -24.14
CA SER C 17 -0.42 -60.44 -23.86
C SER C 17 -1.52 -59.39 -24.02
N LEU C 18 -1.50 -58.37 -23.16
CA LEU C 18 -2.43 -57.26 -23.13
C LEU C 18 -1.67 -55.95 -22.95
N ARG C 19 -2.36 -54.82 -23.19
CA ARG C 19 -1.82 -53.49 -23.02
C ARG C 19 -2.90 -52.55 -22.52
N LEU C 20 -2.93 -52.33 -21.20
CA LEU C 20 -3.87 -51.43 -20.57
C LEU C 20 -3.40 -49.99 -20.77
N SER C 21 -4.33 -49.04 -20.87
CA SER C 21 -4.02 -47.63 -21.03
C SER C 21 -4.94 -46.77 -20.17
N CYS C 22 -4.42 -45.66 -19.68
CA CYS C 22 -5.14 -44.72 -18.85
C CYS C 22 -4.76 -43.32 -19.32
N ALA C 23 -5.67 -42.64 -20.01
CA ALA C 23 -5.49 -41.31 -20.55
C ALA C 23 -6.11 -40.28 -19.60
N ALA C 24 -5.46 -39.14 -19.39
CA ALA C 24 -5.93 -38.13 -18.48
C ALA C 24 -6.29 -36.80 -19.14
N SER C 25 -7.27 -36.11 -18.57
CA SER C 25 -7.70 -34.80 -19.02
C SER C 25 -6.58 -33.78 -18.88
N ALA C 26 -6.60 -32.69 -19.64
CA ALA C 26 -5.56 -31.67 -19.61
C ALA C 26 -5.28 -31.07 -18.24
N SER C 27 -6.25 -31.11 -17.33
CA SER C 27 -6.15 -30.61 -15.98
C SER C 27 -5.20 -31.38 -15.07
N GLY C 28 -4.61 -32.49 -15.52
CA GLY C 28 -3.66 -33.27 -14.76
C GLY C 28 -2.64 -33.91 -15.69
N ARG C 29 -1.37 -33.47 -15.63
CA ARG C 29 -0.31 -33.96 -16.49
C ARG C 29 0.37 -35.16 -15.85
N LEU C 30 0.23 -36.36 -16.43
CA LEU C 30 0.78 -37.58 -15.87
C LEU C 30 2.29 -37.55 -15.67
N SER C 31 3.06 -36.98 -16.60
CA SER C 31 4.50 -36.94 -16.46
C SER C 31 5.00 -36.13 -15.27
N MET C 32 4.16 -35.26 -14.71
CA MET C 32 4.46 -34.46 -13.54
C MET C 32 3.84 -35.02 -12.26
N SER C 33 3.11 -36.13 -12.35
CA SER C 33 2.47 -36.76 -11.21
C SER C 33 3.50 -37.27 -10.21
N GLY C 34 3.19 -37.17 -8.91
CA GLY C 34 4.08 -37.63 -7.87
C GLY C 34 4.12 -39.15 -7.78
N ALA C 35 2.98 -39.80 -8.03
CA ALA C 35 2.86 -41.24 -8.04
C ALA C 35 1.74 -41.67 -8.98
N LEU C 36 2.06 -42.54 -9.95
CA LEU C 36 1.16 -43.09 -10.94
C LEU C 36 1.16 -44.60 -10.82
N GLY C 37 0.09 -45.31 -11.20
CA GLY C 37 0.16 -46.76 -11.20
C GLY C 37 -1.15 -47.50 -11.36
N TRP C 38 -1.03 -48.83 -11.33
CA TRP C 38 -2.10 -49.80 -11.48
C TRP C 38 -2.21 -50.64 -10.22
N TYR C 39 -3.46 -50.85 -9.77
CA TYR C 39 -3.76 -51.64 -8.59
C TYR C 39 -4.79 -52.69 -8.97
N ARG C 40 -4.64 -53.93 -8.45
CA ARG C 40 -5.52 -55.04 -8.75
C ARG C 40 -6.37 -55.44 -7.55
N GLN C 41 -7.65 -55.75 -7.79
CA GLN C 41 -8.55 -56.32 -6.81
C GLN C 41 -8.88 -57.74 -7.27
N VAL C 42 -9.04 -58.62 -6.28
CA VAL C 42 -9.42 -60.02 -6.43
C VAL C 42 -10.50 -60.30 -5.40
N GLN C 43 -11.29 -61.37 -5.60
CA GLN C 43 -12.40 -61.73 -4.76
C GLN C 43 -12.14 -61.72 -3.26
N GLY C 44 -10.96 -62.16 -2.82
CA GLY C 44 -10.57 -62.23 -1.43
C GLY C 44 -9.68 -61.12 -0.87
N LYS C 45 -9.40 -60.04 -1.60
CA LYS C 45 -8.50 -59.00 -1.13
C LYS C 45 -8.84 -57.58 -1.56
N SER C 46 -8.25 -56.63 -0.84
CA SER C 46 -8.28 -55.20 -1.15
C SER C 46 -7.32 -54.91 -2.30
N ARG C 47 -7.16 -53.65 -2.69
CA ARG C 47 -6.29 -53.22 -3.77
C ARG C 47 -4.83 -53.52 -3.53
N GLU C 48 -4.27 -54.43 -4.33
CA GLU C 48 -2.86 -54.79 -4.33
C GLU C 48 -2.12 -53.88 -5.30
N LEU C 49 -0.91 -53.43 -4.96
CA LEU C 49 -0.07 -52.67 -5.87
C LEU C 49 0.39 -53.59 -6.99
N VAL C 50 0.31 -53.19 -8.25
CA VAL C 50 0.78 -53.98 -9.38
C VAL C 50 2.03 -53.36 -9.98
N ALA C 51 1.97 -52.09 -10.36
CA ALA C 51 3.07 -51.36 -10.95
C ALA C 51 2.86 -49.85 -10.79
N THR C 52 3.89 -49.09 -10.39
CA THR C 52 3.81 -47.65 -10.21
C THR C 52 5.11 -46.94 -10.59
N ILE C 53 5.02 -45.63 -10.78
CA ILE C 53 6.12 -44.73 -11.03
C ILE C 53 6.04 -43.71 -9.90
N THR C 54 6.71 -43.97 -8.77
CA THR C 54 6.62 -43.21 -7.54
C THR C 54 7.42 -41.93 -7.42
N ASP C 55 8.13 -41.57 -8.49
CA ASP C 55 8.84 -40.32 -8.64
C ASP C 55 8.96 -40.19 -10.15
N ARG C 56 9.19 -38.99 -10.69
CA ARG C 56 9.18 -38.78 -12.12
C ARG C 56 10.12 -39.68 -12.92
N SER C 57 11.05 -40.39 -12.27
CA SER C 57 12.01 -41.30 -12.89
C SER C 57 12.23 -42.61 -12.16
N SER C 58 11.33 -43.10 -11.31
CA SER C 58 11.53 -44.33 -10.55
C SER C 58 10.35 -45.28 -10.62
N THR C 59 10.56 -46.59 -10.84
CA THR C 59 9.49 -47.58 -10.95
C THR C 59 9.44 -48.60 -9.82
N ASN C 60 8.30 -49.27 -9.69
CA ASN C 60 8.02 -50.31 -8.69
C ASN C 60 7.11 -51.37 -9.29
N TYR C 61 7.32 -52.64 -8.95
CA TYR C 61 6.51 -53.75 -9.43
C TYR C 61 6.25 -54.76 -8.32
N ALA C 62 5.09 -55.42 -8.36
CA ALA C 62 4.81 -56.49 -7.43
C ALA C 62 5.78 -57.65 -7.67
N ASP C 63 6.09 -58.43 -6.65
CA ASP C 63 7.04 -59.51 -6.75
C ASP C 63 6.69 -60.56 -7.81
N SER C 64 5.41 -60.90 -7.93
CA SER C 64 4.89 -61.86 -8.89
C SER C 64 4.74 -61.33 -10.31
N VAL C 65 5.12 -60.06 -10.53
CA VAL C 65 5.00 -59.33 -11.78
C VAL C 65 6.33 -58.82 -12.29
N LYS C 66 7.34 -58.66 -11.43
CA LYS C 66 8.64 -58.12 -11.79
C LYS C 66 9.24 -58.87 -12.97
N GLY C 67 9.66 -58.12 -13.99
CA GLY C 67 10.21 -58.63 -15.24
C GLY C 67 9.18 -59.15 -16.25
N ARG C 68 7.92 -59.35 -15.84
CA ARG C 68 6.84 -59.84 -16.67
C ARG C 68 5.99 -58.74 -17.27
N PHE C 69 5.67 -57.67 -16.51
CA PHE C 69 4.95 -56.51 -16.98
C PHE C 69 5.87 -55.31 -17.08
N THR C 70 5.41 -54.21 -17.66
CA THR C 70 6.16 -52.98 -17.80
C THR C 70 5.25 -51.77 -17.86
N ILE C 71 5.55 -50.73 -17.08
CA ILE C 71 4.80 -49.48 -17.05
C ILE C 71 5.59 -48.38 -17.76
N SER C 72 4.90 -47.54 -18.52
CA SER C 72 5.49 -46.44 -19.26
C SER C 72 4.48 -45.33 -19.51
N ILE C 73 4.93 -44.13 -19.86
CA ILE C 73 4.07 -43.00 -20.11
C ILE C 73 4.46 -42.21 -21.35
N ASP C 74 3.50 -41.45 -21.88
CA ASP C 74 3.62 -40.59 -23.04
C ASP C 74 3.13 -39.20 -22.68
N ASP C 75 4.06 -38.24 -22.58
CA ASP C 75 3.74 -36.87 -22.22
C ASP C 75 2.97 -36.10 -23.28
N ALA C 76 3.07 -36.49 -24.55
CA ALA C 76 2.37 -35.83 -25.64
C ALA C 76 0.89 -36.23 -25.64
N GLU C 77 0.62 -37.52 -25.43
CA GLU C 77 -0.72 -38.07 -25.35
C GLU C 77 -1.32 -37.99 -23.96
N ASN C 78 -0.55 -37.57 -22.95
CA ASN C 78 -0.94 -37.48 -21.56
C ASN C 78 -1.59 -38.80 -21.13
N THR C 79 -0.92 -39.90 -21.43
CA THR C 79 -1.42 -41.24 -21.21
C THR C 79 -0.34 -42.19 -20.69
N MET C 80 -0.72 -43.11 -19.79
CA MET C 80 0.18 -44.14 -19.30
C MET C 80 -0.32 -45.50 -19.76
N TYR C 81 0.61 -46.45 -19.93
CA TYR C 81 0.36 -47.79 -20.42
C TYR C 81 1.00 -48.85 -19.53
N LEU C 82 0.33 -50.00 -19.40
CA LEU C 82 0.84 -51.16 -18.69
C LEU C 82 0.89 -52.31 -19.68
N GLN C 83 2.09 -52.60 -20.18
CA GLN C 83 2.34 -53.69 -21.09
C GLN C 83 2.42 -54.98 -20.28
N MET C 84 1.52 -55.92 -20.56
CA MET C 84 1.44 -57.19 -19.85
C MET C 84 1.77 -58.33 -20.81
N ASN C 85 2.81 -59.12 -20.48
CA ASN C 85 3.26 -60.25 -21.26
C ASN C 85 3.20 -61.52 -20.42
N SER C 86 3.16 -62.69 -21.06
CA SER C 86 3.12 -63.98 -20.39
C SER C 86 2.06 -64.05 -19.29
N LEU C 87 0.82 -63.69 -19.60
CA LEU C 87 -0.26 -63.72 -18.63
C LEU C 87 -0.52 -65.12 -18.10
N LYS C 88 -0.94 -65.19 -16.83
CA LYS C 88 -1.23 -66.40 -16.09
C LYS C 88 -2.61 -66.32 -15.45
N PRO C 89 -3.27 -67.44 -15.12
CA PRO C 89 -4.60 -67.42 -14.53
C PRO C 89 -4.72 -66.54 -13.29
N GLU C 90 -3.67 -66.43 -12.48
CA GLU C 90 -3.60 -65.63 -11.28
C GLU C 90 -3.73 -64.13 -11.54
N ASP C 91 -3.47 -63.67 -12.77
CA ASP C 91 -3.59 -62.28 -13.16
C ASP C 91 -5.03 -61.84 -13.32
N THR C 92 -6.01 -62.74 -13.20
CA THR C 92 -7.41 -62.41 -13.31
C THR C 92 -7.87 -61.48 -12.19
N GLY C 93 -8.60 -60.42 -12.54
CA GLY C 93 -9.12 -59.46 -11.58
C GLY C 93 -9.53 -58.13 -12.20
N VAL C 94 -9.84 -57.16 -11.34
CA VAL C 94 -10.20 -55.81 -11.73
C VAL C 94 -9.01 -54.90 -11.48
N TYR C 95 -8.50 -54.28 -12.54
CA TYR C 95 -7.36 -53.38 -12.52
C TYR C 95 -7.87 -51.94 -12.47
N TYR C 96 -7.25 -51.08 -11.67
CA TYR C 96 -7.63 -49.69 -11.50
C TYR C 96 -6.42 -48.77 -11.64
N CYS C 97 -6.49 -47.76 -12.50
CA CYS C 97 -5.40 -46.79 -12.59
C CYS C 97 -5.59 -45.72 -11.53
N ASN C 98 -4.47 -45.17 -11.05
CA ASN C 98 -4.41 -44.13 -10.05
C ASN C 98 -3.30 -43.14 -10.38
N ALA C 99 -3.55 -41.85 -10.17
CA ALA C 99 -2.58 -40.79 -10.37
C ALA C 99 -2.80 -39.78 -9.26
N ARG C 100 -1.72 -39.28 -8.65
CA ARG C 100 -1.85 -38.31 -7.57
C ARG C 100 -0.78 -37.24 -7.62
N TRP C 101 -1.23 -35.99 -7.54
CA TRP C 101 -0.40 -34.81 -7.59
C TRP C 101 -0.45 -34.06 -6.27
N ARG C 102 0.61 -34.18 -5.46
CA ARG C 102 0.81 -33.39 -4.26
C ARG C 102 -0.41 -33.25 -3.35
N GLY C 103 -1.06 -34.36 -3.01
CA GLY C 103 -2.24 -34.38 -2.16
C GLY C 103 -3.56 -34.50 -2.90
N MET C 104 -3.63 -34.14 -4.18
CA MET C 104 -4.82 -34.34 -4.99
C MET C 104 -4.74 -35.73 -5.59
N ASN C 105 -5.71 -36.60 -5.29
CA ASN C 105 -5.74 -37.99 -5.72
C ASN C 105 -6.87 -38.27 -6.69
N VAL C 106 -6.69 -39.21 -7.63
CA VAL C 106 -7.68 -39.58 -8.62
C VAL C 106 -7.63 -41.07 -8.97
N TRP C 107 -8.78 -41.71 -9.10
CA TRP C 107 -8.93 -43.11 -9.47
C TRP C 107 -9.77 -43.28 -10.72
N GLY C 108 -9.39 -44.21 -11.59
CA GLY C 108 -10.16 -44.55 -12.78
C GLY C 108 -11.18 -45.64 -12.49
N LYS C 109 -12.22 -45.79 -13.31
CA LYS C 109 -13.21 -46.84 -13.16
C LYS C 109 -12.55 -48.11 -13.66
N GLY C 110 -12.33 -49.08 -12.76
CA GLY C 110 -11.58 -50.29 -13.05
C GLY C 110 -12.04 -51.13 -14.24
N THR C 111 -11.08 -51.58 -15.04
CA THR C 111 -11.26 -52.47 -16.18
C THR C 111 -10.97 -53.90 -15.79
N ARG C 112 -11.72 -54.87 -16.35
CA ARG C 112 -11.54 -56.27 -16.06
C ARG C 112 -10.55 -56.95 -17.00
N VAL C 113 -9.77 -57.87 -16.43
CA VAL C 113 -8.81 -58.70 -17.14
C VAL C 113 -9.00 -60.13 -16.63
N THR C 114 -9.11 -61.12 -17.51
CA THR C 114 -9.30 -62.50 -17.13
C THR C 114 -8.57 -63.47 -18.05
N VAL C 115 -8.08 -64.56 -17.44
CA VAL C 115 -7.29 -65.61 -18.06
C VAL C 115 -7.85 -66.99 -17.75
N ALA D 90 9.00 18.99 41.09
CA ALA D 90 10.32 18.35 41.05
C ALA D 90 10.26 16.82 41.14
N THR D 91 9.95 16.26 42.30
CA THR D 91 9.92 14.85 42.60
C THR D 91 9.24 13.94 41.57
N LEU D 92 8.17 14.39 40.93
CA LEU D 92 7.47 13.62 39.93
C LEU D 92 8.37 13.21 38.77
N ARG D 93 9.31 14.06 38.33
CA ARG D 93 10.22 13.71 37.27
C ARG D 93 11.12 12.55 37.69
N ALA D 94 11.50 12.43 38.96
CA ALA D 94 12.30 11.32 39.44
C ALA D 94 11.52 10.00 39.31
N HIS D 95 10.23 10.00 39.65
CA HIS D 95 9.39 8.83 39.50
C HIS D 95 9.23 8.47 38.03
N LEU D 96 9.02 9.46 37.15
CA LEU D 96 8.90 9.24 35.73
C LEU D 96 10.19 8.69 35.14
N ARG D 97 11.34 9.25 35.53
CA ARG D 97 12.65 8.80 35.10
C ARG D 97 12.89 7.36 35.51
N GLU D 98 12.42 6.95 36.70
CA GLU D 98 12.53 5.59 37.18
C GLU D 98 11.59 4.66 36.42
N ILE D 99 10.35 5.06 36.15
CA ILE D 99 9.40 4.28 35.39
C ILE D 99 9.84 4.12 33.94
N LYS D 100 10.54 5.11 33.38
CA LYS D 100 11.07 5.08 32.03
C LYS D 100 12.12 3.99 31.82
N VAL D 101 12.62 3.36 32.90
CA VAL D 101 13.54 2.24 32.85
C VAL D 101 12.80 0.94 32.52
N GLU D 102 11.50 0.83 32.82
CA GLU D 102 10.71 -0.35 32.55
C GLU D 102 10.52 -0.54 31.05
N ASN D 103 11.09 -1.63 30.52
CA ASN D 103 10.99 -2.01 29.12
C ASN D 103 9.86 -3.01 28.91
N ALA D 104 9.26 -2.98 27.72
CA ALA D 104 8.23 -3.92 27.32
C ALA D 104 8.79 -5.33 27.20
N ASP D 105 7.93 -6.35 27.30
CA ASP D 105 8.30 -7.75 27.18
C ASP D 105 8.48 -8.21 25.74
N ALA D 106 9.15 -7.39 24.94
CA ALA D 106 9.45 -7.63 23.54
C ALA D 106 10.56 -8.65 23.37
N GLN D 107 10.46 -9.47 22.32
CA GLN D 107 11.38 -10.55 22.00
C GLN D 107 11.77 -10.53 20.52
N PHE D 108 12.88 -11.18 20.19
CA PHE D 108 13.33 -11.32 18.82
C PHE D 108 12.76 -12.62 18.23
N TYR D 109 12.69 -12.72 16.90
CA TYR D 109 12.15 -13.89 16.23
C TYR D 109 13.00 -14.31 15.04
N VAL D 110 13.35 -15.59 14.94
CA VAL D 110 14.08 -16.14 13.82
C VAL D 110 13.04 -16.74 12.89
N CYS D 111 12.69 -16.06 11.81
CA CYS D 111 11.67 -16.51 10.88
C CYS D 111 12.28 -17.11 9.62
N PRO D 112 12.44 -18.44 9.53
CA PRO D 112 13.01 -19.09 8.36
C PRO D 112 12.07 -19.05 7.16
N PRO D 113 12.56 -19.17 5.93
CA PRO D 113 11.73 -19.12 4.75
C PRO D 113 10.83 -20.34 4.62
N PRO D 114 9.54 -20.18 4.36
CA PRO D 114 8.62 -21.30 4.17
C PRO D 114 9.00 -22.12 2.94
N THR D 115 8.76 -23.44 2.97
CA THR D 115 9.06 -24.36 1.90
C THR D 115 7.86 -24.70 1.02
N GLY D 116 6.65 -24.31 1.43
CA GLY D 116 5.43 -24.61 0.72
C GLY D 116 4.70 -25.85 1.24
N ALA D 117 5.09 -26.39 2.40
CA ALA D 117 4.41 -27.51 3.00
C ALA D 117 3.04 -27.11 3.53
N THR D 118 2.77 -25.81 3.71
CA THR D 118 1.51 -25.26 4.14
C THR D 118 1.25 -23.97 3.35
N VAL D 119 0.21 -23.96 2.52
CA VAL D 119 -0.19 -22.80 1.74
C VAL D 119 -1.61 -22.43 2.10
N VAL D 120 -1.90 -21.12 2.13
CA VAL D 120 -3.21 -20.59 2.45
C VAL D 120 -3.65 -19.56 1.42
N GLN D 121 -4.93 -19.58 1.09
CA GLN D 121 -5.53 -18.63 0.17
C GLN D 121 -6.21 -17.49 0.94
N PHE D 122 -6.62 -16.49 0.17
CA PHE D 122 -7.29 -15.28 0.63
C PHE D 122 -8.32 -14.88 -0.41
N GLU D 123 -9.34 -14.12 0.01
CA GLU D 123 -10.40 -13.71 -0.89
C GLU D 123 -9.98 -12.69 -1.94
N GLN D 124 -10.73 -12.69 -3.05
CA GLN D 124 -10.59 -11.80 -4.17
C GLN D 124 -11.83 -10.94 -4.29
N PRO D 125 -11.73 -9.63 -4.58
CA PRO D 125 -12.90 -8.79 -4.73
C PRO D 125 -13.77 -9.31 -5.86
N ARG D 126 -15.09 -9.19 -5.69
CA ARG D 126 -16.12 -9.71 -6.57
C ARG D 126 -17.04 -8.65 -7.14
N ARG D 127 -17.73 -8.93 -8.24
CA ARG D 127 -18.70 -8.02 -8.83
C ARG D 127 -19.88 -7.93 -7.88
N CYS D 128 -20.02 -6.77 -7.21
CA CYS D 128 -21.06 -6.53 -6.24
C CYS D 128 -22.43 -6.33 -6.89
N PRO D 129 -23.51 -6.98 -6.43
CA PRO D 129 -24.83 -6.84 -7.01
C PRO D 129 -25.48 -5.50 -6.69
N THR D 130 -26.40 -5.05 -7.53
CA THR D 130 -27.14 -3.82 -7.36
C THR D 130 -28.39 -4.05 -6.51
N ARG D 131 -28.85 -3.03 -5.78
CA ARG D 131 -29.98 -3.09 -4.87
C ARG D 131 -31.28 -3.65 -5.44
N PRO D 132 -31.64 -3.46 -6.71
CA PRO D 132 -32.84 -4.03 -7.28
C PRO D 132 -32.84 -5.56 -7.33
N GLU D 133 -31.68 -6.21 -7.26
CA GLU D 133 -31.55 -7.64 -7.29
C GLU D 133 -31.92 -8.32 -5.97
N GLY D 134 -32.38 -9.56 -6.09
CA GLY D 134 -32.77 -10.40 -4.97
C GLY D 134 -34.20 -10.18 -4.47
N GLN D 135 -34.77 -11.22 -3.87
CA GLN D 135 -36.11 -11.30 -3.33
C GLN D 135 -36.12 -12.11 -2.04
N ASN D 136 -37.24 -12.04 -1.29
CA ASN D 136 -37.42 -12.76 -0.04
C ASN D 136 -36.31 -12.50 0.97
N TYR D 137 -35.84 -11.26 1.07
CA TYR D 137 -34.81 -10.91 2.03
C TYR D 137 -35.31 -11.13 3.46
N THR D 138 -34.41 -11.64 4.31
CA THR D 138 -34.64 -11.87 5.72
C THR D 138 -33.32 -11.87 6.48
N GLU D 139 -33.38 -11.57 7.78
CA GLU D 139 -32.24 -11.62 8.68
C GLU D 139 -32.33 -12.87 9.53
N GLY D 140 -31.22 -13.33 10.10
CA GLY D 140 -31.17 -14.51 10.94
C GLY D 140 -29.79 -14.81 11.51
N ILE D 141 -29.72 -15.85 12.34
CA ILE D 141 -28.49 -16.33 12.95
C ILE D 141 -27.99 -17.50 12.12
N ALA D 142 -26.68 -17.64 11.94
CA ALA D 142 -26.10 -18.76 11.20
C ALA D 142 -24.88 -19.34 11.88
N VAL D 143 -24.57 -20.61 11.57
CA VAL D 143 -23.41 -21.31 12.06
C VAL D 143 -22.84 -22.07 10.87
N VAL D 144 -21.61 -21.72 10.47
CA VAL D 144 -20.94 -22.33 9.33
C VAL D 144 -19.98 -23.42 9.78
N PHE D 145 -20.13 -24.60 9.17
CA PHE D 145 -19.28 -25.75 9.39
C PHE D 145 -18.54 -26.07 8.09
N LYS D 146 -17.39 -26.72 8.20
CA LYS D 146 -16.59 -27.16 7.07
C LYS D 146 -16.09 -28.58 7.30
N GLU D 147 -15.66 -29.26 6.25
CA GLU D 147 -15.19 -30.62 6.34
C GLU D 147 -14.04 -30.75 7.33
N ASN D 148 -14.19 -31.64 8.31
CA ASN D 148 -13.18 -31.89 9.32
C ASN D 148 -12.11 -32.77 8.70
N ILE D 149 -10.93 -32.18 8.45
CA ILE D 149 -9.81 -32.87 7.84
C ILE D 149 -8.91 -33.56 8.85
N ALA D 150 -9.11 -33.29 10.14
CA ALA D 150 -8.42 -33.87 11.28
C ALA D 150 -6.92 -34.08 11.08
N PRO D 151 -6.11 -33.02 10.97
CA PRO D 151 -4.68 -33.14 10.76
C PRO D 151 -3.98 -33.97 11.84
N TYR D 152 -3.03 -34.80 11.43
CA TYR D 152 -2.22 -35.64 12.29
C TYR D 152 -0.75 -35.26 12.10
N LYS D 153 -0.19 -34.52 13.06
CA LYS D 153 1.19 -34.08 13.04
C LYS D 153 2.06 -35.05 13.83
N PHE D 154 3.23 -35.38 13.30
CA PHE D 154 4.19 -36.29 13.92
C PHE D 154 5.61 -35.88 13.54
N LYS D 155 6.63 -36.60 14.02
CA LYS D 155 8.02 -36.34 13.72
C LYS D 155 8.66 -37.50 12.98
N ALA D 156 9.42 -37.15 11.94
CA ALA D 156 10.10 -38.07 11.06
C ALA D 156 11.57 -37.70 10.95
N THR D 157 12.43 -38.71 10.74
CA THR D 157 13.87 -38.53 10.62
C THR D 157 14.30 -38.87 9.19
N MET D 158 15.03 -37.97 8.52
CA MET D 158 15.54 -38.19 7.18
C MET D 158 17.03 -38.53 7.23
N TYR D 159 17.51 -39.46 6.42
CA TYR D 159 18.91 -39.86 6.38
C TYR D 159 19.38 -39.88 4.94
N TYR D 160 20.47 -39.18 4.62
CA TYR D 160 21.02 -39.12 3.28
C TYR D 160 22.50 -38.79 3.25
N LYS D 161 23.14 -39.04 2.10
CA LYS D 161 24.54 -38.80 1.82
C LYS D 161 24.68 -37.77 0.71
N ASP D 162 25.52 -36.75 0.93
CA ASP D 162 25.91 -35.77 -0.06
C ASP D 162 27.23 -36.23 -0.67
N VAL D 163 27.39 -36.07 -1.99
CA VAL D 163 28.58 -36.45 -2.73
C VAL D 163 28.96 -35.30 -3.65
N THR D 164 30.26 -34.97 -3.72
CA THR D 164 30.79 -33.88 -4.51
C THR D 164 31.94 -34.26 -5.43
N VAL D 165 32.37 -35.53 -5.36
CA VAL D 165 33.47 -36.17 -6.06
C VAL D 165 34.81 -35.58 -5.65
N ILE D 180 32.70 -30.52 -7.39
CA ILE D 180 32.96 -30.78 -8.80
C ILE D 180 31.69 -31.33 -9.44
N PHE D 181 31.27 -32.55 -9.10
CA PHE D 181 30.04 -33.16 -9.58
C PHE D 181 29.17 -33.43 -8.36
N GLU D 182 28.10 -32.64 -8.20
CA GLU D 182 27.22 -32.69 -7.05
C GLU D 182 26.13 -33.74 -7.17
N ASP D 183 25.97 -34.59 -6.16
CA ASP D 183 24.97 -35.64 -6.08
C ASP D 183 24.48 -35.89 -4.67
N ARG D 184 23.32 -36.56 -4.55
CA ARG D 184 22.57 -36.86 -3.34
C ARG D 184 22.08 -38.30 -3.37
N ALA D 185 22.16 -39.04 -2.25
CA ALA D 185 21.75 -40.42 -2.19
C ALA D 185 21.16 -40.85 -0.86
N PRO D 186 20.24 -41.82 -0.82
CA PRO D 186 19.66 -42.31 0.42
C PRO D 186 20.57 -43.30 1.15
N VAL D 187 20.44 -43.35 2.48
CA VAL D 187 21.16 -44.30 3.30
C VAL D 187 20.39 -45.61 3.35
N PRO D 188 20.98 -46.79 3.14
CA PRO D 188 20.25 -48.05 3.20
C PRO D 188 19.88 -48.42 4.63
N PHE D 189 18.85 -49.27 4.81
CA PHE D 189 18.39 -49.67 6.12
C PHE D 189 19.46 -50.29 7.02
N GLU D 190 20.35 -51.10 6.45
CA GLU D 190 21.41 -51.76 7.18
C GLU D 190 22.34 -50.74 7.82
N GLU D 191 22.63 -49.64 7.14
CA GLU D 191 23.47 -48.59 7.67
C GLU D 191 22.73 -47.80 8.75
N VAL D 192 21.42 -47.57 8.59
CA VAL D 192 20.64 -46.87 9.60
C VAL D 192 20.54 -47.68 10.88
N ILE D 193 20.24 -48.98 10.79
CA ILE D 193 20.07 -49.81 11.97
C ILE D 193 21.38 -50.25 12.60
N ASP D 194 22.33 -50.77 11.80
CA ASP D 194 23.56 -51.34 12.31
C ASP D 194 24.71 -50.36 12.56
N LYS D 195 24.63 -49.11 12.09
CA LYS D 195 25.67 -48.12 12.29
C LYS D 195 25.17 -46.81 12.85
N ILE D 196 24.14 -46.18 12.27
CA ILE D 196 23.64 -44.92 12.79
C ILE D 196 22.96 -45.11 14.13
N ASN D 197 21.95 -45.98 14.26
CA ASN D 197 21.28 -46.17 15.54
C ASN D 197 22.14 -46.96 16.53
N ALA D 198 22.84 -48.00 16.09
CA ALA D 198 23.62 -48.83 16.99
C ALA D 198 24.87 -48.17 17.55
N LYS D 199 25.59 -47.39 16.74
CA LYS D 199 26.87 -46.81 17.11
C LYS D 199 26.99 -45.29 16.98
N GLY D 200 26.12 -44.62 16.23
CA GLY D 200 26.19 -43.19 16.00
C GLY D 200 27.23 -42.82 14.95
N VAL D 201 27.43 -43.65 13.94
CA VAL D 201 28.39 -43.47 12.87
C VAL D 201 27.85 -43.84 11.49
N CYS D 202 28.47 -43.34 10.42
CA CYS D 202 28.16 -43.65 9.04
C CYS D 202 29.39 -44.22 8.33
N ARG D 203 29.21 -44.94 7.23
CA ARG D 203 30.31 -45.43 6.43
C ARG D 203 30.79 -44.31 5.51
N SER D 204 32.10 -44.19 5.32
CA SER D 204 32.71 -43.23 4.42
C SER D 204 32.27 -43.42 2.98
N THR D 205 31.88 -44.64 2.59
CA THR D 205 31.39 -44.97 1.27
C THR D 205 29.99 -44.47 1.00
N ALA D 206 29.72 -44.11 -0.26
CA ALA D 206 28.43 -43.66 -0.72
C ALA D 206 28.21 -44.01 -2.19
N LYS D 207 27.19 -44.82 -2.49
CA LYS D 207 26.86 -45.18 -3.86
C LYS D 207 26.10 -44.04 -4.52
N TYR D 208 26.45 -43.73 -5.76
CA TYR D 208 25.86 -42.68 -6.57
C TYR D 208 25.83 -43.10 -8.03
N VAL D 209 25.30 -42.25 -8.92
CA VAL D 209 25.19 -42.54 -10.34
C VAL D 209 25.72 -41.39 -11.19
N ARG D 210 26.54 -41.73 -12.18
CA ARG D 210 27.13 -40.83 -13.16
C ARG D 210 27.07 -41.50 -14.52
N ASN D 211 26.59 -40.80 -15.55
CA ASN D 211 26.41 -41.31 -16.89
C ASN D 211 25.60 -42.60 -16.91
N ASN D 212 24.55 -42.65 -16.11
CA ASN D 212 23.64 -43.78 -15.90
C ASN D 212 24.26 -45.04 -15.32
N MET D 213 25.50 -45.00 -14.85
CA MET D 213 26.22 -46.10 -14.24
C MET D 213 26.46 -45.87 -12.75
N GLU D 214 26.39 -46.93 -11.94
CA GLU D 214 26.65 -46.85 -10.52
C GLU D 214 28.14 -46.73 -10.22
N THR D 215 28.47 -45.84 -9.28
CA THR D 215 29.81 -45.52 -8.82
C THR D 215 29.83 -45.37 -7.31
N THR D 216 30.98 -45.51 -6.66
CA THR D 216 31.13 -45.39 -5.22
C THR D 216 32.14 -44.31 -4.86
N ALA D 217 31.72 -43.32 -4.07
CA ALA D 217 32.54 -42.24 -3.58
C ALA D 217 33.08 -42.54 -2.20
N PHE D 218 34.14 -41.83 -1.79
CA PHE D 218 34.80 -41.97 -0.50
C PHE D 218 35.29 -40.62 0.01
N HIS D 219 35.41 -40.44 1.33
CA HIS D 219 35.96 -39.22 1.89
C HIS D 219 37.42 -39.10 1.50
N ARG D 220 37.77 -38.08 0.71
CA ARG D 220 39.11 -37.77 0.25
C ARG D 220 39.82 -38.97 -0.36
N ASP D 221 39.06 -39.82 -1.06
CA ASP D 221 39.49 -41.04 -1.71
C ASP D 221 40.13 -42.09 -0.82
N ASP D 222 39.94 -41.98 0.50
CA ASP D 222 40.41 -42.93 1.50
C ASP D 222 39.58 -44.20 1.52
N HIS D 223 40.01 -45.22 2.27
CA HIS D 223 39.31 -46.49 2.42
C HIS D 223 38.05 -46.37 3.27
N GLU D 224 37.14 -47.35 3.15
CA GLU D 224 35.92 -47.39 3.92
C GLU D 224 36.22 -47.39 5.41
N THR D 225 35.71 -46.39 6.12
CA THR D 225 35.93 -46.16 7.54
C THR D 225 34.68 -45.57 8.18
N ASP D 226 34.43 -45.86 9.46
CA ASP D 226 33.30 -45.33 10.20
C ASP D 226 33.56 -43.88 10.63
N MET D 227 32.53 -43.03 10.57
CA MET D 227 32.61 -41.63 10.91
C MET D 227 31.46 -41.20 11.80
N GLU D 228 31.75 -40.62 12.98
CA GLU D 228 30.75 -40.17 13.92
C GLU D 228 30.10 -38.84 13.52
N LEU D 229 28.79 -38.72 13.77
CA LEU D 229 28.02 -37.54 13.46
C LEU D 229 28.03 -36.54 14.62
N LYS D 230 28.14 -35.26 14.28
CA LYS D 230 28.19 -34.15 15.20
C LYS D 230 26.98 -33.25 15.00
N PRO D 231 26.36 -32.70 16.04
CA PRO D 231 25.20 -31.84 15.90
C PRO D 231 25.52 -30.57 15.12
N ALA D 232 24.59 -30.15 14.26
CA ALA D 232 24.74 -28.95 13.46
C ALA D 232 24.70 -27.70 14.31
N LYS D 233 25.48 -26.68 13.92
CA LYS D 233 25.61 -25.44 14.65
C LYS D 233 24.35 -24.56 14.62
N VAL D 234 23.85 -24.28 13.42
CA VAL D 234 22.71 -23.42 13.17
C VAL D 234 21.34 -24.01 13.49
N ALA D 235 21.25 -25.33 13.70
CA ALA D 235 20.00 -26.02 13.96
C ALA D 235 19.30 -25.57 15.24
N THR D 236 17.98 -25.39 15.13
CA THR D 236 17.08 -25.01 16.20
C THR D 236 16.92 -26.12 17.22
N ARG D 237 16.56 -25.79 18.47
CA ARG D 237 16.33 -26.76 19.52
C ARG D 237 15.31 -27.83 19.16
N THR D 238 14.30 -27.49 18.36
CA THR D 238 13.29 -28.43 17.91
C THR D 238 13.73 -29.21 16.69
N SER D 239 14.02 -28.55 15.57
CA SER D 239 14.46 -29.14 14.33
C SER D 239 15.93 -29.56 14.35
N ARG D 240 16.30 -30.45 15.27
CA ARG D 240 17.65 -30.95 15.46
C ARG D 240 18.19 -31.69 14.25
N GLY D 241 19.52 -31.70 14.10
CA GLY D 241 20.20 -32.35 13.00
C GLY D 241 21.67 -32.62 13.30
N TRP D 242 22.27 -33.56 12.56
CA TRP D 242 23.64 -34.00 12.71
C TRP D 242 24.29 -34.30 11.36
N HIS D 243 25.62 -34.22 11.29
CA HIS D 243 26.38 -34.51 10.09
C HIS D 243 27.81 -34.94 10.41
N THR D 244 28.48 -35.61 9.46
CA THR D 244 29.84 -36.07 9.66
C THR D 244 30.92 -35.01 9.45
N THR D 245 30.80 -34.10 8.50
CA THR D 245 31.81 -33.09 8.20
C THR D 245 31.46 -31.69 8.70
N ASP D 246 32.48 -30.82 8.75
CA ASP D 246 32.44 -29.43 9.14
C ASP D 246 31.83 -29.16 10.52
N THR D 263 34.52 -34.87 -2.10
CA THR D 263 34.18 -35.23 -0.72
C THR D 263 32.82 -35.90 -0.64
N VAL D 264 32.45 -36.37 0.55
CA VAL D 264 31.21 -37.05 0.90
C VAL D 264 30.78 -36.57 2.29
N ASN D 265 29.49 -36.54 2.61
CA ASN D 265 28.99 -36.16 3.91
C ASN D 265 27.68 -36.85 4.25
N CYS D 266 27.63 -37.56 5.39
CA CYS D 266 26.44 -38.22 5.90
C CYS D 266 25.65 -37.21 6.73
N ILE D 267 24.33 -37.12 6.51
CA ILE D 267 23.45 -36.18 7.18
C ILE D 267 22.23 -36.90 7.75
N VAL D 268 21.78 -36.47 8.93
CA VAL D 268 20.60 -36.98 9.62
C VAL D 268 19.84 -35.78 10.18
N GLU D 269 18.55 -35.64 9.87
CA GLU D 269 17.74 -34.52 10.33
C GLU D 269 16.37 -34.95 10.83
N GLU D 270 15.92 -34.37 11.94
CA GLU D 270 14.59 -34.63 12.49
C GLU D 270 13.68 -33.47 12.07
N VAL D 271 12.57 -33.77 11.38
CA VAL D 271 11.64 -32.81 10.84
C VAL D 271 10.18 -33.13 11.15
N ASP D 272 9.35 -32.09 11.15
CA ASP D 272 7.91 -32.23 11.32
C ASP D 272 7.30 -32.86 10.08
N ALA D 273 6.22 -33.62 10.25
CA ALA D 273 5.48 -34.25 9.17
C ALA D 273 3.99 -34.13 9.46
N ARG D 274 3.14 -34.04 8.43
CA ARG D 274 1.70 -33.90 8.59
C ARG D 274 0.94 -34.79 7.60
N SER D 275 -0.14 -35.42 8.07
CA SER D 275 -1.04 -36.24 7.29
C SER D 275 -2.47 -35.82 7.58
N VAL D 276 -3.35 -35.71 6.58
CA VAL D 276 -4.74 -35.31 6.78
C VAL D 276 -5.67 -36.37 6.21
N TYR D 277 -6.92 -36.42 6.67
CA TYR D 277 -7.89 -37.42 6.25
C TYR D 277 -7.94 -37.58 4.73
N PRO D 278 -7.97 -38.79 4.16
CA PRO D 278 -8.03 -40.11 4.76
C PRO D 278 -6.71 -40.72 5.20
N TYR D 279 -5.62 -39.94 5.31
CA TYR D 279 -4.31 -40.39 5.74
C TYR D 279 -3.60 -41.34 4.79
N ASP D 280 -3.70 -41.10 3.48
CA ASP D 280 -3.02 -41.89 2.47
C ASP D 280 -1.60 -41.44 2.20
N GLU D 281 -1.25 -40.19 2.51
CA GLU D 281 0.06 -39.61 2.33
C GLU D 281 0.44 -38.75 3.52
N PHE D 282 1.69 -38.27 3.53
CA PHE D 282 2.15 -37.28 4.47
C PHE D 282 3.15 -36.36 3.78
N VAL D 283 3.24 -35.12 4.26
CA VAL D 283 4.18 -34.13 3.75
C VAL D 283 5.21 -33.83 4.83
N LEU D 284 6.47 -33.61 4.44
CA LEU D 284 7.57 -33.30 5.32
C LEU D 284 7.77 -31.80 5.40
N ALA D 285 8.43 -31.28 6.44
CA ALA D 285 8.71 -29.87 6.56
C ALA D 285 9.53 -29.30 5.42
N THR D 286 10.15 -30.13 4.59
CA THR D 286 10.92 -29.76 3.41
C THR D 286 10.06 -29.43 2.21
N GLY D 287 8.74 -29.68 2.29
CA GLY D 287 7.78 -29.47 1.23
C GLY D 287 7.57 -30.71 0.36
N ASP D 288 8.28 -31.80 0.61
CA ASP D 288 8.18 -33.05 -0.14
C ASP D 288 7.12 -33.99 0.42
N PHE D 289 6.41 -34.68 -0.48
CA PHE D 289 5.39 -35.66 -0.16
C PHE D 289 5.95 -37.08 -0.14
N VAL D 290 5.28 -37.95 0.63
CA VAL D 290 5.56 -39.36 0.72
C VAL D 290 4.24 -40.06 0.49
N TYR D 291 4.10 -40.79 -0.61
CA TYR D 291 2.86 -41.43 -1.02
C TYR D 291 2.61 -42.78 -0.37
N MET D 292 2.62 -42.78 0.97
CA MET D 292 2.38 -43.93 1.81
C MET D 292 1.70 -43.48 3.10
N SER D 293 0.76 -44.27 3.65
CA SER D 293 0.07 -43.89 4.86
C SER D 293 0.96 -43.94 6.09
N PRO D 294 0.93 -42.96 7.01
CA PRO D 294 1.73 -43.02 8.22
C PRO D 294 1.42 -44.24 9.09
N PHE D 295 0.25 -44.84 8.92
CA PHE D 295 -0.24 -45.98 9.65
C PHE D 295 0.06 -47.32 8.98
N TYR D 296 0.67 -47.34 7.80
CA TYR D 296 1.03 -48.56 7.10
C TYR D 296 2.03 -49.38 7.90
N GLY D 297 1.99 -50.70 7.78
CA GLY D 297 2.88 -51.60 8.48
C GLY D 297 2.49 -53.06 8.27
N TYR D 298 3.33 -54.01 8.70
CA TYR D 298 3.07 -55.43 8.55
C TYR D 298 2.06 -55.95 9.56
N ARG D 299 1.73 -55.19 10.60
CA ARG D 299 0.74 -55.53 11.61
C ARG D 299 -0.62 -55.74 10.95
N GLU D 300 -1.44 -56.62 11.54
CA GLU D 300 -2.72 -57.03 11.00
C GLU D 300 -3.61 -55.91 10.45
N GLY D 301 -3.97 -54.92 11.27
CA GLY D 301 -4.81 -53.82 10.83
C GLY D 301 -4.14 -52.79 9.94
N SER D 302 -2.85 -52.91 9.65
CA SER D 302 -2.08 -51.94 8.88
C SER D 302 -1.66 -52.36 7.48
N HIS D 303 -1.57 -53.65 7.17
CA HIS D 303 -1.13 -54.08 5.86
C HIS D 303 -2.12 -53.76 4.74
N THR D 304 -3.29 -53.23 5.07
CA THR D 304 -4.34 -52.81 4.15
C THR D 304 -4.37 -51.31 3.90
N GLU D 305 -3.52 -50.52 4.57
CA GLU D 305 -3.42 -49.09 4.36
C GLU D 305 -2.81 -48.78 2.99
N HIS D 306 -2.79 -47.52 2.57
CA HIS D 306 -2.25 -47.14 1.28
C HIS D 306 -0.72 -47.08 1.23
N THR D 307 -0.16 -47.49 0.09
CA THR D 307 1.24 -47.42 -0.26
C THR D 307 1.42 -47.45 -1.77
N SER D 308 2.31 -46.60 -2.30
CA SER D 308 2.62 -46.55 -3.71
C SER D 308 3.93 -47.25 -4.06
N TYR D 309 4.74 -47.66 -3.08
CA TYR D 309 6.06 -48.22 -3.25
C TYR D 309 6.13 -49.74 -3.17
N ALA D 310 7.07 -50.36 -3.89
CA ALA D 310 7.29 -51.78 -3.82
C ALA D 310 7.72 -52.21 -2.43
N ALA D 311 7.42 -53.44 -2.01
CA ALA D 311 7.76 -53.96 -0.71
C ALA D 311 9.25 -53.87 -0.37
N ASP D 312 10.12 -53.91 -1.38
CA ASP D 312 11.56 -53.81 -1.23
C ASP D 312 12.04 -52.46 -0.74
N ARG D 313 11.21 -51.42 -0.87
CA ARG D 313 11.51 -50.06 -0.43
C ARG D 313 11.03 -49.75 0.98
N PHE D 314 10.39 -50.68 1.69
CA PHE D 314 9.89 -50.47 3.03
C PHE D 314 10.32 -51.56 3.99
N LYS D 315 10.57 -51.19 5.25
CA LYS D 315 10.98 -52.08 6.32
C LYS D 315 10.39 -51.60 7.64
N GLN D 316 9.87 -52.54 8.44
CA GLN D 316 9.32 -52.25 9.76
C GLN D 316 10.10 -53.07 10.79
N VAL D 317 10.54 -52.41 11.85
CA VAL D 317 11.32 -53.01 12.92
C VAL D 317 10.57 -52.96 14.24
N ASP D 318 10.07 -54.10 14.72
CA ASP D 318 9.42 -54.24 16.00
C ASP D 318 10.47 -54.36 17.09
N GLY D 319 10.19 -53.84 18.29
CA GLY D 319 11.14 -53.93 19.39
C GLY D 319 12.41 -53.11 19.17
N PHE D 320 12.30 -51.99 18.46
CA PHE D 320 13.39 -51.07 18.18
C PHE D 320 13.69 -50.20 19.39
N TYR D 321 14.96 -49.88 19.63
CA TYR D 321 15.41 -49.03 20.71
C TYR D 321 16.28 -47.91 20.16
N ALA D 322 15.77 -46.68 20.22
CA ALA D 322 16.45 -45.50 19.73
C ALA D 322 17.69 -45.16 20.54
N ARG D 323 18.57 -44.32 19.99
CA ARG D 323 19.79 -43.84 20.60
C ARG D 323 20.03 -42.42 20.13
N ASP D 324 20.01 -41.44 21.04
CA ASP D 324 20.17 -40.05 20.69
C ASP D 324 21.56 -39.73 20.15
N LEU D 325 21.64 -39.13 18.98
CA LEU D 325 22.91 -38.75 18.37
C LEU D 325 23.65 -37.66 19.14
N THR D 326 23.00 -37.03 20.12
CA THR D 326 23.59 -36.02 20.98
C THR D 326 24.07 -36.63 22.29
N THR D 327 23.17 -37.04 23.19
CA THR D 327 23.51 -37.59 24.49
C THR D 327 24.06 -39.01 24.48
N LYS D 328 23.95 -39.73 23.36
CA LYS D 328 24.37 -41.12 23.20
C LYS D 328 23.63 -42.09 24.12
N ALA D 329 22.56 -41.61 24.77
CA ALA D 329 21.71 -42.40 25.64
C ALA D 329 20.76 -43.27 24.82
N ARG D 330 20.70 -44.57 25.13
CA ARG D 330 19.81 -45.52 24.51
C ARG D 330 18.45 -45.50 25.20
N ALA D 331 17.38 -45.66 24.44
CA ALA D 331 16.01 -45.63 24.92
C ALA D 331 15.71 -46.71 25.97
N THR D 332 14.80 -46.38 26.89
CA THR D 332 14.38 -47.21 27.99
C THR D 332 13.24 -48.17 27.65
N SER D 333 12.50 -47.93 26.57
CA SER D 333 11.37 -48.75 26.15
C SER D 333 11.35 -49.00 24.65
N PRO D 334 10.87 -50.17 24.21
CA PRO D 334 10.81 -50.51 22.81
C PRO D 334 9.69 -49.79 22.06
N THR D 335 9.86 -49.63 20.76
CA THR D 335 8.92 -49.03 19.83
C THR D 335 8.94 -49.78 18.50
N THR D 336 7.98 -49.51 17.61
CA THR D 336 7.95 -50.09 16.28
C THR D 336 8.34 -48.97 15.32
N ARG D 337 9.47 -49.09 14.61
CA ARG D 337 9.93 -48.06 13.69
C ARG D 337 9.77 -48.48 12.24
N ASN D 338 9.14 -47.60 11.44
CA ASN D 338 8.96 -47.74 10.02
C ASN D 338 10.12 -47.03 9.31
N LEU D 339 10.64 -47.61 8.23
CA LEU D 339 11.69 -47.06 7.39
C LEU D 339 11.27 -47.20 5.93
N LEU D 340 11.53 -46.18 5.11
CA LEU D 340 11.18 -46.15 3.71
C LEU D 340 12.31 -45.55 2.89
N THR D 341 12.65 -46.10 1.72
CA THR D 341 13.70 -45.59 0.86
C THR D 341 13.17 -44.86 -0.36
N THR D 342 13.26 -43.53 -0.35
CA THR D 342 12.91 -42.68 -1.48
C THR D 342 14.19 -42.47 -2.28
N PRO D 343 14.18 -42.28 -3.60
CA PRO D 343 15.38 -42.08 -4.39
C PRO D 343 16.31 -40.95 -3.99
N LYS D 344 15.90 -40.04 -3.09
CA LYS D 344 16.70 -38.93 -2.61
C LYS D 344 17.14 -39.04 -1.15
N PHE D 345 16.45 -39.82 -0.32
CA PHE D 345 16.70 -39.97 1.10
C PHE D 345 15.88 -41.12 1.68
N THR D 346 16.26 -41.67 2.82
CA THR D 346 15.42 -42.63 3.52
C THR D 346 14.71 -41.87 4.64
N VAL D 347 13.44 -42.18 4.92
CA VAL D 347 12.64 -41.57 5.96
C VAL D 347 12.27 -42.64 6.97
N ALA D 348 12.25 -42.29 8.26
CA ALA D 348 11.81 -43.19 9.31
C ALA D 348 10.94 -42.45 10.31
N TRP D 349 9.98 -43.15 10.90
CA TRP D 349 9.05 -42.62 11.89
C TRP D 349 8.54 -43.74 12.78
N ASP D 350 8.08 -43.39 13.98
CA ASP D 350 7.55 -44.37 14.92
C ASP D 350 6.11 -44.68 14.55
N TRP D 351 5.80 -45.96 14.34
CA TRP D 351 4.46 -46.42 14.02
C TRP D 351 3.58 -46.48 15.26
N VAL D 352 2.32 -46.12 15.10
CA VAL D 352 1.27 -46.12 16.10
C VAL D 352 -0.04 -46.49 15.44
N PRO D 353 -0.96 -47.19 16.10
CA PRO D 353 -2.23 -47.55 15.49
C PRO D 353 -3.05 -46.31 15.16
N LYS D 354 -3.88 -46.40 14.11
CA LYS D 354 -4.70 -45.30 13.63
C LYS D 354 -5.62 -44.75 14.71
N ARG D 355 -5.75 -43.41 14.74
CA ARG D 355 -6.61 -42.69 15.66
C ARG D 355 -8.07 -43.02 15.40
N PRO D 356 -8.94 -43.09 16.42
CA PRO D 356 -10.35 -43.37 16.21
C PRO D 356 -11.03 -42.25 15.45
N ALA D 357 -12.15 -42.55 14.79
CA ALA D 357 -12.90 -41.59 13.99
C ALA D 357 -13.49 -40.45 14.80
N VAL D 358 -13.80 -39.34 14.11
CA VAL D 358 -14.36 -38.12 14.65
C VAL D 358 -15.42 -37.54 13.73
N CYS D 359 -16.16 -36.53 14.20
CA CYS D 359 -17.22 -35.87 13.45
C CYS D 359 -16.74 -35.39 12.09
N THR D 360 -17.54 -35.64 11.05
CA THR D 360 -17.22 -35.29 9.67
C THR D 360 -17.11 -33.81 9.38
N MET D 361 -17.76 -32.93 10.13
CA MET D 361 -17.68 -31.49 9.96
C MET D 361 -17.32 -30.83 11.29
N THR D 362 -16.66 -29.68 11.21
CA THR D 362 -16.25 -28.89 12.35
C THR D 362 -16.82 -27.48 12.27
N LYS D 363 -17.16 -26.90 13.43
CA LYS D 363 -17.74 -25.57 13.54
C LYS D 363 -16.66 -24.53 13.28
N TRP D 364 -16.74 -23.90 12.10
CA TRP D 364 -15.77 -22.92 11.64
C TRP D 364 -16.07 -21.49 12.08
N GLN D 365 -17.33 -21.05 11.95
CA GLN D 365 -17.75 -19.71 12.26
C GLN D 365 -19.16 -19.64 12.84
N GLU D 366 -19.35 -18.76 13.84
CA GLU D 366 -20.62 -18.46 14.47
C GLU D 366 -20.92 -17.01 14.11
N VAL D 367 -21.86 -16.74 13.19
CA VAL D 367 -22.16 -15.39 12.78
C VAL D 367 -23.27 -14.77 13.61
N ASP D 368 -22.97 -13.60 14.18
CA ASP D 368 -23.85 -12.83 15.04
C ASP D 368 -25.13 -12.38 14.34
N GLU D 369 -25.08 -12.17 13.02
CA GLU D 369 -26.19 -11.80 12.15
C GLU D 369 -25.85 -12.16 10.73
N MET D 370 -26.83 -12.61 9.94
CA MET D 370 -26.64 -13.04 8.57
C MET D 370 -27.91 -12.85 7.74
N LEU D 371 -27.80 -12.07 6.66
CA LEU D 371 -28.92 -11.84 5.76
C LEU D 371 -28.95 -12.96 4.71
N ARG D 372 -30.15 -13.42 4.37
CA ARG D 372 -30.42 -14.41 3.35
C ARG D 372 -31.39 -13.81 2.35
N ALA D 373 -31.15 -14.06 1.06
CA ALA D 373 -31.99 -13.58 -0.02
C ALA D 373 -31.97 -14.57 -1.18
N GLU D 374 -33.10 -14.73 -1.88
CA GLU D 374 -33.17 -15.56 -3.07
C GLU D 374 -32.72 -14.70 -4.24
N TYR D 375 -31.78 -15.20 -5.05
CA TYR D 375 -31.25 -14.51 -6.19
C TYR D 375 -30.84 -15.49 -7.28
N GLY D 376 -31.44 -15.37 -8.47
CA GLY D 376 -31.16 -16.24 -9.59
C GLY D 376 -31.52 -17.71 -9.39
N GLY D 377 -32.50 -18.02 -8.55
CA GLY D 377 -32.93 -19.38 -8.27
C GLY D 377 -32.09 -20.11 -7.23
N SER D 378 -31.33 -19.37 -6.41
CA SER D 378 -30.45 -19.88 -5.38
C SER D 378 -30.37 -18.89 -4.22
N PHE D 379 -30.19 -19.37 -2.99
CA PHE D 379 -30.01 -18.50 -1.85
C PHE D 379 -28.59 -17.93 -1.86
N ARG D 380 -28.44 -16.69 -1.41
CA ARG D 380 -27.18 -15.98 -1.25
C ARG D 380 -27.15 -15.40 0.16
N PHE D 381 -26.20 -15.86 0.97
CA PHE D 381 -26.00 -15.44 2.35
C PHE D 381 -24.88 -14.42 2.45
N SER D 382 -25.01 -13.42 3.32
CA SER D 382 -24.00 -12.41 3.55
C SER D 382 -24.11 -11.73 4.90
N SER D 383 -22.97 -11.33 5.46
CA SER D 383 -22.84 -10.63 6.73
C SER D 383 -21.70 -9.62 6.64
N ASP D 384 -21.59 -8.74 7.64
CA ASP D 384 -20.54 -7.73 7.71
C ASP D 384 -19.19 -8.33 8.07
N ALA D 385 -19.18 -9.27 9.03
CA ALA D 385 -17.99 -9.92 9.55
C ALA D 385 -17.32 -10.88 8.58
N ILE D 386 -18.10 -11.77 7.97
CA ILE D 386 -17.57 -12.76 7.05
C ILE D 386 -17.35 -12.10 5.68
N SER D 387 -16.10 -12.04 5.25
CA SER D 387 -15.72 -11.43 3.98
C SER D 387 -16.20 -12.22 2.76
N THR D 388 -16.59 -13.48 2.94
CA THR D 388 -17.13 -14.37 1.92
C THR D 388 -18.65 -14.35 1.92
N THR D 389 -19.26 -14.85 0.84
CA THR D 389 -20.69 -14.97 0.67
C THR D 389 -21.00 -16.37 0.16
N PHE D 390 -21.98 -17.04 0.75
CA PHE D 390 -22.30 -18.42 0.43
C PHE D 390 -23.51 -18.56 -0.50
N THR D 391 -23.33 -19.31 -1.58
CA THR D 391 -24.34 -19.63 -2.57
C THR D 391 -24.81 -21.06 -2.37
N THR D 392 -26.11 -21.31 -2.32
CA THR D 392 -26.69 -22.63 -2.11
C THR D 392 -28.07 -22.78 -2.74
N ASN D 393 -28.59 -24.00 -2.86
CA ASN D 393 -29.90 -24.28 -3.39
C ASN D 393 -31.01 -23.90 -2.42
N LEU D 394 -32.23 -23.74 -2.93
CA LEU D 394 -33.40 -23.37 -2.14
C LEU D 394 -33.99 -24.51 -1.31
N THR D 395 -33.43 -25.72 -1.41
CA THR D 395 -33.86 -26.91 -0.72
C THR D 395 -32.90 -27.27 0.41
N GLN D 396 -33.42 -27.49 1.62
CA GLN D 396 -32.63 -27.87 2.77
C GLN D 396 -32.03 -29.26 2.63
N TYR D 397 -30.85 -29.48 3.21
CA TYR D 397 -30.19 -30.77 3.21
C TYR D 397 -30.73 -31.66 4.33
N SER D 398 -30.90 -32.96 4.06
CA SER D 398 -31.43 -33.93 5.00
C SER D 398 -30.36 -34.44 5.95
N LEU D 399 -29.82 -33.53 6.76
CA LEU D 399 -28.75 -33.74 7.71
C LEU D 399 -28.99 -34.88 8.69
N SER D 400 -30.18 -34.96 9.29
CA SER D 400 -30.53 -35.95 10.29
C SER D 400 -30.36 -37.40 9.87
N ARG D 401 -30.42 -37.70 8.57
CA ARG D 401 -30.23 -39.04 8.03
C ARG D 401 -28.77 -39.50 8.06
N VAL D 402 -27.84 -38.55 8.09
CA VAL D 402 -26.41 -38.80 8.03
C VAL D 402 -25.69 -38.44 9.33
N ASP D 403 -26.18 -37.43 10.05
CA ASP D 403 -25.63 -36.96 11.31
C ASP D 403 -26.08 -37.80 12.50
N LEU D 404 -25.81 -39.10 12.43
CA LEU D 404 -26.13 -40.04 13.49
C LEU D 404 -25.31 -39.67 14.72
N GLY D 405 -25.97 -39.46 15.85
CA GLY D 405 -25.37 -39.01 17.09
C GLY D 405 -25.35 -37.50 17.28
N ASP D 406 -25.91 -36.74 16.34
CA ASP D 406 -26.00 -35.29 16.34
C ASP D 406 -24.69 -34.53 16.57
N CYS D 407 -23.63 -34.87 15.82
CA CYS D 407 -22.38 -34.15 15.89
C CYS D 407 -22.60 -32.69 15.50
N ILE D 408 -23.38 -32.47 14.44
CA ILE D 408 -23.67 -31.17 13.87
C ILE D 408 -24.92 -30.55 14.49
N GLY D 409 -25.99 -31.34 14.62
CA GLY D 409 -27.24 -30.90 15.19
C GLY D 409 -27.09 -30.29 16.58
N ARG D 410 -26.42 -30.97 17.50
CA ARG D 410 -26.22 -30.52 18.86
C ARG D 410 -25.49 -29.18 18.96
N ASP D 411 -24.39 -29.03 18.21
CA ASP D 411 -23.61 -27.81 18.19
C ASP D 411 -24.35 -26.66 17.52
N ALA D 412 -25.08 -26.91 16.42
CA ALA D 412 -25.86 -25.90 15.74
C ALA D 412 -26.93 -25.34 16.66
N ARG D 413 -27.68 -26.21 17.37
CA ARG D 413 -28.71 -25.79 18.29
C ARG D 413 -28.14 -25.01 19.47
N GLU D 414 -27.02 -25.46 20.05
CA GLU D 414 -26.38 -24.80 21.16
C GLU D 414 -25.89 -23.39 20.80
N ALA D 415 -25.19 -23.25 19.69
CA ALA D 415 -24.65 -21.99 19.23
C ALA D 415 -25.73 -20.98 18.85
N ILE D 416 -26.77 -21.41 18.14
CA ILE D 416 -27.86 -20.55 17.73
C ILE D 416 -28.59 -20.00 18.96
N ASP D 417 -28.90 -20.85 19.93
CA ASP D 417 -29.55 -20.41 21.16
C ASP D 417 -28.67 -19.48 21.97
N ARG D 418 -27.36 -19.75 22.06
CA ARG D 418 -26.42 -18.92 22.78
C ARG D 418 -26.33 -17.53 22.18
N MET D 419 -26.22 -17.40 20.86
CA MET D 419 -26.17 -16.13 20.17
C MET D 419 -27.48 -15.37 20.28
N PHE D 420 -28.62 -16.07 20.21
CA PHE D 420 -29.93 -15.45 20.35
C PHE D 420 -30.10 -14.86 21.74
N ALA D 421 -29.74 -15.63 22.78
CA ALA D 421 -29.81 -15.21 24.16
C ALA D 421 -28.92 -14.01 24.45
N ARG D 422 -27.71 -13.98 23.87
CA ARG D 422 -26.72 -12.93 24.03
C ARG D 422 -27.13 -11.58 23.45
N LYS D 423 -28.07 -11.52 22.51
CA LYS D 423 -28.49 -10.29 21.87
C LYS D 423 -29.97 -10.18 21.57
N TYR D 424 -30.44 -10.95 20.59
CA TYR D 424 -31.78 -10.91 20.04
C TYR D 424 -32.96 -11.13 20.98
N ASN D 425 -32.72 -11.80 22.11
CA ASN D 425 -33.72 -12.16 23.11
C ASN D 425 -34.72 -11.07 23.46
N ALA D 426 -34.28 -9.80 23.56
CA ALA D 426 -35.12 -8.68 23.93
C ALA D 426 -35.72 -7.88 22.79
N THR D 427 -35.39 -8.15 21.52
CA THR D 427 -35.82 -7.34 20.40
C THR D 427 -36.32 -8.08 19.17
N HIS D 428 -36.12 -9.41 19.08
CA HIS D 428 -36.52 -10.22 17.96
C HIS D 428 -37.19 -11.52 18.42
N ILE D 429 -37.81 -12.21 17.46
CA ILE D 429 -38.50 -13.48 17.62
C ILE D 429 -38.04 -14.45 16.54
N LYS D 430 -37.89 -15.72 16.90
CA LYS D 430 -37.48 -16.79 16.00
C LYS D 430 -38.62 -17.17 15.07
N VAL D 431 -38.36 -17.29 13.77
CA VAL D 431 -39.38 -17.66 12.80
C VAL D 431 -39.79 -19.12 12.95
N GLY D 432 -38.82 -20.02 13.14
CA GLY D 432 -39.05 -21.44 13.29
C GLY D 432 -37.79 -22.21 13.66
N GLN D 433 -37.79 -23.53 13.52
CA GLN D 433 -36.66 -24.38 13.84
C GLN D 433 -35.50 -24.20 12.87
N PRO D 434 -34.25 -24.43 13.29
CA PRO D 434 -33.09 -24.30 12.43
C PRO D 434 -33.17 -25.16 11.17
N GLN D 435 -32.58 -24.63 10.10
CA GLN D 435 -32.52 -25.19 8.76
C GLN D 435 -31.07 -25.50 8.39
N TYR D 436 -30.82 -26.33 7.37
CA TYR D 436 -29.48 -26.67 6.95
C TYR D 436 -29.32 -26.62 5.44
N TYR D 437 -28.21 -26.06 4.94
CA TYR D 437 -27.92 -25.89 3.53
C TYR D 437 -26.46 -26.18 3.21
N LEU D 438 -26.16 -26.69 2.01
CA LEU D 438 -24.81 -26.98 1.56
C LEU D 438 -24.41 -25.98 0.49
N ALA D 439 -23.27 -25.31 0.67
CA ALA D 439 -22.79 -24.30 -0.27
C ALA D 439 -21.56 -24.72 -1.05
N THR D 440 -21.24 -23.96 -2.10
CA THR D 440 -20.05 -24.17 -2.91
C THR D 440 -18.83 -24.20 -2.01
N GLY D 441 -17.85 -25.05 -2.33
CA GLY D 441 -16.70 -25.30 -1.48
C GLY D 441 -17.05 -26.38 -0.47
N GLY D 442 -16.31 -26.48 0.64
CA GLY D 442 -16.55 -27.49 1.65
C GLY D 442 -17.52 -27.11 2.76
N PHE D 443 -18.41 -26.13 2.57
CA PHE D 443 -19.25 -25.62 3.62
C PHE D 443 -20.69 -26.13 3.74
N LEU D 444 -21.16 -26.12 4.98
CA LEU D 444 -22.51 -26.41 5.43
C LEU D 444 -22.93 -25.23 6.30
N ILE D 445 -24.13 -24.69 6.09
CA ILE D 445 -24.66 -23.57 6.83
C ILE D 445 -25.94 -23.95 7.57
N ALA D 446 -25.92 -23.85 8.90
CA ALA D 446 -27.10 -23.98 9.72
C ALA D 446 -27.67 -22.57 9.79
N TYR D 447 -28.98 -22.37 9.70
CA TYR D 447 -29.58 -21.05 9.71
C TYR D 447 -30.92 -20.99 10.43
N GLN D 448 -31.17 -19.90 11.15
CA GLN D 448 -32.42 -19.63 11.84
C GLN D 448 -32.88 -18.21 11.53
N PRO D 449 -33.87 -18.01 10.65
CA PRO D 449 -34.36 -16.69 10.35
C PRO D 449 -35.07 -16.08 11.55
N LEU D 450 -34.95 -14.75 11.69
CA LEU D 450 -35.53 -13.94 12.73
C LEU D 450 -36.42 -12.83 12.18
N LEU D 451 -37.30 -12.33 13.04
CA LEU D 451 -38.16 -11.19 12.79
C LEU D 451 -38.00 -10.22 13.94
N SER D 452 -37.76 -8.94 13.66
CA SER D 452 -37.70 -7.94 14.70
C SER D 452 -39.12 -7.70 15.22
N ASN D 453 -39.27 -7.38 16.51
CA ASN D 453 -40.57 -7.14 17.10
C ASN D 453 -41.38 -6.12 16.31
N THR D 454 -40.77 -5.03 15.85
CA THR D 454 -41.44 -4.01 15.06
C THR D 454 -41.99 -4.52 13.73
N LEU D 455 -41.33 -5.50 13.12
CA LEU D 455 -41.76 -6.13 11.88
C LEU D 455 -42.81 -7.19 12.14
N ALA D 456 -42.70 -7.93 13.24
CA ALA D 456 -43.65 -8.95 13.63
C ALA D 456 -45.05 -8.35 13.76
N GLU D 457 -45.17 -7.15 14.33
CA GLU D 457 -46.42 -6.44 14.47
C GLU D 457 -47.11 -6.19 13.14
N LEU D 458 -46.37 -6.00 12.05
CA LEU D 458 -46.95 -5.79 10.74
C LEU D 458 -47.65 -7.06 10.27
N TYR D 459 -47.02 -8.22 10.46
CA TYR D 459 -47.60 -9.50 10.11
C TYR D 459 -48.84 -9.79 10.95
N VAL D 460 -48.83 -9.42 12.23
CA VAL D 460 -49.95 -9.58 13.14
C VAL D 460 -51.14 -8.77 12.68
N ARG D 461 -50.97 -7.46 12.42
CA ARG D 461 -52.05 -6.62 11.97
C ARG D 461 -52.59 -7.01 10.60
N GLU D 462 -51.73 -7.45 9.68
CA GLU D 462 -52.16 -7.90 8.36
C GLU D 462 -52.84 -9.27 8.39
N TYR D 463 -52.62 -10.06 9.43
CA TYR D 463 -53.30 -11.33 9.64
C TYR D 463 -54.72 -11.12 10.14
N MET D 464 -54.95 -10.06 10.91
CA MET D 464 -56.23 -9.65 11.46
C MET D 464 -57.12 -8.97 10.42
N ARG D 465 -57.46 -9.70 9.35
CA ARG D 465 -58.29 -9.29 8.24
C ARG D 465 -59.24 -10.42 7.84
N PHE D 500 -45.49 -17.68 13.51
CA PHE D 500 -46.25 -18.12 12.33
C PHE D 500 -45.39 -17.98 11.08
N ALA D 501 -44.54 -18.98 10.80
CA ALA D 501 -43.60 -18.96 9.70
C ALA D 501 -44.20 -18.85 8.30
N ARG D 502 -45.36 -19.47 8.06
CA ARG D 502 -46.04 -19.50 6.78
C ARG D 502 -46.38 -18.13 6.19
N LEU D 503 -46.54 -17.10 7.02
CA LEU D 503 -46.91 -15.76 6.59
C LEU D 503 -45.80 -14.96 5.90
N GLN D 504 -44.55 -15.18 6.28
CA GLN D 504 -43.38 -14.42 5.86
C GLN D 504 -43.37 -13.87 4.45
N PHE D 505 -43.14 -14.68 3.41
CA PHE D 505 -43.05 -14.18 2.05
C PHE D 505 -44.37 -14.09 1.29
N THR D 506 -45.51 -14.08 1.99
CA THR D 506 -46.82 -14.02 1.37
C THR D 506 -47.39 -12.61 1.26
N TYR D 507 -47.11 -11.73 2.22
CA TYR D 507 -47.58 -10.36 2.23
C TYR D 507 -46.69 -9.47 1.36
N ASN D 508 -46.97 -9.46 0.04
CA ASN D 508 -46.23 -8.71 -0.95
C ASN D 508 -46.00 -7.25 -0.58
N HIS D 509 -47.01 -6.59 0.01
CA HIS D 509 -46.97 -5.21 0.45
C HIS D 509 -45.99 -4.97 1.59
N ILE D 510 -45.80 -5.94 2.49
CA ILE D 510 -44.86 -5.88 3.58
C ILE D 510 -43.47 -6.24 3.07
N GLN D 511 -43.35 -7.31 2.28
CA GLN D 511 -42.08 -7.77 1.76
C GLN D 511 -41.42 -6.79 0.80
N ARG D 512 -42.18 -6.03 0.01
CA ARG D 512 -41.65 -5.02 -0.88
C ARG D 512 -40.83 -3.98 -0.14
N HIS D 513 -41.27 -3.61 1.07
CA HIS D 513 -40.55 -2.69 1.93
C HIS D 513 -39.28 -3.36 2.46
N VAL D 514 -39.38 -4.59 2.94
CA VAL D 514 -38.26 -5.34 3.50
C VAL D 514 -37.18 -5.65 2.48
N ASN D 515 -37.53 -6.01 1.24
CA ASN D 515 -36.58 -6.29 0.18
C ASN D 515 -35.68 -5.09 -0.08
N ASP D 516 -36.22 -3.87 -0.06
CA ASP D 516 -35.44 -2.67 -0.23
C ASP D 516 -34.67 -2.29 1.04
N MET D 517 -35.33 -2.36 2.20
CA MET D 517 -34.74 -2.02 3.48
C MET D 517 -33.53 -2.85 3.85
N LEU D 518 -33.55 -4.16 3.61
CA LEU D 518 -32.43 -5.04 3.85
C LEU D 518 -31.45 -5.03 2.68
N GLY D 519 -31.93 -4.91 1.45
CA GLY D 519 -31.07 -4.81 0.27
C GLY D 519 -30.09 -3.65 0.38
N ARG D 520 -30.52 -2.56 1.00
CA ARG D 520 -29.72 -1.39 1.29
C ARG D 520 -28.48 -1.77 2.09
N ILE D 521 -28.64 -2.58 3.12
CA ILE D 521 -27.58 -3.03 4.01
C ILE D 521 -26.67 -4.03 3.32
N ALA D 522 -27.24 -5.02 2.63
CA ALA D 522 -26.50 -6.04 1.92
C ALA D 522 -25.52 -5.44 0.90
N VAL D 523 -25.96 -4.47 0.12
CA VAL D 523 -25.13 -3.80 -0.86
C VAL D 523 -24.06 -2.95 -0.18
N ALA D 524 -24.39 -2.26 0.92
CA ALA D 524 -23.43 -1.46 1.64
C ALA D 524 -22.26 -2.29 2.17
N TRP D 525 -22.53 -3.44 2.77
CA TRP D 525 -21.52 -4.34 3.25
C TRP D 525 -20.64 -4.88 2.13
N CYS D 526 -21.27 -5.28 1.02
CA CYS D 526 -20.57 -5.82 -0.14
C CYS D 526 -19.60 -4.83 -0.75
N GLU D 527 -20.00 -3.56 -0.93
CA GLU D 527 -19.13 -2.53 -1.47
C GLU D 527 -17.97 -2.22 -0.54
N LEU D 528 -18.21 -2.24 0.78
CA LEU D 528 -17.20 -1.99 1.78
C LEU D 528 -16.17 -3.12 1.83
N GLN D 529 -16.59 -4.38 1.80
CA GLN D 529 -15.70 -5.52 1.82
C GLN D 529 -14.77 -5.51 0.61
N ASN D 530 -15.23 -5.13 -0.58
CA ASN D 530 -14.37 -5.03 -1.74
C ASN D 530 -13.28 -3.98 -1.55
N HIS D 531 -13.59 -2.87 -0.86
CA HIS D 531 -12.63 -1.82 -0.60
C HIS D 531 -11.55 -2.32 0.35
N GLU D 532 -11.93 -3.03 1.43
CA GLU D 532 -10.96 -3.59 2.37
C GLU D 532 -10.10 -4.66 1.73
N LEU D 533 -10.69 -5.58 0.96
CA LEU D 533 -9.95 -6.63 0.29
C LEU D 533 -8.95 -6.05 -0.69
N THR D 534 -9.32 -5.01 -1.43
CA THR D 534 -8.43 -4.40 -2.40
C THR D 534 -7.20 -3.82 -1.71
N LEU D 535 -7.35 -3.13 -0.59
CA LEU D 535 -6.23 -2.56 0.13
C LEU D 535 -5.37 -3.64 0.80
N TRP D 536 -5.99 -4.62 1.44
CA TRP D 536 -5.29 -5.68 2.13
C TRP D 536 -4.50 -6.56 1.17
N ASN D 537 -5.04 -6.87 -0.01
CA ASN D 537 -4.36 -7.67 -0.99
C ASN D 537 -3.15 -6.96 -1.61
N GLU D 538 -3.16 -5.63 -1.73
CA GLU D 538 -2.00 -4.93 -2.22
C GLU D 538 -0.91 -4.89 -1.14
N ALA D 539 -1.26 -4.67 0.12
CA ALA D 539 -0.30 -4.66 1.21
C ALA D 539 0.36 -6.01 1.39
N ARG D 540 -0.37 -7.10 1.20
CA ARG D 540 0.13 -8.47 1.30
C ARG D 540 1.34 -8.71 0.42
N LYS D 541 1.39 -8.12 -0.78
CA LYS D 541 2.51 -8.29 -1.69
C LYS D 541 3.76 -7.55 -1.22
N LEU D 542 3.59 -6.42 -0.52
CA LEU D 542 4.68 -5.60 -0.04
C LEU D 542 5.36 -6.20 1.19
N ASN D 543 4.58 -6.75 2.12
CA ASN D 543 5.09 -7.35 3.34
C ASN D 543 4.23 -8.53 3.78
N PRO D 544 4.44 -9.73 3.21
CA PRO D 544 3.66 -10.88 3.58
C PRO D 544 3.86 -11.30 5.03
N ASN D 545 5.02 -11.09 5.64
CA ASN D 545 5.23 -11.45 7.03
C ASN D 545 4.29 -10.68 7.95
N ALA D 546 4.15 -9.36 7.74
CA ALA D 546 3.29 -8.54 8.55
C ALA D 546 1.81 -8.84 8.32
N ILE D 547 1.37 -8.99 7.07
CA ILE D 547 -0.03 -9.27 6.78
C ILE D 547 -0.42 -10.65 7.28
N ALA D 548 0.43 -11.65 7.14
CA ALA D 548 0.15 -12.99 7.64
C ALA D 548 0.03 -12.96 9.16
N SER D 549 0.98 -12.31 9.84
CA SER D 549 0.97 -12.19 11.28
C SER D 549 -0.24 -11.42 11.80
N ALA D 550 -0.66 -10.36 11.11
CA ALA D 550 -1.82 -9.58 11.50
C ALA D 550 -3.12 -10.34 11.31
N THR D 551 -3.20 -11.17 10.26
CA THR D 551 -4.37 -11.98 9.95
C THR D 551 -4.56 -13.08 10.98
N VAL D 552 -3.46 -13.74 11.37
CA VAL D 552 -3.43 -14.86 12.30
C VAL D 552 -3.42 -14.44 13.76
N GLY D 553 -2.85 -13.28 14.10
CA GLY D 553 -2.75 -12.77 15.45
C GLY D 553 -1.54 -13.29 16.22
N ARG D 554 -0.55 -13.87 15.55
CA ARG D 554 0.69 -14.42 16.09
C ARG D 554 1.80 -14.25 15.07
N ARG D 555 3.08 -14.25 15.47
CA ARG D 555 4.17 -14.15 14.52
C ARG D 555 4.32 -15.41 13.68
N VAL D 556 4.35 -15.22 12.36
CA VAL D 556 4.55 -16.28 11.39
C VAL D 556 5.43 -15.77 10.26
N SER D 557 6.15 -16.67 9.61
CA SER D 557 6.98 -16.40 8.46
C SER D 557 6.13 -16.65 7.21
N ALA D 558 6.23 -15.84 6.16
CA ALA D 558 5.43 -16.03 4.96
C ALA D 558 6.13 -15.63 3.67
N ARG D 559 5.78 -16.30 2.58
CA ARG D 559 6.26 -16.10 1.23
C ARG D 559 5.08 -16.02 0.29
N MET D 560 5.19 -15.30 -0.83
CA MET D 560 4.06 -15.12 -1.72
C MET D 560 3.81 -16.22 -2.75
N LEU D 561 4.72 -17.17 -2.98
CA LEU D 561 4.57 -18.35 -3.80
C LEU D 561 3.60 -18.34 -4.98
N GLY D 562 3.56 -17.26 -5.77
CA GLY D 562 2.63 -17.09 -6.87
C GLY D 562 1.45 -16.24 -6.44
N ASP D 563 0.25 -16.81 -6.44
CA ASP D 563 -1.00 -16.19 -6.04
C ASP D 563 -1.60 -16.83 -4.80
N VAL D 564 -0.78 -17.54 -4.01
CA VAL D 564 -1.17 -18.22 -2.78
C VAL D 564 -0.05 -18.04 -1.77
N MET D 565 -0.35 -17.80 -0.49
CA MET D 565 0.66 -17.51 0.51
C MET D 565 1.17 -18.74 1.25
N ALA D 566 2.48 -19.00 1.26
CA ALA D 566 3.07 -20.09 2.01
C ALA D 566 3.44 -19.60 3.40
N VAL D 567 3.17 -20.36 4.47
CA VAL D 567 3.41 -19.95 5.83
C VAL D 567 4.13 -20.99 6.69
N SER D 568 4.79 -20.52 7.75
CA SER D 568 5.55 -21.32 8.69
C SER D 568 5.64 -20.64 10.05
N THR D 569 5.76 -21.40 11.15
CA THR D 569 5.96 -20.82 12.46
C THR D 569 7.35 -20.21 12.58
N CYS D 570 7.56 -19.28 13.50
CA CYS D 570 8.88 -18.74 13.77
C CYS D 570 9.28 -18.73 15.24
N VAL D 571 10.56 -19.01 15.46
CA VAL D 571 11.20 -19.24 16.74
C VAL D 571 11.49 -17.98 17.54
N PRO D 572 11.01 -17.84 18.79
CA PRO D 572 11.33 -16.70 19.61
C PRO D 572 12.72 -16.82 20.22
N VAL D 573 13.41 -15.69 20.40
CA VAL D 573 14.73 -15.56 20.98
C VAL D 573 14.69 -14.47 22.05
N ALA D 574 15.16 -14.77 23.26
CA ALA D 574 15.18 -13.82 24.36
C ALA D 574 16.09 -12.64 24.07
N PRO D 575 15.72 -11.41 24.43
CA PRO D 575 16.50 -10.22 24.12
C PRO D 575 17.91 -10.18 24.70
N ASP D 576 18.19 -10.87 25.80
CA ASP D 576 19.51 -10.90 26.39
C ASP D 576 20.48 -11.82 25.67
N ASN D 577 19.98 -12.66 24.76
CA ASN D 577 20.79 -13.56 23.95
C ASN D 577 21.19 -12.98 22.60
N VAL D 578 20.92 -11.69 22.34
CA VAL D 578 21.25 -11.00 21.11
C VAL D 578 22.26 -9.89 21.37
N ILE D 579 23.29 -9.81 20.53
CA ILE D 579 24.37 -8.84 20.56
C ILE D 579 24.45 -8.14 19.21
N VAL D 580 24.64 -6.83 19.18
CA VAL D 580 24.76 -6.04 17.96
C VAL D 580 26.21 -5.69 17.69
N GLN D 581 26.67 -5.87 16.44
CA GLN D 581 28.04 -5.61 16.06
C GLN D 581 28.31 -4.13 15.88
N ASN D 582 29.53 -3.69 16.19
CA ASN D 582 29.91 -2.28 16.16
C ASN D 582 29.96 -1.61 14.80
N SER D 583 30.02 -2.33 13.68
CA SER D 583 30.11 -1.72 12.36
C SER D 583 29.18 -2.35 11.32
N MET D 584 28.72 -1.50 10.39
CA MET D 584 27.85 -1.82 9.28
C MET D 584 28.57 -1.79 7.95
N ARG D 585 29.90 -1.62 7.89
CA ARG D 585 30.65 -1.62 6.66
C ARG D 585 31.11 -3.03 6.26
N VAL D 586 31.21 -3.29 4.95
CA VAL D 586 31.73 -4.55 4.45
C VAL D 586 33.24 -4.39 4.35
N SER D 587 34.01 -5.13 5.16
CA SER D 587 35.45 -5.02 5.23
C SER D 587 36.19 -5.32 3.93
N SER D 588 35.73 -6.31 3.15
CA SER D 588 36.34 -6.74 1.92
C SER D 588 35.97 -5.96 0.68
N ARG D 589 34.90 -5.16 0.71
CA ARG D 589 34.37 -4.39 -0.39
C ARG D 589 34.19 -2.94 0.04
N PRO D 590 35.25 -2.13 0.10
CA PRO D 590 35.21 -0.78 0.63
C PRO D 590 34.07 0.14 0.19
N GLY D 591 33.54 0.03 -1.03
CA GLY D 591 32.44 0.84 -1.48
C GLY D 591 31.06 0.38 -1.02
N THR D 592 30.94 -0.78 -0.36
CA THR D 592 29.70 -1.38 0.07
C THR D 592 29.56 -1.52 1.58
N CYS D 593 28.34 -1.32 2.05
CA CYS D 593 27.90 -1.35 3.44
C CYS D 593 26.62 -2.16 3.56
N TYR D 594 26.33 -2.71 4.75
CA TYR D 594 25.10 -3.42 5.02
C TYR D 594 23.98 -2.42 5.22
N SER D 595 22.75 -2.72 4.79
CA SER D 595 21.64 -1.79 4.94
C SER D 595 21.06 -1.77 6.35
N ARG D 596 21.19 -2.87 7.10
CA ARG D 596 20.73 -3.05 8.47
C ARG D 596 21.80 -3.68 9.33
N PRO D 597 21.80 -3.48 10.66
CA PRO D 597 22.84 -3.95 11.55
C PRO D 597 23.14 -5.44 11.54
N LEU D 598 24.41 -5.79 11.71
CA LEU D 598 24.83 -7.17 11.87
C LEU D 598 24.66 -7.55 13.33
N VAL D 599 24.32 -8.82 13.60
CA VAL D 599 24.11 -9.32 14.95
C VAL D 599 24.72 -10.70 15.16
N SER D 600 24.81 -11.08 16.43
CA SER D 600 25.26 -12.38 16.89
C SER D 600 24.29 -12.82 17.99
N PHE D 601 23.78 -14.04 17.93
CA PHE D 601 22.82 -14.50 18.91
C PHE D 601 22.88 -16.01 19.17
N ARG D 602 22.12 -16.49 20.15
CA ARG D 602 22.00 -17.89 20.48
C ARG D 602 20.57 -18.24 20.86
N TYR D 603 20.06 -19.41 20.47
CA TYR D 603 18.70 -19.78 20.78
C TYR D 603 18.49 -20.07 22.27
N GLU D 604 19.49 -20.66 22.92
CA GLU D 604 19.52 -21.01 24.33
C GLU D 604 20.75 -20.41 25.00
N ASP D 605 20.65 -20.10 26.29
CA ASP D 605 21.65 -19.42 27.09
C ASP D 605 23.08 -19.93 27.03
N GLN D 606 23.31 -21.21 26.69
CA GLN D 606 24.63 -21.80 26.58
C GLN D 606 24.99 -22.25 25.17
N GLY D 607 24.11 -22.02 24.19
CA GLY D 607 24.34 -22.40 22.80
C GLY D 607 25.43 -21.57 22.12
N PRO D 608 25.96 -22.05 20.99
CA PRO D 608 26.98 -21.35 20.24
C PRO D 608 26.43 -20.10 19.58
N LEU D 609 27.27 -19.08 19.37
CA LEU D 609 26.86 -17.84 18.76
C LEU D 609 26.74 -17.99 17.25
N ILE D 610 25.58 -17.58 16.72
CA ILE D 610 25.18 -17.62 15.33
C ILE D 610 25.25 -16.21 14.77
N GLU D 611 25.90 -16.03 13.62
CA GLU D 611 26.01 -14.75 12.95
C GLU D 611 24.79 -14.49 12.07
N GLY D 612 24.18 -13.31 12.18
CA GLY D 612 23.01 -12.95 11.39
C GLY D 612 22.93 -11.45 11.12
N GLN D 613 21.78 -11.00 10.63
CA GLN D 613 21.50 -9.61 10.34
C GLN D 613 20.12 -9.25 10.89
N LEU D 614 19.98 -8.02 11.40
CA LEU D 614 18.75 -7.52 11.97
C LEU D 614 17.73 -7.19 10.89
N GLY D 615 16.61 -7.92 10.86
CA GLY D 615 15.52 -7.68 9.93
C GLY D 615 14.58 -6.61 10.48
N GLU D 616 13.37 -6.53 9.92
CA GLU D 616 12.38 -5.57 10.37
C GLU D 616 11.62 -6.08 11.59
N ASN D 617 11.31 -5.18 12.53
CA ASN D 617 10.55 -5.46 13.73
C ASN D 617 11.03 -6.68 14.51
N ASN D 618 12.25 -6.62 15.06
CA ASN D 618 12.87 -7.66 15.85
C ASN D 618 13.10 -9.01 15.16
N GLU D 619 12.96 -9.10 13.84
CA GLU D 619 13.27 -10.33 13.13
C GLU D 619 14.78 -10.51 13.03
N LEU D 620 15.29 -11.73 13.16
CA LEU D 620 16.69 -12.07 13.02
C LEU D 620 16.85 -12.95 11.79
N ARG D 621 17.66 -12.51 10.81
CA ARG D 621 17.91 -13.23 9.58
C ARG D 621 19.26 -13.92 9.63
N LEU D 622 19.37 -15.15 9.12
CA LEU D 622 20.61 -15.89 9.12
C LEU D 622 21.59 -15.46 8.03
N THR D 623 21.10 -14.82 6.96
CA THR D 623 21.90 -14.38 5.83
C THR D 623 22.25 -12.91 5.88
N ARG D 624 23.54 -12.58 6.03
CA ARG D 624 24.04 -11.22 6.02
C ARG D 624 24.14 -10.75 4.58
N ASP D 625 23.00 -10.53 3.92
CA ASP D 625 22.93 -10.19 2.50
C ASP D 625 22.24 -8.89 2.11
N ALA D 626 21.69 -8.10 3.04
CA ALA D 626 21.10 -6.82 2.68
C ALA D 626 22.21 -5.78 2.61
N LEU D 627 22.53 -5.29 1.41
CA LEU D 627 23.61 -4.37 1.13
C LEU D 627 23.21 -3.09 0.41
N GLU D 628 24.10 -2.09 0.46
CA GLU D 628 23.98 -0.77 -0.12
C GLU D 628 25.35 -0.15 -0.40
N PRO D 629 25.45 0.82 -1.32
CA PRO D 629 26.67 1.58 -1.51
C PRO D 629 26.82 2.53 -0.33
N CYS D 630 28.03 2.71 0.20
CA CYS D 630 28.30 3.53 1.36
C CYS D 630 28.16 5.03 1.11
N THR D 631 26.93 5.55 1.15
CA THR D 631 26.62 6.96 1.01
C THR D 631 26.96 7.75 2.26
N VAL D 632 27.35 9.01 2.12
CA VAL D 632 27.74 9.93 3.18
C VAL D 632 26.57 10.55 3.92
N GLY D 633 26.75 10.90 5.19
CA GLY D 633 25.76 11.51 6.04
C GLY D 633 24.71 10.54 6.57
N HIS D 634 25.04 9.25 6.67
CA HIS D 634 24.16 8.19 7.13
C HIS D 634 23.85 8.28 8.61
N ARG D 635 22.58 8.27 8.97
CA ARG D 635 22.02 8.25 10.31
C ARG D 635 20.82 7.32 10.30
N ARG D 636 20.69 6.40 11.25
CA ARG D 636 19.59 5.46 11.29
C ARG D 636 19.24 5.01 12.70
N TYR D 637 17.95 4.78 12.96
CA TYR D 637 17.43 4.24 14.20
C TYR D 637 16.73 2.94 13.84
N PHE D 638 17.14 1.79 14.37
CA PHE D 638 16.52 0.51 14.08
C PHE D 638 15.80 -0.02 15.31
N ILE D 639 14.64 -0.67 15.15
CA ILE D 639 13.92 -1.25 16.26
C ILE D 639 14.75 -2.40 16.82
N PHE D 640 14.96 -2.44 18.13
CA PHE D 640 15.76 -3.47 18.76
C PHE D 640 15.37 -3.71 20.21
N GLY D 641 14.58 -4.76 20.46
CA GLY D 641 14.14 -5.20 21.77
C GLY D 641 13.38 -4.14 22.58
N GLY D 642 12.21 -3.72 22.10
CA GLY D 642 11.39 -2.72 22.76
C GLY D 642 11.88 -1.30 22.48
N GLY D 643 13.17 -1.02 22.66
CA GLY D 643 13.79 0.25 22.36
C GLY D 643 14.25 0.34 20.91
N TYR D 644 15.24 1.20 20.68
CA TYR D 644 15.88 1.43 19.40
C TYR D 644 17.39 1.35 19.54
N VAL D 645 18.11 1.24 18.41
CA VAL D 645 19.55 1.23 18.35
C VAL D 645 19.99 2.24 17.31
N TYR D 646 20.83 3.22 17.66
CA TYR D 646 21.26 4.29 16.78
C TYR D 646 22.63 4.07 16.16
N PHE D 647 22.68 4.16 14.83
CA PHE D 647 23.86 4.02 14.00
C PHE D 647 24.13 5.32 13.26
N GLU D 648 25.40 5.76 13.27
CA GLU D 648 25.83 6.97 12.61
C GLU D 648 27.07 6.67 11.79
N GLU D 649 27.04 6.99 10.49
CA GLU D 649 28.13 6.74 9.56
C GLU D 649 28.58 5.28 9.60
N TYR D 650 27.60 4.38 9.54
CA TYR D 650 27.75 2.94 9.58
C TYR D 650 28.43 2.40 10.83
N ALA D 651 28.42 3.12 11.95
CA ALA D 651 29.00 2.69 13.20
C ALA D 651 27.99 2.76 14.34
N TYR D 652 27.91 1.72 15.16
CA TYR D 652 27.01 1.64 16.30
C TYR D 652 27.40 2.67 17.34
N SER D 653 26.43 3.37 17.95
CA SER D 653 26.71 4.36 18.98
C SER D 653 26.01 4.11 20.30
N HIS D 654 24.69 3.91 20.37
CA HIS D 654 23.98 3.68 21.61
C HIS D 654 22.59 3.12 21.40
N GLN D 655 21.93 2.71 22.49
CA GLN D 655 20.56 2.24 22.52
C GLN D 655 19.67 3.25 23.23
N LEU D 656 18.46 3.45 22.70
CA LEU D 656 17.44 4.33 23.24
C LEU D 656 16.25 3.55 23.77
N SER D 657 15.58 4.06 24.79
CA SER D 657 14.32 3.49 25.23
C SER D 657 13.24 4.03 24.29
N ARG D 658 12.08 3.38 24.19
CA ARG D 658 11.02 3.87 23.34
C ARG D 658 10.49 5.23 23.79
N ALA D 659 10.73 5.62 25.04
CA ALA D 659 10.33 6.90 25.60
C ALA D 659 11.26 8.05 25.22
N ASP D 660 12.45 7.79 24.68
CA ASP D 660 13.39 8.82 24.27
C ASP D 660 13.09 9.44 22.92
N VAL D 661 12.10 8.94 22.18
CA VAL D 661 11.67 9.41 20.89
C VAL D 661 10.29 10.04 20.99
N THR D 662 10.06 11.15 20.28
CA THR D 662 8.80 11.86 20.32
C THR D 662 7.66 11.07 19.70
N THR D 663 6.46 11.10 20.29
CA THR D 663 5.28 10.46 19.76
C THR D 663 4.32 11.55 19.31
N VAL D 664 3.84 11.47 18.06
CA VAL D 664 2.96 12.45 17.47
C VAL D 664 1.48 12.11 17.61
N SER D 665 0.63 13.13 17.74
CA SER D 665 -0.81 12.99 17.81
C SER D 665 -1.57 14.13 17.15
N THR D 666 -1.06 15.37 17.18
CA THR D 666 -1.66 16.55 16.60
C THR D 666 -0.61 17.54 16.10
N PHE D 667 -1.00 18.51 15.28
CA PHE D 667 -0.09 19.55 14.83
C PHE D 667 0.40 20.42 15.98
N ILE D 668 -0.36 20.57 17.07
CA ILE D 668 0.05 21.37 18.21
C ILE D 668 1.29 20.76 18.84
N ASP D 669 1.36 19.44 18.95
CA ASP D 669 2.50 18.72 19.49
C ASP D 669 3.77 19.00 18.71
N LEU D 670 3.64 19.13 17.38
CA LEU D 670 4.76 19.35 16.49
C LEU D 670 5.11 20.82 16.25
N ASN D 671 4.16 21.75 16.19
CA ASN D 671 4.47 23.14 15.91
C ASN D 671 5.46 23.72 16.92
N ILE D 672 5.39 23.24 18.16
CA ILE D 672 6.27 23.62 19.25
C ILE D 672 7.60 22.90 19.23
N THR D 673 7.79 21.88 18.39
CA THR D 673 9.00 21.07 18.34
C THR D 673 9.73 21.13 17.00
N MET D 674 9.04 21.04 15.86
CA MET D 674 9.65 21.05 14.55
C MET D 674 10.43 22.31 14.25
N LEU D 675 11.41 22.17 13.36
CA LEU D 675 12.30 23.22 12.87
C LEU D 675 12.31 23.19 11.35
N GLU D 676 12.73 24.31 10.74
CA GLU D 676 12.92 24.37 9.31
C GLU D 676 14.33 23.85 9.06
N ASP D 677 14.45 22.54 8.85
CA ASP D 677 15.72 21.85 8.68
C ASP D 677 16.55 22.43 7.55
N HIS D 678 17.88 22.47 7.76
CA HIS D 678 18.83 23.07 6.85
C HIS D 678 20.04 22.16 6.66
N GLU D 679 20.14 21.45 5.54
CA GLU D 679 21.22 20.52 5.29
C GLU D 679 22.60 21.18 5.25
N PHE D 680 23.58 20.53 5.86
CA PHE D 680 24.94 21.01 6.00
C PHE D 680 25.94 20.53 4.96
N VAL D 681 25.57 19.55 4.14
CA VAL D 681 26.35 18.95 3.06
C VAL D 681 27.80 18.65 3.42
N PRO D 682 28.08 17.61 4.21
CA PRO D 682 29.42 17.24 4.60
C PRO D 682 30.36 16.95 3.43
N LEU D 683 31.65 17.22 3.64
CA LEU D 683 32.74 17.05 2.69
C LEU D 683 33.24 15.62 2.62
N ALA E 90 -19.86 -41.03 7.57
CA ALA E 90 -19.32 -41.54 6.31
C ALA E 90 -19.86 -40.83 5.08
N THR E 91 -21.10 -41.11 4.67
CA THR E 91 -21.75 -40.61 3.47
C THR E 91 -21.67 -39.10 3.25
N LEU E 92 -21.65 -38.28 4.30
CA LEU E 92 -21.56 -36.84 4.17
C LEU E 92 -20.33 -36.41 3.37
N ARG E 93 -19.18 -37.06 3.52
CA ARG E 93 -18.00 -36.71 2.75
C ARG E 93 -18.22 -36.88 1.25
N ALA E 94 -19.03 -37.85 0.83
CA ALA E 94 -19.34 -38.04 -0.57
C ALA E 94 -20.08 -36.82 -1.12
N HIS E 95 -21.00 -36.24 -0.36
CA HIS E 95 -21.71 -35.04 -0.74
C HIS E 95 -20.76 -33.85 -0.82
N LEU E 96 -19.85 -33.68 0.15
CA LEU E 96 -18.89 -32.60 0.09
C LEU E 96 -17.97 -32.78 -1.11
N ARG E 97 -17.48 -33.98 -1.38
CA ARG E 97 -16.63 -34.31 -2.51
C ARG E 97 -17.32 -33.98 -3.82
N GLU E 98 -18.63 -34.25 -3.91
CA GLU E 98 -19.46 -33.96 -5.06
C GLU E 98 -19.63 -32.47 -5.27
N ILE E 99 -19.99 -31.73 -4.21
CA ILE E 99 -20.19 -30.29 -4.25
C ILE E 99 -18.90 -29.54 -4.50
N LYS E 100 -17.74 -30.06 -4.08
CA LYS E 100 -16.43 -29.47 -4.30
C LYS E 100 -16.05 -29.33 -5.77
N VAL E 101 -16.73 -30.02 -6.68
CA VAL E 101 -16.55 -29.93 -8.11
C VAL E 101 -17.27 -28.72 -8.70
N GLU E 102 -18.30 -28.20 -8.01
CA GLU E 102 -19.12 -27.08 -8.43
C GLU E 102 -18.48 -25.73 -8.18
N ASN E 103 -17.41 -25.45 -8.95
CA ASN E 103 -16.68 -24.20 -8.93
C ASN E 103 -17.51 -23.06 -9.50
N ALA E 104 -17.21 -21.82 -9.10
CA ALA E 104 -17.91 -20.64 -9.53
C ALA E 104 -17.81 -20.35 -11.02
N ASP E 105 -18.72 -19.51 -11.52
CA ASP E 105 -18.82 -19.08 -12.91
C ASP E 105 -17.85 -17.96 -13.26
N ALA E 106 -16.56 -18.17 -12.95
CA ALA E 106 -15.48 -17.23 -13.21
C ALA E 106 -15.09 -17.21 -14.68
N GLN E 107 -14.59 -16.05 -15.15
CA GLN E 107 -14.21 -15.82 -16.53
C GLN E 107 -12.88 -15.10 -16.65
N PHE E 108 -12.26 -15.18 -17.83
CA PHE E 108 -11.02 -14.50 -18.14
C PHE E 108 -11.33 -13.17 -18.81
N TYR E 109 -10.39 -12.22 -18.78
CA TYR E 109 -10.57 -10.91 -19.37
C TYR E 109 -9.35 -10.42 -20.13
N VAL E 110 -9.54 -9.95 -21.37
CA VAL E 110 -8.48 -9.33 -22.14
C VAL E 110 -8.62 -7.83 -21.89
N CYS E 111 -7.65 -7.24 -21.19
CA CYS E 111 -7.66 -5.83 -20.85
C CYS E 111 -6.62 -5.08 -21.67
N PRO E 112 -6.96 -4.50 -22.82
CA PRO E 112 -6.02 -3.76 -23.64
C PRO E 112 -5.58 -2.47 -22.95
N PRO E 113 -4.41 -1.92 -23.25
CA PRO E 113 -3.90 -0.71 -22.63
C PRO E 113 -4.70 0.51 -23.04
N PRO E 114 -5.13 1.37 -22.11
CA PRO E 114 -5.86 2.58 -22.40
C PRO E 114 -5.03 3.57 -23.21
N THR E 115 -5.64 4.30 -24.15
CA THR E 115 -4.99 5.26 -25.00
C THR E 115 -5.11 6.71 -24.52
N GLY E 116 -5.95 6.98 -23.51
CA GLY E 116 -6.18 8.32 -23.00
C GLY E 116 -7.40 9.00 -23.60
N ALA E 117 -8.25 8.27 -24.33
CA ALA E 117 -9.47 8.83 -24.87
C ALA E 117 -10.51 9.10 -23.78
N THR E 118 -10.36 8.47 -22.61
CA THR E 118 -11.19 8.66 -21.44
C THR E 118 -10.28 8.69 -20.22
N VAL E 119 -10.18 9.85 -19.55
CA VAL E 119 -9.37 10.01 -18.37
C VAL E 119 -10.27 10.47 -17.23
N VAL E 120 -10.00 9.99 -16.01
CA VAL E 120 -10.77 10.31 -14.82
C VAL E 120 -9.86 10.71 -13.68
N GLN E 121 -10.35 11.63 -12.84
CA GLN E 121 -9.65 12.08 -11.66
C GLN E 121 -10.23 11.47 -10.39
N PHE E 122 -9.51 11.67 -9.30
CA PHE E 122 -9.82 11.21 -7.96
C PHE E 122 -9.55 12.32 -6.96
N GLU E 123 -10.16 12.22 -5.77
CA GLU E 123 -9.99 13.23 -4.74
C GLU E 123 -8.59 13.28 -4.15
N GLN E 124 -8.23 14.47 -3.67
CA GLN E 124 -6.95 14.77 -3.06
C GLN E 124 -7.16 15.17 -1.60
N PRO E 125 -6.34 14.72 -0.64
CA PRO E 125 -6.48 15.07 0.75
C PRO E 125 -6.43 16.57 0.99
N ARG E 126 -7.09 17.06 2.05
CA ARG E 126 -7.20 18.46 2.38
C ARG E 126 -7.02 18.80 3.85
N ARG E 127 -6.47 19.98 4.15
CA ARG E 127 -6.31 20.49 5.50
C ARG E 127 -7.62 21.15 5.91
N CYS E 128 -8.53 20.37 6.49
CA CYS E 128 -9.84 20.85 6.92
C CYS E 128 -9.79 21.63 8.22
N PRO E 129 -10.76 22.51 8.46
CA PRO E 129 -10.82 23.34 9.65
C PRO E 129 -11.05 22.55 10.93
N THR E 130 -10.61 23.12 12.05
CA THR E 130 -10.74 22.60 13.40
C THR E 130 -12.10 22.94 13.98
N ARG E 131 -12.53 22.22 15.03
CA ARG E 131 -13.83 22.37 15.67
C ARG E 131 -14.26 23.77 16.07
N PRO E 132 -13.39 24.69 16.49
CA PRO E 132 -13.78 26.04 16.82
C PRO E 132 -14.29 26.86 15.63
N GLU E 133 -13.98 26.45 14.40
CA GLU E 133 -14.37 27.12 13.18
C GLU E 133 -15.80 26.84 12.74
N GLY E 134 -16.35 27.73 11.92
CA GLY E 134 -17.69 27.65 11.39
C GLY E 134 -18.76 28.13 12.37
N GLN E 135 -19.89 28.57 11.81
CA GLN E 135 -21.04 29.11 12.51
C GLN E 135 -22.34 28.62 11.88
N ASN E 136 -23.46 28.79 12.59
CA ASN E 136 -24.78 28.41 12.12
C ASN E 136 -24.86 26.98 11.58
N TYR E 137 -24.25 26.01 12.28
CA TYR E 137 -24.30 24.62 11.88
C TYR E 137 -25.74 24.10 11.90
N THR E 138 -26.07 23.28 10.91
CA THR E 138 -27.36 22.63 10.75
C THR E 138 -27.19 21.35 9.94
N GLU E 139 -28.21 20.48 9.96
CA GLU E 139 -28.24 19.22 9.26
C GLU E 139 -29.45 19.16 8.32
N GLY E 140 -29.33 18.48 7.18
CA GLY E 140 -30.42 18.37 6.22
C GLY E 140 -30.19 17.33 5.14
N ILE E 141 -31.16 17.23 4.22
CA ILE E 141 -31.12 16.35 3.07
C ILE E 141 -30.58 17.16 1.91
N ALA E 142 -29.76 16.56 1.04
CA ALA E 142 -29.22 17.22 -0.12
C ALA E 142 -29.30 16.36 -1.38
N VAL E 143 -29.45 17.00 -2.55
CA VAL E 143 -29.45 16.35 -3.84
C VAL E 143 -28.51 17.14 -4.73
N VAL E 144 -27.42 16.51 -5.16
CA VAL E 144 -26.39 17.13 -5.96
C VAL E 144 -26.59 16.80 -7.44
N PHE E 145 -26.57 17.85 -8.27
CA PHE E 145 -26.67 17.79 -9.71
C PHE E 145 -25.39 18.34 -10.33
N LYS E 146 -25.08 17.91 -11.54
CA LYS E 146 -23.94 18.37 -12.32
C LYS E 146 -24.34 18.60 -13.77
N GLU E 147 -23.52 19.35 -14.51
CA GLU E 147 -23.80 19.67 -15.90
C GLU E 147 -23.99 18.43 -16.75
N ASN E 148 -25.15 18.33 -17.40
CA ASN E 148 -25.47 17.22 -18.29
C ASN E 148 -24.72 17.44 -19.60
N ILE E 149 -23.68 16.63 -19.82
CA ILE E 149 -22.84 16.71 -21.00
C ILE E 149 -23.36 15.86 -22.16
N ALA E 150 -24.33 14.98 -21.89
CA ALA E 150 -25.00 14.10 -22.83
C ALA E 150 -24.08 13.45 -23.87
N PRO E 151 -23.18 12.55 -23.48
CA PRO E 151 -22.28 11.90 -24.41
C PRO E 151 -22.99 11.18 -25.55
N TYR E 152 -22.46 11.29 -26.75
CA TYR E 152 -22.97 10.67 -27.96
C TYR E 152 -21.89 9.76 -28.52
N LYS E 153 -22.06 8.44 -28.36
CA LYS E 153 -21.14 7.42 -28.83
C LYS E 153 -21.60 6.88 -30.18
N PHE E 154 -20.66 6.67 -31.12
CA PHE E 154 -20.93 6.15 -32.44
C PHE E 154 -19.74 5.37 -32.98
N LYS E 155 -19.87 4.76 -34.15
CA LYS E 155 -18.83 3.99 -34.81
C LYS E 155 -18.25 4.74 -35.99
N ALA E 156 -16.91 4.77 -36.08
CA ALA E 156 -16.16 5.41 -37.14
C ALA E 156 -15.16 4.43 -37.73
N THR E 157 -14.85 4.56 -39.01
CA THR E 157 -13.91 3.71 -39.71
C THR E 157 -12.71 4.52 -40.17
N MET E 158 -11.50 4.10 -39.83
CA MET E 158 -10.25 4.75 -40.21
C MET E 158 -9.61 4.00 -41.37
N TYR E 159 -9.03 4.70 -42.35
CA TYR E 159 -8.36 4.10 -43.49
C TYR E 159 -7.02 4.77 -43.72
N TYR E 160 -5.94 3.98 -43.82
CA TYR E 160 -4.61 4.52 -44.04
C TYR E 160 -3.68 3.49 -44.67
N LYS E 161 -2.54 3.97 -45.18
CA LYS E 161 -1.49 3.20 -45.82
C LYS E 161 -0.22 3.30 -45.00
N ASP E 162 0.38 2.16 -44.64
CA ASP E 162 1.68 2.08 -44.02
C ASP E 162 2.72 1.92 -45.13
N VAL E 163 3.87 2.59 -45.02
CA VAL E 163 4.94 2.54 -45.98
C VAL E 163 6.27 2.31 -45.27
N THR E 164 7.13 1.45 -45.82
CA THR E 164 8.42 1.11 -45.26
C THR E 164 9.59 1.26 -46.23
N VAL E 165 9.30 1.65 -47.47
CA VAL E 165 10.19 1.79 -48.60
C VAL E 165 10.78 0.46 -49.02
N ILE E 180 13.19 0.31 -43.15
CA ILE E 180 14.18 1.27 -43.66
C ILE E 180 13.73 2.69 -43.34
N PHE E 181 12.74 3.23 -44.06
CA PHE E 181 12.17 4.54 -43.82
C PHE E 181 10.67 4.35 -43.61
N GLU E 182 10.22 4.50 -42.35
CA GLU E 182 8.84 4.28 -41.97
C GLU E 182 7.97 5.51 -42.17
N ASP E 183 6.81 5.35 -42.80
CA ASP E 183 5.84 6.41 -43.05
C ASP E 183 4.40 5.93 -43.03
N ARG E 184 3.46 6.87 -42.88
CA ARG E 184 2.03 6.71 -42.74
C ARG E 184 1.28 7.73 -43.61
N ALA E 185 0.23 7.32 -44.31
CA ALA E 185 -0.51 8.22 -45.18
C ALA E 185 -2.00 7.92 -45.28
N PRO E 186 -2.88 8.90 -45.49
CA PRO E 186 -4.30 8.69 -45.64
C PRO E 186 -4.70 8.17 -47.02
N VAL E 187 -5.79 7.42 -47.08
CA VAL E 187 -6.37 6.92 -48.32
C VAL E 187 -7.28 7.99 -48.90
N PRO E 188 -7.20 8.36 -50.18
CA PRO E 188 -8.09 9.35 -50.75
C PRO E 188 -9.52 8.83 -50.90
N PHE E 189 -10.51 9.73 -50.96
CA PHE E 189 -11.90 9.36 -51.07
C PHE E 189 -12.23 8.46 -52.26
N GLU E 190 -11.58 8.69 -53.40
CA GLU E 190 -11.80 7.92 -54.61
C GLU E 190 -11.44 6.45 -54.40
N GLU E 191 -10.35 6.17 -53.68
CA GLU E 191 -9.94 4.80 -53.38
C GLU E 191 -10.90 4.17 -52.39
N VAL E 192 -11.40 4.93 -51.39
CA VAL E 192 -12.36 4.40 -50.44
C VAL E 192 -13.67 4.05 -51.10
N ILE E 193 -14.21 4.91 -51.97
CA ILE E 193 -15.50 4.68 -52.61
C ILE E 193 -15.43 3.70 -53.78
N ASP E 194 -14.48 3.89 -54.69
CA ASP E 194 -14.37 3.12 -55.92
C ASP E 194 -13.59 1.82 -55.83
N LYS E 195 -12.88 1.52 -54.74
CA LYS E 195 -12.14 0.28 -54.59
C LYS E 195 -12.40 -0.43 -53.27
N ILE E 196 -12.31 0.24 -52.13
CA ILE E 196 -12.56 -0.41 -50.86
C ILE E 196 -14.03 -0.77 -50.70
N ASN E 197 -14.96 0.19 -50.79
CA ASN E 197 -16.37 -0.14 -50.68
C ASN E 197 -16.92 -0.88 -51.90
N ALA E 198 -16.35 -0.65 -53.08
CA ALA E 198 -16.83 -1.29 -54.29
C ALA E 198 -16.43 -2.76 -54.43
N LYS E 199 -15.22 -3.13 -54.03
CA LYS E 199 -14.66 -4.46 -54.21
C LYS E 199 -13.87 -5.06 -53.05
N GLY E 200 -13.55 -4.30 -52.01
CA GLY E 200 -12.76 -4.79 -50.90
C GLY E 200 -11.28 -4.87 -51.23
N VAL E 201 -10.79 -3.99 -52.11
CA VAL E 201 -9.41 -3.94 -52.55
C VAL E 201 -8.81 -2.55 -52.47
N CYS E 202 -7.47 -2.46 -52.36
CA CYS E 202 -6.72 -1.22 -52.34
C CYS E 202 -5.68 -1.22 -53.46
N ARG E 203 -5.19 -0.04 -53.87
CA ARG E 203 -4.12 0.06 -54.85
C ARG E 203 -2.80 -0.22 -54.16
N SER E 204 -1.90 -0.95 -54.82
CA SER E 204 -0.57 -1.25 -54.34
C SER E 204 0.26 -0.01 -54.07
N THR E 205 -0.06 1.11 -54.74
CA THR E 205 0.61 2.39 -54.63
C THR E 205 0.19 3.21 -53.43
N ALA E 206 1.11 4.06 -52.96
CA ALA E 206 0.88 4.97 -51.85
C ALA E 206 1.73 6.23 -51.96
N LYS E 207 1.09 7.40 -52.01
CA LYS E 207 1.77 8.68 -52.04
C LYS E 207 2.22 9.05 -50.63
N TYR E 208 3.45 9.56 -50.52
CA TYR E 208 4.07 10.00 -49.28
C TYR E 208 5.02 11.16 -49.57
N VAL E 209 5.64 11.73 -48.54
CA VAL E 209 6.55 12.85 -48.66
C VAL E 209 7.88 12.55 -47.97
N ARG E 210 8.98 12.76 -48.68
CA ARG E 210 10.34 12.58 -48.22
C ARG E 210 11.13 13.82 -48.59
N ASN E 211 11.83 14.44 -47.62
CA ASN E 211 12.61 15.66 -47.80
C ASN E 211 11.79 16.76 -48.45
N ASN E 212 10.53 16.91 -48.03
CA ASN E 212 9.53 17.84 -48.50
C ASN E 212 9.06 17.66 -49.93
N MET E 213 9.45 16.58 -50.62
CA MET E 213 9.05 16.25 -51.97
C MET E 213 8.10 15.05 -52.00
N GLU E 214 7.12 15.05 -52.90
CA GLU E 214 6.22 13.93 -53.06
C GLU E 214 6.91 12.74 -53.71
N THR E 215 6.61 11.55 -53.21
CA THR E 215 7.15 10.26 -53.65
C THR E 215 6.05 9.21 -53.64
N THR E 216 6.13 8.21 -54.52
CA THR E 216 5.15 7.15 -54.62
C THR E 216 5.80 5.79 -54.38
N ALA E 217 5.36 5.10 -53.32
CA ALA E 217 5.83 3.78 -52.98
C ALA E 217 4.99 2.72 -53.68
N PHE E 218 5.54 1.50 -53.82
CA PHE E 218 4.90 0.37 -54.46
C PHE E 218 5.19 -0.91 -53.69
N HIS E 219 4.22 -1.83 -53.59
CA HIS E 219 4.42 -3.09 -52.91
C HIS E 219 5.45 -3.94 -53.67
N ARG E 220 6.61 -4.19 -53.06
CA ARG E 220 7.71 -4.94 -53.62
C ARG E 220 8.19 -4.39 -54.96
N ASP E 221 8.08 -3.08 -55.15
CA ASP E 221 8.44 -2.35 -56.35
C ASP E 221 7.72 -2.78 -57.62
N ASP E 222 6.65 -3.56 -57.50
CA ASP E 222 5.81 -4.04 -58.59
C ASP E 222 4.91 -2.92 -59.12
N HIS E 223 4.26 -3.12 -60.27
CA HIS E 223 3.35 -2.16 -60.86
C HIS E 223 2.06 -2.02 -60.07
N GLU E 224 1.36 -0.88 -60.24
CA GLU E 224 0.10 -0.62 -59.57
C GLU E 224 -0.90 -1.71 -59.90
N THR E 225 -1.35 -2.42 -58.87
CA THR E 225 -2.26 -3.55 -58.94
C THR E 225 -3.17 -3.55 -57.73
N ASP E 226 -4.39 -4.11 -57.86
CA ASP E 226 -5.33 -4.22 -56.76
C ASP E 226 -4.92 -5.32 -55.79
N MET E 227 -5.07 -5.06 -54.49
CA MET E 227 -4.75 -5.98 -53.41
C MET E 227 -5.96 -6.12 -52.50
N GLU E 228 -6.42 -7.34 -52.22
CA GLU E 228 -7.59 -7.56 -51.40
C GLU E 228 -7.30 -7.54 -49.90
N LEU E 229 -8.27 -7.04 -49.12
CA LEU E 229 -8.22 -6.92 -47.69
C LEU E 229 -8.66 -8.20 -46.98
N LYS E 230 -7.84 -8.67 -46.04
CA LYS E 230 -8.07 -9.83 -45.20
C LYS E 230 -8.33 -9.41 -43.77
N PRO E 231 -9.27 -10.02 -43.04
CA PRO E 231 -9.54 -9.66 -41.66
C PRO E 231 -8.34 -9.90 -40.76
N ALA E 232 -8.13 -9.01 -39.79
CA ALA E 232 -7.04 -9.07 -38.85
C ALA E 232 -7.18 -10.27 -37.91
N LYS E 233 -6.05 -10.92 -37.62
CA LYS E 233 -5.96 -12.14 -36.83
C LYS E 233 -6.22 -11.93 -35.33
N VAL E 234 -5.63 -10.89 -34.75
CA VAL E 234 -5.69 -10.59 -33.33
C VAL E 234 -6.89 -9.76 -32.87
N ALA E 235 -7.61 -9.11 -33.79
CA ALA E 235 -8.73 -8.24 -33.48
C ALA E 235 -9.94 -8.97 -32.91
N THR E 236 -10.60 -8.31 -31.96
CA THR E 236 -11.81 -8.75 -31.29
C THR E 236 -13.05 -8.56 -32.16
N ARG E 237 -14.15 -9.23 -31.82
CA ARG E 237 -15.42 -9.17 -32.50
C ARG E 237 -15.99 -7.75 -32.59
N THR E 238 -15.70 -6.91 -31.60
CA THR E 238 -16.19 -5.54 -31.54
C THR E 238 -15.41 -4.59 -32.45
N SER E 239 -14.12 -4.36 -32.18
CA SER E 239 -13.28 -3.48 -32.97
C SER E 239 -12.61 -4.21 -34.14
N ARG E 240 -13.40 -4.61 -35.12
CA ARG E 240 -12.94 -5.29 -36.33
C ARG E 240 -11.89 -4.50 -37.10
N GLY E 241 -11.06 -5.21 -37.87
CA GLY E 241 -10.01 -4.64 -38.68
C GLY E 241 -9.63 -5.53 -39.85
N TRP E 242 -9.01 -4.96 -40.89
CA TRP E 242 -8.58 -5.64 -42.08
C TRP E 242 -7.31 -5.01 -42.65
N HIS E 243 -6.50 -5.80 -43.36
CA HIS E 243 -5.28 -5.34 -44.00
C HIS E 243 -4.90 -6.18 -45.21
N THR E 244 -4.07 -5.64 -46.09
CA THR E 244 -3.64 -6.32 -47.30
C THR E 244 -2.52 -7.33 -47.13
N THR E 245 -1.51 -7.07 -46.31
CA THR E 245 -0.37 -7.95 -46.10
C THR E 245 -0.44 -8.76 -44.82
N ASP E 246 0.51 -9.68 -44.62
CA ASP E 246 0.70 -10.54 -43.47
C ASP E 246 -0.54 -11.26 -42.96
N THR E 263 8.07 -1.93 -48.51
CA THR E 263 6.71 -2.51 -48.49
C THR E 263 5.65 -1.42 -48.32
N VAL E 264 4.40 -1.76 -48.59
CA VAL E 264 3.22 -0.90 -48.48
C VAL E 264 2.05 -1.74 -48.00
N ASN E 265 1.29 -1.30 -47.00
CA ASN E 265 0.15 -2.04 -46.47
C ASN E 265 -1.05 -1.16 -46.24
N CYS E 266 -2.18 -1.49 -46.88
CA CYS E 266 -3.45 -0.82 -46.74
C CYS E 266 -4.14 -1.38 -45.50
N ILE E 267 -4.64 -0.51 -44.61
CA ILE E 267 -5.28 -0.88 -43.36
C ILE E 267 -6.64 -0.19 -43.24
N VAL E 268 -7.62 -0.91 -42.69
CA VAL E 268 -8.97 -0.44 -42.43
C VAL E 268 -9.36 -0.91 -41.05
N GLU E 269 -9.82 -0.02 -40.17
CA GLU E 269 -10.19 -0.36 -38.81
C GLU E 269 -11.48 0.31 -38.38
N GLU E 270 -12.35 -0.42 -37.69
CA GLU E 270 -13.60 0.11 -37.16
C GLU E 270 -13.40 0.38 -35.68
N VAL E 271 -13.58 1.63 -35.23
CA VAL E 271 -13.33 2.08 -33.88
C VAL E 271 -14.48 2.88 -33.28
N ASP E 272 -14.55 2.90 -31.95
CA ASP E 272 -15.51 3.70 -31.22
C ASP E 272 -15.12 5.16 -31.28
N ALA E 273 -16.11 6.06 -31.25
CA ALA E 273 -15.90 7.49 -31.24
C ALA E 273 -16.90 8.13 -30.29
N ARG E 274 -16.55 9.25 -29.65
CA ARG E 274 -17.41 9.93 -28.70
C ARG E 274 -17.39 11.44 -28.88
N SER E 275 -18.56 12.08 -28.77
CA SER E 275 -18.74 13.51 -28.84
C SER E 275 -19.60 13.96 -27.68
N VAL E 276 -19.30 15.08 -27.02
CA VAL E 276 -20.05 15.59 -25.89
C VAL E 276 -20.50 17.02 -26.15
N TYR E 277 -21.55 17.50 -25.50
CA TYR E 277 -22.09 18.83 -25.71
C TYR E 277 -21.00 19.90 -25.71
N PRO E 278 -20.97 20.86 -26.63
CA PRO E 278 -21.90 21.17 -27.71
C PRO E 278 -21.82 20.34 -28.97
N TYR E 279 -21.02 19.26 -29.00
CA TYR E 279 -20.80 18.41 -30.15
C TYR E 279 -20.01 19.07 -31.27
N ASP E 280 -19.00 19.87 -30.94
CA ASP E 280 -18.13 20.51 -31.91
C ASP E 280 -16.99 19.62 -32.38
N GLU E 281 -16.60 18.61 -31.60
CA GLU E 281 -15.54 17.67 -31.90
C GLU E 281 -15.93 16.25 -31.51
N PHE E 282 -15.08 15.29 -31.87
CA PHE E 282 -15.20 13.91 -31.41
C PHE E 282 -13.81 13.33 -31.22
N VAL E 283 -13.68 12.39 -30.27
CA VAL E 283 -12.44 11.69 -29.99
C VAL E 283 -12.60 10.25 -30.45
N LEU E 284 -11.55 9.66 -31.03
CA LEU E 284 -11.52 8.28 -31.48
C LEU E 284 -10.95 7.38 -30.39
N ALA E 285 -11.20 6.06 -30.45
CA ALA E 285 -10.64 5.14 -29.50
C ALA E 285 -9.11 5.11 -29.48
N THR E 286 -8.46 5.69 -30.50
CA THR E 286 -7.02 5.81 -30.61
C THR E 286 -6.45 6.94 -29.76
N GLY E 287 -7.29 7.79 -29.19
CA GLY E 287 -6.93 8.95 -28.40
C GLY E 287 -6.83 10.24 -29.21
N ASP E 288 -7.04 10.19 -30.52
CA ASP E 288 -6.99 11.32 -31.42
C ASP E 288 -8.31 12.06 -31.53
N PHE E 289 -8.25 13.40 -31.64
CA PHE E 289 -9.40 14.26 -31.82
C PHE E 289 -9.62 14.62 -33.29
N VAL E 290 -10.88 14.90 -33.63
CA VAL E 290 -11.28 15.37 -34.94
C VAL E 290 -12.04 16.66 -34.69
N TYR E 291 -11.52 17.80 -35.14
CA TYR E 291 -12.09 19.10 -34.87
C TYR E 291 -13.18 19.50 -35.86
N MET E 292 -14.20 18.65 -35.97
CA MET E 292 -15.38 18.78 -36.80
C MET E 292 -16.55 18.15 -36.06
N SER E 293 -17.75 18.71 -36.16
CA SER E 293 -18.92 18.16 -35.50
C SER E 293 -19.39 16.86 -36.12
N PRO E 294 -19.77 15.82 -35.36
CA PRO E 294 -20.27 14.59 -35.95
C PRO E 294 -21.50 14.78 -36.80
N PHE E 295 -22.24 15.88 -36.59
CA PHE E 295 -23.45 16.25 -37.28
C PHE E 295 -23.24 17.14 -38.49
N TYR E 296 -22.02 17.58 -38.79
CA TYR E 296 -21.72 18.41 -39.94
C TYR E 296 -22.07 17.70 -41.24
N GLY E 297 -22.50 18.44 -42.26
CA GLY E 297 -22.86 17.92 -43.57
C GLY E 297 -23.38 19.00 -44.50
N TYR E 298 -23.54 18.69 -45.79
CA TYR E 298 -24.04 19.64 -46.77
C TYR E 298 -25.54 19.91 -46.63
N ARG E 299 -26.28 19.05 -45.93
CA ARG E 299 -27.71 19.18 -45.70
C ARG E 299 -28.04 20.51 -45.03
N GLU E 300 -29.24 21.03 -45.29
CA GLU E 300 -29.72 22.32 -44.82
C GLU E 300 -29.39 22.68 -43.38
N GLY E 301 -29.86 21.91 -42.40
CA GLY E 301 -29.61 22.17 -40.99
C GLY E 301 -28.25 21.73 -40.47
N SER E 302 -27.35 21.25 -41.33
CA SER E 302 -26.05 20.73 -40.97
C SER E 302 -24.86 21.57 -41.41
N HIS E 303 -24.97 22.34 -42.50
CA HIS E 303 -23.87 23.14 -43.00
C HIS E 303 -23.44 24.28 -42.08
N THR E 304 -24.18 24.50 -40.99
CA THR E 304 -23.92 25.52 -39.97
C THR E 304 -23.21 24.97 -38.74
N GLU E 305 -22.99 23.66 -38.65
CA GLU E 305 -22.26 23.04 -37.55
C GLU E 305 -20.78 23.40 -37.61
N HIS E 306 -20.02 23.08 -36.56
CA HIS E 306 -18.60 23.39 -36.52
C HIS E 306 -17.72 22.50 -37.38
N THR E 307 -16.66 23.09 -37.94
CA THR E 307 -15.63 22.44 -38.72
C THR E 307 -14.39 23.34 -38.75
N SER E 308 -13.21 22.76 -38.53
CA SER E 308 -11.95 23.47 -38.60
C SER E 308 -11.24 23.26 -39.92
N TYR E 309 -11.68 22.30 -40.74
CA TYR E 309 -11.07 21.89 -41.99
C TYR E 309 -11.63 22.55 -43.23
N ALA E 310 -10.77 22.78 -44.23
CA ALA E 310 -11.18 23.34 -45.51
C ALA E 310 -12.14 22.40 -46.24
N ALA E 311 -13.04 22.95 -47.06
CA ALA E 311 -14.03 22.20 -47.79
C ALA E 311 -13.47 21.06 -48.64
N ASP E 312 -12.23 21.19 -49.14
CA ASP E 312 -11.56 20.19 -49.94
C ASP E 312 -11.20 18.92 -49.16
N ARG E 313 -11.19 18.97 -47.83
CA ARG E 313 -10.86 17.86 -46.96
C ARG E 313 -12.07 17.05 -46.49
N PHE E 314 -13.29 17.41 -46.89
CA PHE E 314 -14.50 16.73 -46.48
C PHE E 314 -15.41 16.42 -47.67
N LYS E 315 -16.04 15.25 -47.63
CA LYS E 315 -16.94 14.77 -48.66
C LYS E 315 -18.11 14.03 -48.03
N GLN E 316 -19.34 14.31 -48.47
CA GLN E 316 -20.54 13.65 -48.01
C GLN E 316 -21.19 12.94 -49.18
N VAL E 317 -21.52 11.65 -48.99
CA VAL E 317 -22.12 10.80 -50.00
C VAL E 317 -23.53 10.40 -49.59
N ASP E 318 -24.54 10.89 -50.31
CA ASP E 318 -25.92 10.50 -50.10
C ASP E 318 -26.22 9.24 -50.90
N GLY E 319 -27.08 8.37 -50.38
CA GLY E 319 -27.42 7.13 -51.06
C GLY E 319 -26.28 6.12 -51.10
N PHE E 320 -25.42 6.12 -50.09
CA PHE E 320 -24.30 5.21 -49.95
C PHE E 320 -24.76 3.85 -49.45
N TYR E 321 -24.27 2.78 -50.09
CA TYR E 321 -24.55 1.40 -49.74
C TYR E 321 -23.25 0.71 -49.34
N ALA E 322 -23.13 0.41 -48.05
CA ALA E 322 -21.95 -0.23 -47.50
C ALA E 322 -21.79 -1.66 -47.97
N ARG E 323 -20.54 -2.15 -48.01
CA ARG E 323 -20.19 -3.51 -48.37
C ARG E 323 -19.26 -4.06 -47.30
N ASP E 324 -19.74 -5.03 -46.52
CA ASP E 324 -18.98 -5.62 -45.44
C ASP E 324 -17.69 -6.29 -45.93
N LEU E 325 -16.53 -5.89 -45.41
CA LEU E 325 -15.26 -6.45 -45.80
C LEU E 325 -15.09 -7.92 -45.46
N THR E 326 -15.81 -8.49 -44.50
CA THR E 326 -15.69 -9.90 -44.19
C THR E 326 -16.69 -10.75 -44.99
N THR E 327 -17.99 -10.57 -44.81
CA THR E 327 -18.99 -11.36 -45.52
C THR E 327 -19.16 -11.01 -46.99
N LYS E 328 -18.61 -9.89 -47.46
CA LYS E 328 -18.72 -9.37 -48.80
C LYS E 328 -20.15 -9.05 -49.22
N ALA E 329 -21.07 -9.02 -48.27
CA ALA E 329 -22.47 -8.70 -48.46
C ALA E 329 -22.68 -7.19 -48.56
N ARG E 330 -23.42 -6.74 -49.57
CA ARG E 330 -23.77 -5.34 -49.77
C ARG E 330 -25.05 -5.04 -48.98
N ALA E 331 -25.10 -3.88 -48.32
CA ALA E 331 -26.20 -3.45 -47.50
C ALA E 331 -27.52 -3.34 -48.24
N THR E 332 -28.62 -3.61 -47.53
CA THR E 332 -29.96 -3.60 -48.07
C THR E 332 -30.65 -2.23 -48.09
N SER E 333 -30.06 -1.20 -47.49
CA SER E 333 -30.65 0.14 -47.41
C SER E 333 -29.63 1.25 -47.56
N PRO E 334 -29.98 2.37 -48.18
CA PRO E 334 -29.09 3.50 -48.37
C PRO E 334 -28.85 4.26 -47.07
N THR E 335 -27.74 4.98 -47.01
CA THR E 335 -27.29 5.80 -45.90
C THR E 335 -26.55 7.03 -46.40
N THR E 336 -26.33 8.02 -45.53
CA THR E 336 -25.54 9.19 -45.85
C THR E 336 -24.22 9.04 -45.13
N ARG E 337 -23.09 8.94 -45.85
CA ARG E 337 -21.79 8.75 -45.25
C ARG E 337 -20.90 9.98 -45.40
N ASN E 338 -20.30 10.40 -44.28
CA ASN E 338 -19.34 11.48 -44.20
C ASN E 338 -17.93 10.91 -44.29
N LEU E 339 -17.04 11.58 -45.00
CA LEU E 339 -15.63 11.23 -45.14
C LEU E 339 -14.79 12.48 -44.91
N LEU E 340 -13.71 12.36 -44.14
CA LEU E 340 -12.80 13.44 -43.82
C LEU E 340 -11.36 12.99 -44.01
N THR E 341 -10.48 13.82 -44.57
CA THR E 341 -9.08 13.49 -44.75
C THR E 341 -8.16 14.24 -43.80
N THR E 342 -7.66 13.56 -42.77
CA THR E 342 -6.70 14.07 -41.82
C THR E 342 -5.31 13.72 -42.35
N PRO E 343 -4.24 14.49 -42.11
CA PRO E 343 -2.92 14.19 -42.62
C PRO E 343 -2.33 12.82 -42.27
N LYS E 344 -2.92 12.04 -41.35
CA LYS E 344 -2.46 10.73 -40.97
C LYS E 344 -3.37 9.58 -41.39
N PHE E 345 -4.66 9.84 -41.66
CA PHE E 345 -5.64 8.84 -42.04
C PHE E 345 -6.93 9.51 -42.50
N THR E 346 -7.78 8.82 -43.25
CA THR E 346 -9.10 9.34 -43.55
C THR E 346 -10.07 8.67 -42.59
N VAL E 347 -11.09 9.39 -42.13
CA VAL E 347 -12.11 8.88 -41.22
C VAL E 347 -13.46 8.97 -41.91
N ALA E 348 -14.33 7.98 -41.67
CA ALA E 348 -15.68 8.00 -42.19
C ALA E 348 -16.66 7.51 -41.14
N TRP E 349 -17.87 8.08 -41.15
CA TRP E 349 -18.94 7.74 -40.24
C TRP E 349 -20.29 8.01 -40.89
N ASP E 350 -21.35 7.35 -40.40
CA ASP E 350 -22.68 7.53 -40.92
C ASP E 350 -23.31 8.77 -40.32
N TRP E 351 -23.77 9.69 -41.16
CA TRP E 351 -24.41 10.92 -40.71
C TRP E 351 -25.86 10.65 -40.32
N VAL E 352 -26.30 11.30 -39.23
CA VAL E 352 -27.65 11.25 -38.70
C VAL E 352 -27.97 12.63 -38.16
N PRO E 353 -29.23 13.10 -38.21
CA PRO E 353 -29.58 14.42 -37.71
C PRO E 353 -29.35 14.49 -36.20
N LYS E 354 -29.03 15.70 -35.72
CA LYS E 354 -28.73 15.95 -34.32
C LYS E 354 -29.86 15.51 -33.39
N ARG E 355 -29.48 14.90 -32.26
CA ARG E 355 -30.39 14.44 -31.24
C ARG E 355 -31.15 15.63 -30.65
N PRO E 356 -32.43 15.48 -30.29
CA PRO E 356 -33.19 16.57 -29.69
C PRO E 356 -32.60 16.95 -28.33
N ALA E 357 -32.76 18.20 -27.91
CA ALA E 357 -32.21 18.69 -26.67
C ALA E 357 -32.75 17.99 -25.43
N VAL E 358 -31.96 18.04 -24.35
CA VAL E 358 -32.24 17.50 -23.04
C VAL E 358 -31.88 18.52 -21.98
N CYS E 359 -32.40 18.39 -20.75
CA CYS E 359 -32.16 19.39 -19.74
C CYS E 359 -30.70 19.49 -19.31
N THR E 360 -30.29 20.71 -18.95
CA THR E 360 -28.94 21.11 -18.65
C THR E 360 -28.27 20.44 -17.45
N MET E 361 -29.01 19.86 -16.51
CA MET E 361 -28.43 19.22 -15.33
C MET E 361 -28.94 17.80 -15.14
N THR E 362 -28.09 16.97 -14.53
CA THR E 362 -28.39 15.58 -14.24
C THR E 362 -28.15 15.29 -12.76
N LYS E 363 -29.01 14.48 -12.15
CA LYS E 363 -28.95 14.12 -10.75
C LYS E 363 -27.78 13.16 -10.53
N TRP E 364 -26.74 13.65 -9.84
CA TRP E 364 -25.53 12.90 -9.58
C TRP E 364 -25.55 12.12 -8.28
N GLN E 365 -26.03 12.71 -7.18
CA GLN E 365 -26.06 12.09 -5.87
C GLN E 365 -27.27 12.48 -5.02
N GLU E 366 -27.87 11.48 -4.37
CA GLU E 366 -28.93 11.64 -3.39
C GLU E 366 -28.25 11.46 -2.04
N VAL E 367 -27.91 12.55 -1.36
CA VAL E 367 -27.19 12.53 -0.10
C VAL E 367 -28.14 12.40 1.08
N ASP E 368 -28.11 11.21 1.69
CA ASP E 368 -28.93 10.77 2.80
C ASP E 368 -28.93 11.69 4.00
N GLU E 369 -27.78 12.30 4.35
CA GLU E 369 -27.60 13.26 5.41
C GLU E 369 -26.42 14.15 5.09
N MET E 370 -26.59 15.47 5.20
CA MET E 370 -25.60 16.47 4.85
C MET E 370 -25.61 17.61 5.84
N LEU E 371 -24.45 17.96 6.40
CA LEU E 371 -24.31 19.09 7.31
C LEU E 371 -23.94 20.33 6.52
N ARG E 372 -24.39 21.50 6.99
CA ARG E 372 -24.11 22.79 6.40
C ARG E 372 -23.64 23.75 7.49
N ALA E 373 -22.60 24.53 7.21
CA ALA E 373 -22.04 25.51 8.12
C ALA E 373 -21.58 26.75 7.38
N GLU E 374 -21.68 27.92 8.01
CA GLU E 374 -21.21 29.19 7.47
C GLU E 374 -19.79 29.42 7.94
N TYR E 375 -18.85 29.63 7.02
CA TYR E 375 -17.45 29.81 7.32
C TYR E 375 -16.79 30.74 6.31
N GLY E 376 -16.17 31.82 6.79
CA GLY E 376 -15.50 32.80 5.95
C GLY E 376 -16.42 33.50 4.95
N GLY E 377 -17.69 33.72 5.30
CA GLY E 377 -18.67 34.35 4.44
C GLY E 377 -19.14 33.47 3.28
N SER E 378 -19.06 32.15 3.45
CA SER E 378 -19.42 31.14 2.48
C SER E 378 -19.92 29.86 3.16
N PHE E 379 -20.87 29.16 2.55
CA PHE E 379 -21.36 27.90 3.07
C PHE E 379 -20.39 26.78 2.70
N ARG E 380 -20.22 25.82 3.61
CA ARG E 380 -19.43 24.62 3.44
C ARG E 380 -20.31 23.43 3.81
N PHE E 381 -20.49 22.51 2.85
CA PHE E 381 -21.30 21.32 2.98
C PHE E 381 -20.42 20.08 3.16
N SER E 382 -20.88 19.08 3.93
CA SER E 382 -20.14 17.85 4.14
C SER E 382 -21.03 16.72 4.61
N SER E 383 -20.62 15.47 4.32
CA SER E 383 -21.29 14.25 4.71
C SER E 383 -20.26 13.14 4.86
N ASP E 384 -20.68 12.00 5.43
CA ASP E 384 -19.81 10.84 5.60
C ASP E 384 -19.54 10.13 4.29
N ALA E 385 -20.54 10.02 3.42
CA ALA E 385 -20.48 9.33 2.15
C ALA E 385 -19.74 10.10 1.06
N ILE E 386 -20.10 11.36 0.84
CA ILE E 386 -19.52 12.19 -0.20
C ILE E 386 -18.17 12.74 0.26
N SER E 387 -17.08 12.19 -0.30
CA SER E 387 -15.72 12.58 0.02
C SER E 387 -15.37 14.01 -0.37
N THR E 388 -16.16 14.65 -1.23
CA THR E 388 -16.00 16.03 -1.66
C THR E 388 -16.82 16.99 -0.82
N THR E 389 -16.21 18.04 -0.28
CA THR E 389 -16.87 19.04 0.53
C THR E 389 -17.15 20.29 -0.30
N PHE E 390 -18.40 20.52 -0.69
CA PHE E 390 -18.78 21.63 -1.53
C PHE E 390 -18.75 22.99 -0.83
N THR E 391 -18.33 24.02 -1.57
CA THR E 391 -18.21 25.40 -1.14
C THR E 391 -19.09 26.30 -2.02
N THR E 392 -19.85 27.22 -1.44
CA THR E 392 -20.75 28.10 -2.17
C THR E 392 -21.04 29.41 -1.45
N ASN E 393 -21.63 30.39 -2.15
CA ASN E 393 -22.02 31.67 -1.57
C ASN E 393 -23.25 31.51 -0.69
N LEU E 394 -23.47 32.45 0.23
CA LEU E 394 -24.59 32.41 1.15
C LEU E 394 -25.95 32.70 0.50
N THR E 395 -25.96 33.27 -0.71
CA THR E 395 -27.16 33.61 -1.46
C THR E 395 -27.64 32.46 -2.33
N GLN E 396 -28.92 32.13 -2.28
CA GLN E 396 -29.53 31.10 -3.10
C GLN E 396 -29.58 31.47 -4.57
N TYR E 397 -29.59 30.47 -5.46
CA TYR E 397 -29.70 30.66 -6.89
C TYR E 397 -31.14 30.74 -7.36
N SER E 398 -31.40 31.61 -8.33
CA SER E 398 -32.69 31.90 -8.95
C SER E 398 -33.12 30.86 -9.97
N LEU E 399 -33.01 29.57 -9.61
CA LEU E 399 -33.28 28.41 -10.43
C LEU E 399 -34.56 28.48 -11.26
N SER E 400 -35.69 28.87 -10.66
CA SER E 400 -36.98 28.93 -11.31
C SER E 400 -37.04 29.80 -12.55
N ARG E 401 -36.14 30.79 -12.70
CA ARG E 401 -36.07 31.67 -13.86
C ARG E 401 -35.47 30.98 -15.08
N VAL E 402 -34.66 29.94 -14.86
CA VAL E 402 -33.93 29.22 -15.87
C VAL E 402 -34.47 27.81 -16.11
N ASP E 403 -34.89 27.11 -15.06
CA ASP E 403 -35.44 25.77 -15.12
C ASP E 403 -36.90 25.74 -15.54
N LEU E 404 -37.18 26.26 -16.72
CA LEU E 404 -38.51 26.27 -17.31
C LEU E 404 -38.90 24.82 -17.60
N GLY E 405 -39.98 24.36 -16.97
CA GLY E 405 -40.45 22.99 -17.04
C GLY E 405 -40.04 22.13 -15.85
N ASP E 406 -39.36 22.70 -14.85
CA ASP E 406 -38.91 22.08 -13.62
C ASP E 406 -38.15 20.76 -13.79
N CYS E 407 -37.18 20.67 -14.69
CA CYS E 407 -36.41 19.44 -14.84
C CYS E 407 -35.59 19.16 -13.59
N ILE E 408 -35.00 20.19 -12.98
CA ILE E 408 -34.23 20.11 -11.75
C ILE E 408 -35.19 20.16 -10.58
N GLY E 409 -36.13 21.11 -10.57
CA GLY E 409 -37.10 21.29 -9.51
C GLY E 409 -37.91 20.03 -9.19
N ARG E 410 -38.47 19.36 -10.18
CA ARG E 410 -39.28 18.16 -9.98
C ARG E 410 -38.49 17.02 -9.36
N ASP E 411 -37.27 16.77 -9.83
CA ASP E 411 -36.41 15.73 -9.32
C ASP E 411 -35.88 16.05 -7.92
N ALA E 412 -35.55 17.31 -7.64
CA ALA E 412 -35.09 17.72 -6.32
C ALA E 412 -36.19 17.50 -5.29
N ARG E 413 -37.42 17.92 -5.57
CA ARG E 413 -38.55 17.74 -4.68
C ARG E 413 -38.88 16.26 -4.47
N GLU E 414 -38.88 15.46 -5.53
CA GLU E 414 -39.19 14.05 -5.47
C GLU E 414 -38.18 13.24 -4.67
N ALA E 415 -36.88 13.49 -4.87
CA ALA E 415 -35.82 12.79 -4.17
C ALA E 415 -35.71 13.20 -2.71
N ILE E 416 -35.89 14.48 -2.37
CA ILE E 416 -35.85 14.94 -1.01
C ILE E 416 -36.97 14.28 -0.21
N ASP E 417 -38.18 14.21 -0.76
CA ASP E 417 -39.29 13.54 -0.11
C ASP E 417 -39.07 12.05 0.05
N ARG E 418 -38.44 11.39 -0.92
CA ARG E 418 -38.11 9.98 -0.84
C ARG E 418 -37.22 9.70 0.37
N MET E 419 -36.09 10.41 0.47
CA MET E 419 -35.14 10.25 1.54
C MET E 419 -35.74 10.61 2.89
N PHE E 420 -36.56 11.66 2.97
CA PHE E 420 -37.21 12.04 4.21
C PHE E 420 -38.14 10.95 4.70
N ALA E 421 -39.02 10.45 3.83
CA ALA E 421 -39.97 9.41 4.13
C ALA E 421 -39.28 8.10 4.54
N ARG E 422 -38.18 7.76 3.88
CA ARG E 422 -37.40 6.55 4.11
C ARG E 422 -36.70 6.51 5.46
N LYS E 423 -36.38 7.65 6.06
CA LYS E 423 -35.65 7.73 7.32
C LYS E 423 -36.23 8.72 8.33
N TYR E 424 -36.01 10.01 8.08
CA TYR E 424 -36.35 11.12 8.95
C TYR E 424 -37.81 11.29 9.36
N ASN E 425 -38.74 10.69 8.63
CA ASN E 425 -40.18 10.76 8.81
C ASN E 425 -40.70 10.85 10.23
N ALA E 426 -40.20 10.00 11.13
CA ALA E 426 -40.64 9.94 12.51
C ALA E 426 -39.75 10.66 13.52
N THR E 427 -38.53 11.06 13.17
CA THR E 427 -37.56 11.62 14.08
C THR E 427 -37.20 13.08 13.88
N HIS E 428 -37.45 13.66 12.69
CA HIS E 428 -37.13 15.03 12.36
C HIS E 428 -38.28 15.76 11.69
N ILE E 429 -38.17 17.08 11.67
CA ILE E 429 -39.10 18.05 11.12
C ILE E 429 -38.37 18.88 10.06
N LYS E 430 -39.02 19.15 8.93
CA LYS E 430 -38.50 19.96 7.86
C LYS E 430 -38.55 21.43 8.26
N VAL E 431 -37.44 22.16 8.12
CA VAL E 431 -37.40 23.57 8.46
C VAL E 431 -38.26 24.41 7.52
N GLY E 432 -38.17 24.16 6.21
CA GLY E 432 -38.92 24.87 5.19
C GLY E 432 -38.76 24.25 3.82
N GLN E 433 -39.15 24.97 2.77
CA GLN E 433 -39.04 24.50 1.39
C GLN E 433 -37.60 24.36 0.93
N PRO E 434 -37.29 23.48 -0.03
CA PRO E 434 -35.94 23.31 -0.54
C PRO E 434 -35.33 24.59 -1.07
N GLN E 435 -34.01 24.70 -0.89
CA GLN E 435 -33.15 25.81 -1.26
C GLN E 435 -32.16 25.35 -2.32
N TYR E 436 -31.59 26.26 -3.13
CA TYR E 436 -30.65 25.90 -4.18
C TYR E 436 -29.39 26.75 -4.15
N TYR E 437 -28.23 26.13 -4.34
CA TYR E 437 -26.93 26.78 -4.32
C TYR E 437 -26.00 26.25 -5.39
N LEU E 438 -25.18 27.11 -6.01
CA LEU E 438 -24.20 26.73 -7.01
C LEU E 438 -22.82 26.68 -6.37
N ALA E 439 -22.10 25.57 -6.49
CA ALA E 439 -20.78 25.40 -5.90
C ALA E 439 -19.64 25.41 -6.91
N THR E 440 -18.41 25.45 -6.41
CA THR E 440 -17.20 25.36 -7.22
C THR E 440 -17.27 24.11 -8.09
N GLY E 441 -16.73 24.18 -9.31
CA GLY E 441 -16.86 23.12 -10.28
C GLY E 441 -18.21 23.23 -10.99
N GLY E 442 -18.74 22.15 -11.54
CA GLY E 442 -20.00 22.16 -12.25
C GLY E 442 -21.22 21.79 -11.43
N PHE E 443 -21.20 21.91 -10.10
CA PHE E 443 -22.27 21.46 -9.24
C PHE E 443 -23.32 22.47 -8.81
N LEU E 444 -24.53 21.94 -8.62
CA LEU E 444 -25.71 22.59 -8.08
C LEU E 444 -26.20 21.70 -6.95
N ILE E 445 -26.45 22.27 -5.77
CA ILE E 445 -26.91 21.56 -4.60
C ILE E 445 -28.30 22.04 -4.21
N ALA E 446 -29.28 21.11 -4.25
CA ALA E 446 -30.60 21.34 -3.70
C ALA E 446 -30.48 20.90 -2.25
N TYR E 447 -31.02 21.65 -1.28
CA TYR E 447 -30.89 21.34 0.13
C TYR E 447 -32.14 21.65 0.94
N GLN E 448 -32.46 20.81 1.92
CA GLN E 448 -33.57 21.01 2.83
C GLN E 448 -33.09 20.81 4.27
N PRO E 449 -32.91 21.87 5.06
CA PRO E 449 -32.52 21.70 6.45
C PRO E 449 -33.62 21.06 7.27
N LEU E 450 -33.19 20.29 8.28
CA LEU E 450 -34.02 19.56 9.23
C LEU E 450 -33.67 19.91 10.68
N LEU E 451 -34.64 19.67 11.56
CA LEU E 451 -34.50 19.81 13.00
C LEU E 451 -35.02 18.53 13.63
N SER E 452 -34.21 17.88 14.46
CA SER E 452 -34.63 16.68 15.17
C SER E 452 -35.73 17.04 16.16
N ASN E 453 -36.66 16.11 16.44
CA ASN E 453 -37.73 16.35 17.38
C ASN E 453 -37.22 16.87 18.71
N THR E 454 -36.15 16.27 19.25
CA THR E 454 -35.54 16.68 20.51
C THR E 454 -34.94 18.09 20.48
N LEU E 455 -34.54 18.59 19.31
CA LEU E 455 -33.99 19.93 19.15
C LEU E 455 -35.10 20.94 18.98
N ALA E 456 -36.19 20.57 18.28
CA ALA E 456 -37.33 21.44 18.06
C ALA E 456 -37.93 21.93 19.38
N GLU E 457 -37.94 21.08 20.41
CA GLU E 457 -38.43 21.42 21.73
C GLU E 457 -37.71 22.62 22.35
N LEU E 458 -36.41 22.79 22.11
CA LEU E 458 -35.67 23.92 22.63
C LEU E 458 -36.21 25.21 22.05
N TYR E 459 -36.44 25.24 20.73
CA TYR E 459 -36.99 26.39 20.06
C TYR E 459 -38.41 26.67 20.52
N VAL E 460 -39.22 25.63 20.77
CA VAL E 460 -40.58 25.78 21.27
C VAL E 460 -40.58 26.43 22.65
N ARG E 461 -39.79 25.91 23.59
CA ARG E 461 -39.71 26.45 24.94
C ARG E 461 -39.10 27.83 25.00
N GLU E 462 -38.16 28.18 24.11
CA GLU E 462 -37.59 29.50 24.03
C GLU E 462 -38.56 30.51 23.41
N TYR E 463 -39.46 30.06 22.53
CA TYR E 463 -40.50 30.89 21.94
C TYR E 463 -41.58 31.21 22.97
N MET E 464 -41.88 30.26 23.86
CA MET E 464 -42.84 30.37 24.94
C MET E 464 -42.32 31.20 26.11
N ARG E 465 -42.02 32.47 25.84
CA ARG E 465 -41.54 33.48 26.78
C ARG E 465 -42.21 34.82 26.52
N PHE E 500 -41.19 26.67 12.43
CA PHE E 500 -40.97 28.12 12.23
C PHE E 500 -39.51 28.36 11.87
N ALA E 501 -39.21 28.47 10.57
CA ALA E 501 -37.86 28.62 10.06
C ALA E 501 -37.06 29.79 10.58
N ARG E 502 -37.70 30.94 10.82
CA ARG E 502 -37.07 32.16 11.29
C ARG E 502 -36.32 32.03 12.60
N LEU E 503 -36.69 31.09 13.46
CA LEU E 503 -36.11 30.90 14.77
C LEU E 503 -34.74 30.24 14.80
N GLN E 504 -34.40 29.40 13.81
CA GLN E 504 -33.21 28.56 13.78
C GLN E 504 -31.92 29.16 14.30
N PHE E 505 -31.50 30.34 13.83
CA PHE E 505 -30.25 30.95 14.23
C PHE E 505 -30.39 32.15 15.16
N THR E 506 -31.52 32.29 15.85
CA THR E 506 -31.81 33.39 16.74
C THR E 506 -31.41 33.15 18.19
N TYR E 507 -31.70 31.97 18.75
CA TYR E 507 -31.37 31.63 20.13
C TYR E 507 -29.91 31.25 20.26
N ASN E 508 -29.06 32.25 20.53
CA ASN E 508 -27.61 32.13 20.64
C ASN E 508 -27.14 30.98 21.53
N HIS E 509 -27.74 30.78 22.71
CA HIS E 509 -27.37 29.71 23.61
C HIS E 509 -27.72 28.34 23.08
N ILE E 510 -28.79 28.19 22.30
CA ILE E 510 -29.17 26.93 21.68
C ILE E 510 -28.21 26.63 20.55
N GLN E 511 -27.92 27.63 19.70
CA GLN E 511 -27.01 27.47 18.59
C GLN E 511 -25.57 27.24 19.04
N ARG E 512 -25.13 27.81 20.17
CA ARG E 512 -23.81 27.59 20.73
C ARG E 512 -23.59 26.12 21.04
N HIS E 513 -24.61 25.43 21.54
CA HIS E 513 -24.56 24.01 21.81
C HIS E 513 -24.51 23.22 20.51
N VAL E 514 -25.35 23.58 19.53
CA VAL E 514 -25.42 22.93 18.23
C VAL E 514 -24.14 23.07 17.43
N ASN E 515 -23.51 24.25 17.42
CA ASN E 515 -22.26 24.50 16.72
C ASN E 515 -21.16 23.54 17.17
N ASP E 516 -21.06 23.27 18.48
CA ASP E 516 -20.08 22.32 18.99
C ASP E 516 -20.52 20.88 18.75
N MET E 517 -21.79 20.55 19.01
CA MET E 517 -22.33 19.23 18.87
C MET E 517 -22.22 18.66 17.46
N LEU E 518 -22.50 19.47 16.43
CA LEU E 518 -22.38 19.07 15.04
C LEU E 518 -20.95 19.24 14.54
N GLY E 519 -20.22 20.27 14.98
CA GLY E 519 -18.84 20.48 14.61
C GLY E 519 -17.98 19.28 14.95
N ARG E 520 -18.30 18.60 16.05
CA ARG E 520 -17.67 17.38 16.51
C ARG E 520 -17.71 16.31 15.43
N ILE E 521 -18.88 16.14 14.79
CA ILE E 521 -19.13 15.17 13.75
C ILE E 521 -18.43 15.54 12.45
N ALA E 522 -18.57 16.80 12.03
CA ALA E 522 -17.97 17.31 10.81
C ALA E 522 -16.47 17.11 10.77
N VAL E 523 -15.77 17.38 11.88
CA VAL E 523 -14.33 17.20 11.97
C VAL E 523 -13.96 15.72 11.97
N ALA E 524 -14.74 14.87 12.67
CA ALA E 524 -14.48 13.45 12.69
C ALA E 524 -14.56 12.85 11.29
N TRP E 525 -15.54 13.25 10.48
CA TRP E 525 -15.68 12.77 9.12
C TRP E 525 -14.51 13.20 8.24
N CYS E 526 -14.01 14.43 8.39
CA CYS E 526 -12.87 14.88 7.60
C CYS E 526 -11.64 14.03 7.86
N GLU E 527 -11.26 13.85 9.13
CA GLU E 527 -10.08 13.09 9.50
C GLU E 527 -10.14 11.67 8.98
N LEU E 528 -11.32 11.06 9.03
CA LEU E 528 -11.57 9.73 8.52
C LEU E 528 -11.43 9.69 7.00
N GLN E 529 -12.04 10.62 6.28
CA GLN E 529 -11.96 10.68 4.83
C GLN E 529 -10.53 10.91 4.35
N ASN E 530 -9.74 11.75 5.02
CA ASN E 530 -8.35 11.95 4.64
C ASN E 530 -7.56 10.67 4.81
N HIS E 531 -7.78 9.90 5.89
CA HIS E 531 -7.10 8.65 6.11
C HIS E 531 -7.41 7.64 5.02
N GLU E 532 -8.67 7.55 4.59
CA GLU E 532 -9.05 6.66 3.51
C GLU E 532 -8.47 7.09 2.17
N LEU E 533 -8.50 8.38 1.84
CA LEU E 533 -7.95 8.88 0.59
C LEU E 533 -6.44 8.64 0.52
N THR E 534 -5.70 8.88 1.60
CA THR E 534 -4.26 8.66 1.62
C THR E 534 -3.93 7.21 1.32
N LEU E 535 -4.64 6.23 1.90
CA LEU E 535 -4.38 4.83 1.62
C LEU E 535 -4.81 4.44 0.22
N TRP E 536 -6.01 4.83 -0.22
CA TRP E 536 -6.52 4.47 -1.53
C TRP E 536 -5.68 5.06 -2.66
N ASN E 537 -5.27 6.33 -2.55
CA ASN E 537 -4.45 6.96 -3.56
C ASN E 537 -3.05 6.35 -3.64
N GLU E 538 -2.53 5.82 -2.55
CA GLU E 538 -1.23 5.18 -2.59
C GLU E 538 -1.32 3.79 -3.23
N ALA E 539 -2.39 3.04 -2.95
CA ALA E 539 -2.63 1.74 -3.55
C ALA E 539 -2.87 1.85 -5.05
N ARG E 540 -3.55 2.91 -5.50
CA ARG E 540 -3.84 3.17 -6.89
C ARG E 540 -2.61 3.13 -7.79
N LYS E 541 -1.45 3.58 -7.30
CA LYS E 541 -0.21 3.58 -8.07
C LYS E 541 0.36 2.18 -8.25
N LEU E 542 0.14 1.30 -7.26
CA LEU E 542 0.65 -0.07 -7.28
C LEU E 542 -0.15 -0.96 -8.24
N ASN E 543 -1.48 -0.81 -8.26
CA ASN E 543 -2.34 -1.62 -9.11
C ASN E 543 -3.55 -0.82 -9.57
N PRO E 544 -3.41 0.01 -10.62
CA PRO E 544 -4.51 0.81 -11.11
C PRO E 544 -5.67 -0.04 -11.64
N ASN E 545 -5.43 -1.22 -12.20
CA ASN E 545 -6.51 -2.07 -12.69
C ASN E 545 -7.44 -2.49 -11.56
N ALA E 546 -6.90 -2.90 -10.41
CA ALA E 546 -7.71 -3.32 -9.27
C ALA E 546 -8.45 -2.16 -8.64
N ILE E 547 -7.78 -1.02 -8.41
CA ILE E 547 -8.41 0.13 -7.80
C ILE E 547 -9.49 0.72 -8.70
N ALA E 548 -9.27 0.79 -10.01
CA ALA E 548 -10.27 1.27 -10.93
C ALA E 548 -11.47 0.34 -10.92
N SER E 549 -11.25 -0.97 -11.01
CA SER E 549 -12.32 -1.95 -11.01
C SER E 549 -13.11 -1.93 -9.71
N ALA E 550 -12.46 -1.75 -8.57
CA ALA E 550 -13.12 -1.68 -7.28
C ALA E 550 -13.95 -0.41 -7.12
N THR E 551 -13.45 0.72 -7.63
CA THR E 551 -14.12 2.00 -7.58
C THR E 551 -15.39 1.99 -8.42
N VAL E 552 -15.30 1.41 -9.62
CA VAL E 552 -16.37 1.33 -10.59
C VAL E 552 -17.34 0.20 -10.32
N GLY E 553 -16.89 -0.92 -9.76
CA GLY E 553 -17.69 -2.10 -9.48
C GLY E 553 -17.84 -3.07 -10.63
N ARG E 554 -17.00 -2.95 -11.67
CA ARG E 554 -16.95 -3.77 -12.87
C ARG E 554 -15.52 -3.83 -13.36
N ARG E 555 -15.11 -4.86 -14.11
CA ARG E 555 -13.76 -4.96 -14.63
C ARG E 555 -13.48 -3.90 -15.67
N VAL E 556 -12.38 -3.17 -15.49
CA VAL E 556 -11.91 -2.15 -16.40
C VAL E 556 -10.38 -2.19 -16.46
N SER E 557 -9.82 -1.77 -17.59
CA SER E 557 -8.40 -1.65 -17.82
C SER E 557 -8.01 -0.23 -17.45
N ALA E 558 -6.92 0.01 -16.71
CA ALA E 558 -6.53 1.35 -16.32
C ALA E 558 -5.01 1.54 -16.36
N ARG E 559 -4.58 2.79 -16.54
CA ARG E 559 -3.20 3.20 -16.66
C ARG E 559 -3.02 4.56 -15.99
N MET E 560 -1.90 4.81 -15.33
CA MET E 560 -1.77 6.02 -14.54
C MET E 560 -1.60 7.34 -15.27
N LEU E 561 -1.01 7.42 -16.47
CA LEU E 561 -0.95 8.61 -17.28
C LEU E 561 -0.63 9.94 -16.61
N GLY E 562 0.30 9.96 -15.64
CA GLY E 562 0.67 11.14 -14.88
C GLY E 562 -0.01 11.13 -13.53
N ASP E 563 -0.85 12.14 -13.25
CA ASP E 563 -1.61 12.31 -12.04
C ASP E 563 -3.10 12.15 -12.25
N VAL E 564 -3.54 11.63 -13.40
CA VAL E 564 -4.91 11.40 -13.81
C VAL E 564 -5.01 10.03 -14.47
N MET E 565 -5.88 9.15 -14.00
CA MET E 565 -5.99 7.78 -14.48
C MET E 565 -6.78 7.63 -15.78
N ALA E 566 -6.22 6.95 -16.78
CA ALA E 566 -6.86 6.63 -18.05
C ALA E 566 -7.56 5.28 -17.93
N VAL E 567 -8.76 5.12 -18.49
CA VAL E 567 -9.52 3.89 -18.38
C VAL E 567 -10.15 3.41 -19.68
N SER E 568 -10.42 2.11 -19.78
CA SER E 568 -11.00 1.44 -20.94
C SER E 568 -11.72 0.16 -20.53
N THR E 569 -12.65 -0.34 -21.35
CA THR E 569 -13.34 -1.59 -21.08
C THR E 569 -12.45 -2.80 -21.34
N CYS E 570 -12.71 -3.91 -20.63
CA CYS E 570 -12.04 -5.18 -20.82
C CYS E 570 -12.98 -6.14 -21.54
N VAL E 571 -12.46 -7.05 -22.36
CA VAL E 571 -13.22 -8.02 -23.12
C VAL E 571 -13.29 -9.37 -22.40
N PRO E 572 -14.45 -9.89 -22.03
CA PRO E 572 -14.55 -11.17 -21.37
C PRO E 572 -14.32 -12.34 -22.33
N VAL E 573 -13.70 -13.41 -21.82
CA VAL E 573 -13.37 -14.64 -22.51
C VAL E 573 -13.83 -15.82 -21.67
N ALA E 574 -14.59 -16.75 -22.27
CA ALA E 574 -15.09 -17.91 -21.57
C ALA E 574 -13.97 -18.86 -21.16
N PRO E 575 -14.03 -19.47 -19.97
CA PRO E 575 -12.95 -20.31 -19.47
C PRO E 575 -12.62 -21.54 -20.30
N ASP E 576 -13.55 -22.09 -21.08
CA ASP E 576 -13.29 -23.24 -21.93
C ASP E 576 -12.53 -22.89 -23.20
N ASN E 577 -12.40 -21.60 -23.52
CA ASN E 577 -11.66 -21.11 -24.66
C ASN E 577 -10.20 -20.77 -24.35
N VAL E 578 -9.70 -21.13 -23.17
CA VAL E 578 -8.33 -20.87 -22.74
C VAL E 578 -7.58 -22.16 -22.48
N ILE E 579 -6.33 -22.23 -22.93
CA ILE E 579 -5.42 -23.36 -22.79
C ILE E 579 -4.11 -22.86 -22.21
N VAL E 580 -3.53 -23.60 -21.26
CA VAL E 580 -2.28 -23.28 -20.62
C VAL E 580 -1.15 -24.13 -21.20
N GLN E 581 -0.01 -23.51 -21.52
CA GLN E 581 1.12 -24.19 -22.11
C GLN E 581 1.94 -24.98 -21.09
N ASN E 582 2.50 -26.12 -21.48
CA ASN E 582 3.21 -27.02 -20.60
C ASN E 582 4.50 -26.51 -19.96
N SER E 583 5.17 -25.49 -20.51
CA SER E 583 6.41 -24.99 -19.96
C SER E 583 6.50 -23.48 -20.01
N MET E 584 7.17 -22.90 -19.00
CA MET E 584 7.37 -21.46 -18.89
C MET E 584 8.83 -21.06 -18.94
N ARG E 585 9.69 -21.85 -19.61
CA ARG E 585 11.08 -21.53 -19.89
C ARG E 585 11.20 -20.88 -21.26
N VAL E 586 12.15 -19.97 -21.46
CA VAL E 586 12.40 -19.37 -22.76
C VAL E 586 13.36 -20.29 -23.52
N SER E 587 12.90 -20.93 -24.59
CA SER E 587 13.68 -21.88 -25.36
C SER E 587 14.96 -21.32 -25.98
N SER E 588 14.92 -20.08 -26.48
CA SER E 588 16.04 -19.42 -27.13
C SER E 588 17.04 -18.73 -26.21
N ARG E 589 16.72 -18.57 -24.92
CA ARG E 589 17.54 -17.90 -23.93
C ARG E 589 17.61 -18.75 -22.68
N PRO E 590 18.42 -19.82 -22.66
CA PRO E 590 18.48 -20.79 -21.57
C PRO E 590 18.54 -20.28 -20.13
N GLY E 591 19.14 -19.12 -19.85
CA GLY E 591 19.17 -18.58 -18.50
C GLY E 591 17.90 -17.85 -18.07
N THR E 592 16.92 -17.66 -18.95
CA THR E 592 15.71 -16.92 -18.71
C THR E 592 14.43 -17.74 -18.85
N CYS E 593 13.46 -17.41 -18.00
CA CYS E 593 12.14 -18.03 -17.87
C CYS E 593 11.06 -16.96 -17.77
N TYR E 594 9.81 -17.29 -18.09
CA TYR E 594 8.70 -16.37 -17.95
C TYR E 594 8.28 -16.32 -16.49
N SER E 595 7.83 -15.17 -15.98
CA SER E 595 7.43 -15.07 -14.59
C SER E 595 6.04 -15.64 -14.31
N ARG E 596 5.17 -15.67 -15.33
CA ARG E 596 3.81 -16.18 -15.28
C ARG E 596 3.54 -17.06 -16.48
N PRO E 597 2.60 -18.02 -16.39
CA PRO E 597 2.34 -18.99 -17.44
C PRO E 597 1.98 -18.43 -18.81
N LEU E 598 2.39 -19.14 -19.86
CA LEU E 598 2.03 -18.83 -21.23
C LEU E 598 0.68 -19.49 -21.52
N VAL E 599 -0.15 -18.86 -22.35
CA VAL E 599 -1.46 -19.37 -22.70
C VAL E 599 -1.75 -19.18 -24.19
N SER E 600 -2.83 -19.82 -24.63
CA SER E 600 -3.39 -19.76 -25.96
C SER E 600 -4.89 -19.69 -25.78
N PHE E 601 -5.59 -18.77 -26.46
CA PHE E 601 -7.02 -18.62 -26.30
C PHE E 601 -7.70 -18.11 -27.56
N ARG E 602 -9.02 -18.05 -27.55
CA ARG E 602 -9.83 -17.54 -28.66
C ARG E 602 -11.01 -16.75 -28.11
N TYR E 603 -11.37 -15.62 -28.72
CA TYR E 603 -12.48 -14.82 -28.24
C TYR E 603 -13.82 -15.50 -28.46
N GLU E 604 -13.96 -16.22 -29.58
CA GLU E 604 -15.14 -16.97 -29.99
C GLU E 604 -14.78 -18.42 -30.23
N ASP E 605 -15.74 -19.33 -30.02
CA ASP E 605 -15.58 -20.77 -30.08
C ASP E 605 -14.91 -21.35 -31.32
N GLN E 606 -14.94 -20.66 -32.47
CA GLN E 606 -14.32 -21.11 -33.71
C GLN E 606 -13.24 -20.16 -34.23
N GLY E 607 -12.90 -19.10 -33.49
CA GLY E 607 -11.87 -18.15 -33.89
C GLY E 607 -10.47 -18.73 -33.82
N PRO E 608 -9.49 -18.09 -34.46
CA PRO E 608 -8.10 -18.51 -34.43
C PRO E 608 -7.53 -18.37 -33.03
N LEU E 609 -6.49 -19.15 -32.70
CA LEU E 609 -5.89 -19.12 -31.39
C LEU E 609 -4.82 -18.04 -31.29
N ILE E 610 -5.02 -17.10 -30.36
CA ILE E 610 -4.14 -16.00 -30.02
C ILE E 610 -3.20 -16.48 -28.93
N GLU E 611 -1.90 -16.17 -29.06
CA GLU E 611 -0.89 -16.50 -28.07
C GLU E 611 -0.72 -15.36 -27.09
N GLY E 612 -0.70 -15.63 -25.79
CA GLY E 612 -0.55 -14.63 -24.76
C GLY E 612 0.11 -15.14 -23.48
N GLN E 613 -0.03 -14.37 -22.40
CA GLN E 613 0.51 -14.69 -21.10
C GLN E 613 -0.54 -14.42 -20.02
N LEU E 614 -0.56 -15.26 -18.99
CA LEU E 614 -1.50 -15.15 -17.88
C LEU E 614 -1.13 -14.01 -16.96
N GLY E 615 -1.98 -12.99 -16.88
CA GLY E 615 -1.81 -11.85 -15.99
C GLY E 615 -2.34 -12.16 -14.61
N GLU E 616 -2.62 -11.14 -13.80
CA GLU E 616 -3.19 -11.34 -12.48
C GLU E 616 -4.70 -11.45 -12.50
N ASN E 617 -5.26 -12.29 -11.62
CA ASN E 617 -6.69 -12.48 -11.46
C ASN E 617 -7.43 -12.66 -12.78
N ASN E 618 -7.14 -13.75 -13.50
CA ASN E 618 -7.75 -14.11 -14.77
C ASN E 618 -7.55 -13.14 -15.93
N GLU E 619 -6.69 -12.14 -15.82
CA GLU E 619 -6.40 -11.26 -16.95
C GLU E 619 -5.56 -12.01 -17.97
N LEU E 620 -5.81 -11.80 -19.26
CA LEU E 620 -5.05 -12.38 -20.36
C LEU E 620 -4.30 -11.25 -21.04
N ARG E 621 -2.97 -11.33 -21.12
CA ARG E 621 -2.13 -10.32 -21.76
C ARG E 621 -1.67 -10.82 -23.12
N LEU E 622 -1.62 -9.96 -24.14
CA LEU E 622 -1.24 -10.35 -25.47
C LEU E 622 0.26 -10.37 -25.72
N THR E 623 1.07 -9.82 -24.83
CA THR E 623 2.51 -9.74 -24.96
C THR E 623 3.22 -10.61 -23.93
N ARG E 624 3.92 -11.64 -24.39
CA ARG E 624 4.69 -12.56 -23.57
C ARG E 624 5.99 -11.91 -23.15
N ASP E 625 5.90 -10.84 -22.34
CA ASP E 625 7.02 -10.01 -21.93
C ASP E 625 7.45 -10.07 -20.47
N ALA E 626 6.70 -10.74 -19.58
CA ALA E 626 7.10 -10.84 -18.18
C ALA E 626 8.10 -11.97 -18.02
N LEU E 627 9.37 -11.63 -17.75
CA LEU E 627 10.49 -12.54 -17.64
C LEU E 627 11.27 -12.45 -16.34
N GLU E 628 12.04 -13.48 -16.04
CA GLU E 628 12.90 -13.67 -14.88
C GLU E 628 14.07 -14.59 -15.17
N PRO E 629 15.19 -14.48 -14.45
CA PRO E 629 16.26 -15.45 -14.56
C PRO E 629 15.78 -16.75 -13.90
N CYS E 630 16.03 -17.91 -14.52
CA CYS E 630 15.59 -19.18 -13.98
C CYS E 630 16.29 -19.52 -12.66
N THR E 631 15.54 -19.95 -11.65
CA THR E 631 16.01 -20.26 -10.31
C THR E 631 15.64 -21.67 -9.86
N VAL E 632 16.52 -22.33 -9.09
CA VAL E 632 16.29 -23.67 -8.58
C VAL E 632 15.21 -23.67 -7.50
N GLY E 633 14.40 -24.73 -7.43
CA GLY E 633 13.36 -24.88 -6.43
C GLY E 633 12.10 -24.06 -6.68
N HIS E 634 11.80 -23.68 -7.92
CA HIS E 634 10.63 -22.91 -8.28
C HIS E 634 9.34 -23.71 -8.10
N ARG E 635 8.37 -23.15 -7.35
CA ARG E 635 7.05 -23.68 -7.11
C ARG E 635 6.08 -22.52 -7.12
N ARG E 636 4.95 -22.59 -7.83
CA ARG E 636 3.99 -21.50 -7.92
C ARG E 636 2.57 -22.00 -8.16
N TYR E 637 1.59 -21.29 -7.60
CA TYR E 637 0.18 -21.52 -7.80
C TYR E 637 -0.38 -20.25 -8.41
N PHE E 638 -0.95 -20.27 -9.62
CA PHE E 638 -1.52 -19.09 -10.24
C PHE E 638 -3.03 -19.20 -10.32
N ILE E 639 -3.76 -18.10 -10.15
CA ILE E 639 -5.21 -18.09 -10.26
C ILE E 639 -5.58 -18.38 -11.71
N PHE E 640 -6.46 -19.34 -11.94
CA PHE E 640 -6.86 -19.73 -13.28
C PHE E 640 -8.28 -20.29 -13.32
N GLY E 641 -9.23 -19.48 -13.77
CA GLY E 641 -10.62 -19.83 -13.97
C GLY E 641 -11.34 -20.48 -12.79
N GLY E 642 -11.56 -19.75 -11.70
CA GLY E 642 -12.27 -20.28 -10.54
C GLY E 642 -11.53 -21.34 -9.74
N GLY E 643 -10.25 -21.55 -10.02
CA GLY E 643 -9.36 -22.48 -9.34
C GLY E 643 -7.93 -21.99 -9.45
N TYR E 644 -6.97 -22.89 -9.32
CA TYR E 644 -5.55 -22.59 -9.42
C TYR E 644 -4.89 -23.55 -10.41
N VAL E 645 -3.69 -23.19 -10.86
CA VAL E 645 -2.86 -24.00 -11.74
C VAL E 645 -1.47 -24.06 -11.12
N TYR E 646 -0.93 -25.26 -10.88
CA TYR E 646 0.34 -25.46 -10.21
C TYR E 646 1.48 -25.77 -11.16
N PHE E 647 2.56 -24.98 -11.04
CA PHE E 647 3.79 -25.07 -11.79
C PHE E 647 4.95 -25.38 -10.86
N GLU E 648 5.81 -26.32 -11.27
CA GLU E 648 6.97 -26.75 -10.52
C GLU E 648 8.16 -26.83 -11.46
N GLU E 649 9.28 -26.19 -11.10
CA GLU E 649 10.49 -26.14 -11.91
C GLU E 649 10.21 -25.67 -13.33
N TYR E 650 9.40 -24.62 -13.43
CA TYR E 650 8.95 -23.98 -14.66
C TYR E 650 8.14 -24.87 -15.59
N ALA E 651 7.57 -25.97 -15.11
CA ALA E 651 6.73 -26.88 -15.88
C ALA E 651 5.37 -27.06 -15.27
N TYR E 652 4.32 -27.10 -16.10
CA TYR E 652 2.94 -27.28 -15.69
C TYR E 652 2.71 -28.68 -15.16
N SER E 653 1.93 -28.84 -14.07
CA SER E 653 1.63 -30.14 -13.51
C SER E 653 0.15 -30.46 -13.37
N HIS E 654 -0.68 -29.62 -12.76
CA HIS E 654 -2.10 -29.88 -12.61
C HIS E 654 -2.90 -28.64 -12.21
N GLN E 655 -4.22 -28.77 -12.20
CA GLN E 655 -5.16 -27.75 -11.77
C GLN E 655 -5.83 -28.16 -10.45
N LEU E 656 -6.06 -27.19 -9.57
CA LEU E 656 -6.71 -27.38 -8.29
C LEU E 656 -8.04 -26.66 -8.20
N SER E 657 -9.00 -27.23 -7.48
CA SER E 657 -10.23 -26.54 -7.17
C SER E 657 -9.91 -25.56 -6.05
N ARG E 658 -10.61 -24.43 -5.94
CA ARG E 658 -10.35 -23.46 -4.90
C ARG E 658 -10.52 -24.04 -3.49
N ALA E 659 -11.29 -25.12 -3.37
CA ALA E 659 -11.51 -25.85 -2.13
C ALA E 659 -10.35 -26.74 -1.70
N ASP E 660 -9.32 -26.94 -2.54
CA ASP E 660 -8.19 -27.78 -2.24
C ASP E 660 -7.08 -27.08 -1.46
N VAL E 661 -7.16 -25.74 -1.34
CA VAL E 661 -6.22 -24.91 -0.61
C VAL E 661 -6.82 -24.50 0.72
N THR E 662 -6.02 -24.44 1.78
CA THR E 662 -6.49 -24.07 3.11
C THR E 662 -6.94 -22.62 3.18
N THR E 663 -8.06 -22.33 3.83
CA THR E 663 -8.53 -20.97 4.02
C THR E 663 -8.26 -20.55 5.46
N VAL E 664 -7.53 -19.46 5.64
CA VAL E 664 -7.13 -18.92 6.93
C VAL E 664 -8.30 -18.26 7.65
N SER E 665 -8.32 -18.31 8.98
CA SER E 665 -9.33 -17.68 9.80
C SER E 665 -8.79 -17.23 11.15
N THR E 666 -8.24 -18.13 11.97
CA THR E 666 -7.68 -17.86 13.27
C THR E 666 -6.41 -18.65 13.53
N PHE E 667 -5.64 -18.31 14.55
CA PHE E 667 -4.44 -19.06 14.88
C PHE E 667 -4.77 -20.50 15.26
N ILE E 668 -5.94 -20.79 15.84
CA ILE E 668 -6.32 -22.14 16.19
C ILE E 668 -6.41 -23.00 14.95
N ASP E 669 -6.91 -22.47 13.84
CA ASP E 669 -7.02 -23.18 12.58
C ASP E 669 -5.67 -23.49 11.96
N LEU E 670 -4.67 -22.62 12.19
CA LEU E 670 -3.33 -22.82 11.67
C LEU E 670 -2.41 -23.60 12.59
N ASN E 671 -2.47 -23.45 13.91
CA ASN E 671 -1.57 -24.14 14.82
C ASN E 671 -1.62 -25.65 14.66
N ILE E 672 -2.80 -26.18 14.29
CA ILE E 672 -3.02 -27.59 14.04
C ILE E 672 -2.53 -28.05 12.67
N THR E 673 -2.17 -27.12 11.77
CA THR E 673 -1.74 -27.41 10.41
C THR E 673 -0.30 -27.01 10.12
N MET E 674 0.16 -25.82 10.52
CA MET E 674 1.51 -25.35 10.26
C MET E 674 2.59 -26.25 10.85
N LEU E 675 3.76 -26.20 10.20
CA LEU E 675 4.96 -26.92 10.55
C LEU E 675 6.12 -25.93 10.64
N GLU E 676 7.21 -26.32 11.30
CA GLU E 676 8.41 -25.51 11.35
C GLU E 676 9.19 -25.86 10.08
N ASP E 677 8.89 -25.17 8.98
CA ASP E 677 9.48 -25.42 7.68
C ASP E 677 11.00 -25.43 7.72
N HIS E 678 11.60 -26.37 6.98
CA HIS E 678 13.03 -26.61 6.96
C HIS E 678 13.55 -26.79 5.54
N GLU E 679 14.31 -25.83 5.03
CA GLU E 679 14.83 -25.87 3.68
C GLU E 679 15.75 -27.06 3.38
N PHE E 680 15.64 -27.57 2.16
CA PHE E 680 16.38 -28.72 1.69
C PHE E 680 17.53 -28.42 0.74
N VAL E 681 17.61 -27.19 0.22
CA VAL E 681 18.62 -26.65 -0.67
C VAL E 681 19.05 -27.61 -1.78
N PRO E 682 18.24 -27.83 -2.81
CA PRO E 682 18.56 -28.72 -3.91
C PRO E 682 19.85 -28.37 -4.65
N LEU E 683 20.49 -29.40 -5.21
CA LEU E 683 21.74 -29.34 -5.95
C LEU E 683 21.56 -28.84 -7.38
N ALA F 90 -30.43 26.80 -21.74
CA ALA F 90 -29.39 27.70 -22.29
C ALA F 90 -28.63 28.45 -21.21
N THR F 91 -29.22 29.47 -20.58
CA THR F 91 -28.61 30.35 -19.60
C THR F 91 -27.86 29.68 -18.46
N LEU F 92 -28.31 28.54 -17.95
CA LEU F 92 -27.64 27.85 -16.87
C LEU F 92 -26.20 27.50 -17.22
N ARG F 93 -25.93 27.08 -18.46
CA ARG F 93 -24.58 26.76 -18.89
C ARG F 93 -23.67 27.99 -18.82
N ALA F 94 -24.19 29.19 -19.08
CA ALA F 94 -23.42 30.41 -18.97
C ALA F 94 -22.97 30.62 -17.53
N HIS F 95 -23.87 30.43 -16.56
CA HIS F 95 -23.55 30.53 -15.15
C HIS F 95 -22.54 29.46 -14.73
N LEU F 96 -22.71 28.22 -15.20
CA LEU F 96 -21.81 27.12 -14.91
C LEU F 96 -20.42 27.40 -15.47
N ARG F 97 -20.33 27.87 -16.72
CA ARG F 97 -19.10 28.23 -17.39
C ARG F 97 -18.37 29.35 -16.63
N GLU F 98 -19.13 30.32 -16.12
CA GLU F 98 -18.62 31.43 -15.34
C GLU F 98 -18.10 30.97 -13.99
N ILE F 99 -18.83 30.11 -13.28
CA ILE F 99 -18.43 29.56 -12.00
C ILE F 99 -17.23 28.64 -12.13
N LYS F 100 -17.09 27.93 -13.25
CA LYS F 100 -15.96 27.05 -13.55
C LYS F 100 -14.62 27.77 -13.60
N VAL F 101 -14.62 29.10 -13.64
CA VAL F 101 -13.43 29.93 -13.60
C VAL F 101 -12.91 30.09 -12.17
N GLU F 102 -13.75 29.93 -11.14
CA GLU F 102 -13.35 30.06 -9.75
C GLU F 102 -12.50 28.87 -9.29
N ASN F 103 -11.19 29.01 -9.39
CA ASN F 103 -10.22 28.01 -8.95
C ASN F 103 -10.08 28.03 -7.44
N ALA F 104 -9.73 26.88 -6.86
CA ALA F 104 -9.50 26.73 -5.44
C ALA F 104 -8.28 27.50 -4.97
N ASP F 105 -8.20 27.77 -3.66
CA ASP F 105 -7.10 28.48 -3.03
C ASP F 105 -5.88 27.59 -2.77
N ALA F 106 -5.48 26.81 -3.78
CA ALA F 106 -4.34 25.91 -3.74
C ALA F 106 -3.03 26.65 -3.87
N GLN F 107 -1.97 26.13 -3.24
CA GLN F 107 -0.64 26.70 -3.19
C GLN F 107 0.44 25.66 -3.42
N PHE F 108 1.63 26.10 -3.81
CA PHE F 108 2.78 25.24 -3.98
C PHE F 108 3.56 25.18 -2.68
N TYR F 109 4.37 24.14 -2.48
CA TYR F 109 5.15 23.97 -1.27
C TYR F 109 6.58 23.51 -1.55
N VAL F 110 7.57 24.18 -0.99
CA VAL F 110 8.96 23.78 -1.10
C VAL F 110 9.26 22.98 0.16
N CYS F 111 9.43 21.66 0.03
CA CYS F 111 9.66 20.79 1.16
C CYS F 111 11.13 20.35 1.17
N PRO F 112 12.01 21.02 1.91
CA PRO F 112 13.41 20.64 1.98
C PRO F 112 13.58 19.31 2.71
N PRO F 113 14.64 18.54 2.45
CA PRO F 113 14.86 17.25 3.07
C PRO F 113 15.18 17.37 4.56
N PRO F 114 14.53 16.61 5.44
CA PRO F 114 14.81 16.65 6.87
C PRO F 114 16.21 16.19 7.21
N THR F 115 16.84 16.78 8.23
CA THR F 115 18.18 16.46 8.68
C THR F 115 18.23 15.53 9.89
N GLY F 116 17.08 15.23 10.50
CA GLY F 116 17.01 14.39 11.68
C GLY F 116 17.03 15.18 12.98
N ALA F 117 16.89 16.50 12.95
CA ALA F 117 16.83 17.32 14.15
C ALA F 117 15.53 17.09 14.92
N THR F 118 14.51 16.49 14.29
CA THR F 118 13.24 16.12 14.89
C THR F 118 12.80 14.78 14.31
N VAL F 119 12.73 13.74 15.13
CA VAL F 119 12.29 12.42 14.73
C VAL F 119 11.07 12.02 15.55
N VAL F 120 10.13 11.31 14.94
CA VAL F 120 8.92 10.84 15.57
C VAL F 120 8.70 9.36 15.30
N GLN F 121 8.19 8.65 16.31
CA GLN F 121 7.87 7.25 16.21
C GLN F 121 6.39 7.05 15.93
N PHE F 122 6.04 5.78 15.69
CA PHE F 122 4.70 5.32 15.39
C PHE F 122 4.49 3.94 15.99
N GLU F 123 3.22 3.57 16.19
CA GLU F 123 2.87 2.29 16.80
C GLU F 123 3.13 1.08 15.90
N GLN F 124 3.42 -0.04 16.56
CA GLN F 124 3.63 -1.33 15.94
C GLN F 124 2.50 -2.27 16.35
N PRO F 125 1.95 -3.10 15.45
CA PRO F 125 0.89 -4.02 15.82
C PRO F 125 1.39 -4.97 16.90
N ARG F 126 0.50 -5.34 17.82
CA ARG F 126 0.79 -6.12 19.00
C ARG F 126 0.01 -7.42 19.13
N ARG F 127 0.41 -8.29 20.06
CA ARG F 127 -0.26 -9.53 20.38
C ARG F 127 -1.64 -9.20 20.92
N CYS F 128 -2.69 -9.52 20.19
CA CYS F 128 -4.05 -9.23 20.62
C CYS F 128 -4.54 -10.30 21.60
N PRO F 129 -5.03 -9.95 22.79
CA PRO F 129 -5.48 -10.93 23.76
C PRO F 129 -6.80 -11.59 23.36
N THR F 130 -7.03 -12.80 23.86
CA THR F 130 -8.25 -13.56 23.63
C THR F 130 -9.30 -13.23 24.69
N ARG F 131 -10.58 -13.30 24.33
CA ARG F 131 -11.70 -12.97 25.20
C ARG F 131 -11.72 -13.65 26.57
N PRO F 132 -11.23 -14.88 26.75
CA PRO F 132 -11.17 -15.51 28.06
C PRO F 132 -10.27 -14.81 29.05
N GLU F 133 -9.29 -14.02 28.60
CA GLU F 133 -8.37 -13.28 29.45
C GLU F 133 -9.01 -12.02 30.02
N GLY F 134 -8.44 -11.53 31.14
CA GLY F 134 -8.88 -10.34 31.82
C GLY F 134 -10.05 -10.52 32.76
N GLN F 135 -10.06 -9.76 33.84
CA GLN F 135 -11.06 -9.76 34.90
C GLN F 135 -11.36 -8.34 35.37
N ASN F 136 -12.43 -8.18 36.18
CA ASN F 136 -12.85 -6.89 36.71
C ASN F 136 -13.03 -5.80 35.66
N TYR F 137 -13.62 -6.14 34.51
CA TYR F 137 -13.85 -5.17 33.46
C TYR F 137 -14.81 -4.06 33.91
N THR F 138 -14.51 -2.83 33.49
CA THR F 138 -15.28 -1.64 33.74
C THR F 138 -15.01 -0.60 32.67
N GLU F 139 -16.00 0.27 32.41
CA GLU F 139 -15.87 1.39 31.50
C GLU F 139 -15.73 2.67 32.31
N GLY F 140 -15.12 3.71 31.74
CA GLY F 140 -14.92 4.98 32.41
C GLY F 140 -14.32 6.07 31.53
N ILE F 141 -14.24 7.29 32.07
CA ILE F 141 -13.64 8.43 31.40
C ILE F 141 -12.17 8.48 31.81
N ALA F 142 -11.27 8.82 30.89
CA ALA F 142 -9.85 8.92 31.18
C ALA F 142 -9.23 10.19 30.61
N VAL F 143 -8.21 10.71 31.29
CA VAL F 143 -7.45 11.87 30.84
C VAL F 143 -5.98 11.52 30.98
N VAL F 144 -5.27 11.47 29.84
CA VAL F 144 -3.87 11.08 29.80
C VAL F 144 -2.96 12.30 29.74
N PHE F 145 -1.97 12.31 30.65
CA PHE F 145 -0.94 13.32 30.75
C PHE F 145 0.41 12.69 30.45
N LYS F 146 1.38 13.50 30.01
CA LYS F 146 2.74 13.10 29.74
C LYS F 146 3.71 14.15 30.24
N GLU F 147 4.98 13.78 30.43
CA GLU F 147 6.00 14.69 30.93
C GLU F 147 6.13 15.93 30.05
N ASN F 148 6.05 17.10 30.68
CA ASN F 148 6.19 18.38 30.00
C ASN F 148 7.66 18.74 29.87
N ILE F 149 8.19 18.69 28.65
CA ILE F 149 9.57 19.02 28.36
C ILE F 149 9.76 20.49 27.98
N ALA F 150 8.67 21.24 27.80
CA ALA F 150 8.65 22.65 27.49
C ALA F 150 9.72 23.11 26.51
N PRO F 151 9.62 22.75 25.22
CA PRO F 151 10.61 23.12 24.24
C PRO F 151 10.83 24.62 24.14
N TYR F 152 12.10 25.03 24.01
CA TYR F 152 12.52 26.41 23.88
C TYR F 152 13.20 26.58 22.53
N LYS F 153 12.50 27.18 21.57
CA LYS F 153 12.99 27.43 20.22
C LYS F 153 13.58 28.83 20.16
N PHE F 154 14.74 28.99 19.50
CA PHE F 154 15.42 30.26 19.33
C PHE F 154 16.22 30.29 18.04
N LYS F 155 16.80 31.44 17.69
CA LYS F 155 17.60 31.62 16.49
C LYS F 155 19.08 31.67 16.83
N ALA F 156 19.90 30.96 16.04
CA ALA F 156 21.34 30.88 16.18
C ALA F 156 22.01 31.11 14.84
N THR F 157 23.23 31.68 14.83
CA THR F 157 23.97 31.96 13.62
C THR F 157 25.27 31.17 13.60
N MET F 158 25.55 30.46 12.50
CA MET F 158 26.76 29.68 12.33
C MET F 158 27.75 30.42 11.44
N TYR F 159 29.05 30.41 11.76
CA TYR F 159 30.08 31.05 10.98
C TYR F 159 31.20 30.06 10.67
N TYR F 160 31.54 29.86 9.39
CA TYR F 160 32.58 28.94 9.00
C TYR F 160 33.21 29.29 7.67
N LYS F 161 34.37 28.68 7.40
CA LYS F 161 35.18 28.84 6.20
C LYS F 161 35.30 27.51 5.48
N ASP F 162 35.06 27.50 4.17
CA ASP F 162 35.28 26.38 3.28
C ASP F 162 36.63 26.56 2.61
N VAL F 163 37.43 25.48 2.52
CA VAL F 163 38.74 25.48 1.91
C VAL F 163 38.81 24.33 0.92
N THR F 164 39.34 24.58 -0.29
CA THR F 164 39.46 23.60 -1.35
C THR F 164 40.86 23.44 -1.91
N VAL F 165 41.80 24.25 -1.41
CA VAL F 165 43.19 24.39 -1.77
C VAL F 165 43.38 24.91 -3.19
N ILE F 180 40.28 20.36 -4.79
CA ILE F 180 41.45 19.46 -4.73
C ILE F 180 41.46 18.76 -3.37
N PHE F 181 41.70 19.48 -2.28
CA PHE F 181 41.66 18.96 -0.92
C PHE F 181 40.60 19.76 -0.16
N GLU F 182 39.47 19.12 0.12
CA GLU F 182 38.32 19.75 0.76
C GLU F 182 38.40 19.78 2.28
N ASP F 183 38.20 20.94 2.89
CA ASP F 183 38.21 21.14 4.32
C ASP F 183 37.26 22.24 4.79
N ARG F 184 36.94 22.25 6.09
CA ARG F 184 36.00 23.12 6.77
C ARG F 184 36.61 23.63 8.08
N ALA F 185 36.44 24.92 8.41
CA ALA F 185 36.99 25.48 9.63
C ALA F 185 36.14 26.57 10.27
N PRO F 186 36.18 26.76 11.59
CA PRO F 186 35.43 27.79 12.28
C PRO F 186 36.04 29.18 12.16
N VAL F 187 35.21 30.22 12.18
CA VAL F 187 35.63 31.61 12.14
C VAL F 187 35.88 32.10 13.56
N PRO F 188 37.10 32.49 13.97
CA PRO F 188 37.37 32.91 15.33
C PRO F 188 36.60 34.17 15.75
N PHE F 189 36.40 34.33 17.06
CA PHE F 189 35.64 35.43 17.64
C PHE F 189 36.08 36.81 17.18
N GLU F 190 37.39 37.04 17.03
CA GLU F 190 37.93 38.32 16.63
C GLU F 190 37.47 38.68 15.22
N GLU F 191 37.38 37.70 14.31
CA GLU F 191 36.90 37.92 12.97
C GLU F 191 35.40 38.17 12.96
N VAL F 192 34.63 37.46 13.80
CA VAL F 192 33.19 37.66 13.88
C VAL F 192 32.86 39.04 14.42
N ILE F 193 33.51 39.48 15.51
CA ILE F 193 33.21 40.77 16.11
C ILE F 193 33.82 41.94 15.36
N ASP F 194 35.11 41.89 15.03
CA ASP F 194 35.83 43.00 14.43
C ASP F 194 35.72 43.14 12.92
N LYS F 195 35.21 42.15 12.19
CA LYS F 195 35.06 42.24 10.75
C LYS F 195 33.67 41.87 10.25
N ILE F 196 33.09 40.74 10.67
CA ILE F 196 31.77 40.37 10.20
C ILE F 196 30.71 41.31 10.77
N ASN F 197 30.57 41.45 12.10
CA ASN F 197 29.57 42.35 12.64
C ASN F 197 29.92 43.82 12.45
N ALA F 198 31.21 44.19 12.52
CA ALA F 198 31.60 45.57 12.38
C ALA F 198 31.47 46.14 10.98
N LYS F 199 31.78 45.35 9.94
CA LYS F 199 31.84 45.82 8.57
C LYS F 199 31.17 44.94 7.52
N GLY F 200 30.79 43.70 7.82
CA GLY F 200 30.18 42.80 6.86
C GLY F 200 31.18 42.13 5.92
N VAL F 201 32.41 41.93 6.37
CA VAL F 201 33.48 41.35 5.59
C VAL F 201 34.25 40.26 6.34
N CYS F 202 34.85 39.32 5.61
CA CYS F 202 35.67 38.25 6.14
C CYS F 202 37.09 38.37 5.59
N ARG F 203 38.08 37.74 6.23
CA ARG F 203 39.44 37.69 5.72
C ARG F 203 39.56 36.62 4.65
N SER F 204 40.34 36.90 3.59
CA SER F 204 40.65 35.96 2.53
C SER F 204 41.36 34.72 3.06
N THR F 205 42.06 34.82 4.19
CA THR F 205 42.80 33.77 4.85
C THR F 205 41.95 32.83 5.68
N ALA F 206 42.40 31.58 5.81
CA ALA F 206 41.76 30.54 6.59
C ALA F 206 42.72 29.49 7.09
N LYS F 207 42.82 29.29 8.41
CA LYS F 207 43.62 28.25 9.01
C LYS F 207 42.92 26.91 8.90
N TYR F 208 43.66 25.87 8.51
CA TYR F 208 43.21 24.50 8.37
C TYR F 208 44.32 23.54 8.75
N VAL F 209 44.06 22.23 8.75
CA VAL F 209 45.02 21.22 9.12
C VAL F 209 45.13 20.14 8.04
N ARG F 210 46.36 19.87 7.61
CA ARG F 210 46.71 18.86 6.61
C ARG F 210 47.85 18.03 7.17
N ASN F 211 47.72 16.70 7.13
CA ASN F 211 48.70 15.76 7.64
C ASN F 211 49.09 16.07 9.09
N ASN F 212 48.10 16.42 9.90
CA ASN F 212 48.19 16.80 11.30
C ASN F 212 48.95 18.08 11.60
N MET F 213 49.31 18.88 10.59
CA MET F 213 50.01 20.14 10.70
C MET F 213 49.14 21.32 10.28
N GLU F 214 49.26 22.45 10.97
CA GLU F 214 48.54 23.66 10.64
C GLU F 214 49.08 24.30 9.38
N THR F 215 48.16 24.76 8.52
CA THR F 215 48.42 25.41 7.25
C THR F 215 47.42 26.54 7.02
N THR F 216 47.83 27.61 6.36
CA THR F 216 46.99 28.76 6.07
C THR F 216 46.69 28.86 4.59
N ALA F 217 45.41 28.75 4.23
CA ALA F 217 44.93 28.90 2.86
C ALA F 217 44.67 30.36 2.54
N PHE F 218 44.64 30.70 1.25
CA PHE F 218 44.39 32.04 0.74
C PHE F 218 43.49 31.98 -0.49
N HIS F 219 42.60 32.96 -0.67
CA HIS F 219 41.73 33.01 -1.83
C HIS F 219 42.55 33.27 -3.08
N ARG F 220 42.61 32.30 -4.01
CA ARG F 220 43.37 32.34 -5.25
C ARG F 220 44.84 32.68 -5.05
N ASP F 221 45.42 32.21 -3.94
CA ASP F 221 46.80 32.41 -3.53
C ASP F 221 47.24 33.86 -3.36
N ASP F 222 46.29 34.80 -3.34
CA ASP F 222 46.51 36.22 -3.13
C ASP F 222 46.81 36.52 -1.66
N HIS F 223 47.19 37.76 -1.34
CA HIS F 223 47.47 38.19 0.01
C HIS F 223 46.20 38.34 0.85
N GLU F 224 46.35 38.51 2.16
CA GLU F 224 45.22 38.73 3.04
C GLU F 224 44.54 40.04 2.69
N THR F 225 43.21 40.01 2.49
CA THR F 225 42.37 41.12 2.12
C THR F 225 40.93 40.83 2.52
N ASP F 226 40.15 41.87 2.79
CA ASP F 226 38.75 41.76 3.16
C ASP F 226 37.85 41.41 1.98
N MET F 227 36.87 40.54 2.20
CA MET F 227 35.91 40.08 1.23
C MET F 227 34.50 40.31 1.74
N GLU F 228 33.61 40.92 0.95
CA GLU F 228 32.26 41.21 1.38
C GLU F 228 31.32 40.00 1.30
N LEU F 229 30.40 39.92 2.25
CA LEU F 229 29.39 38.88 2.32
C LEU F 229 28.16 39.30 1.52
N LYS F 230 27.69 38.42 0.63
CA LYS F 230 26.56 38.64 -0.25
C LYS F 230 25.48 37.60 0.03
N PRO F 231 24.19 37.97 0.04
CA PRO F 231 23.12 37.04 0.34
C PRO F 231 23.03 35.89 -0.64
N ALA F 232 22.70 34.69 -0.12
CA ALA F 232 22.54 33.49 -0.91
C ALA F 232 21.33 33.56 -1.82
N LYS F 233 21.41 32.92 -2.99
CA LYS F 233 20.37 32.96 -4.00
C LYS F 233 19.15 32.14 -3.65
N VAL F 234 19.35 30.86 -3.31
CA VAL F 234 18.32 29.88 -3.03
C VAL F 234 17.72 29.91 -1.64
N ALA F 235 18.33 30.63 -0.69
CA ALA F 235 17.86 30.70 0.68
C ALA F 235 16.47 31.30 0.85
N THR F 236 15.72 30.70 1.77
CA THR F 236 14.37 31.11 2.14
C THR F 236 14.42 32.38 2.98
N ARG F 237 13.35 33.17 3.01
CA ARG F 237 13.26 34.39 3.81
C ARG F 237 13.59 34.15 5.27
N THR F 238 13.22 32.98 5.81
CA THR F 238 13.46 32.58 7.18
C THR F 238 14.89 32.10 7.43
N SER F 239 15.36 31.06 6.75
CA SER F 239 16.71 30.53 6.91
C SER F 239 17.76 31.29 6.10
N ARG F 240 17.72 32.61 6.15
CA ARG F 240 18.59 33.54 5.47
C ARG F 240 20.08 33.27 5.72
N GLY F 241 20.91 33.52 4.71
CA GLY F 241 22.34 33.29 4.76
C GLY F 241 23.13 34.12 3.76
N TRP F 242 24.45 34.17 3.92
CA TRP F 242 25.37 34.94 3.12
C TRP F 242 26.71 34.24 2.90
N HIS F 243 27.43 34.58 1.83
CA HIS F 243 28.74 34.05 1.51
C HIS F 243 29.57 35.03 0.70
N THR F 244 30.89 34.85 0.68
CA THR F 244 31.81 35.74 -0.02
C THR F 244 32.01 35.47 -1.49
N THR F 245 31.65 34.30 -2.02
CA THR F 245 31.86 33.94 -3.41
C THR F 245 30.59 33.43 -4.09
N ASP F 246 30.61 33.38 -5.42
CA ASP F 246 29.56 32.91 -6.31
C ASP F 246 28.18 33.48 -6.03
N THR F 263 40.68 27.32 -3.62
CA THR F 263 39.93 28.53 -3.21
C THR F 263 39.54 28.46 -1.75
N VAL F 264 38.97 29.55 -1.23
CA VAL F 264 38.50 29.72 0.13
C VAL F 264 37.20 30.53 0.12
N ASN F 265 36.20 30.19 0.93
CA ASN F 265 34.93 30.88 0.98
C ASN F 265 34.38 31.00 2.40
N CYS F 266 34.02 32.22 2.82
CA CYS F 266 33.44 32.51 4.12
C CYS F 266 31.92 32.37 4.02
N ILE F 267 31.29 31.74 5.02
CA ILE F 267 29.86 31.50 5.05
C ILE F 267 29.26 31.89 6.40
N VAL F 268 28.06 32.46 6.38
CA VAL F 268 27.31 32.88 7.54
C VAL F 268 25.85 32.46 7.33
N GLU F 269 25.26 31.70 8.26
CA GLU F 269 23.90 31.20 8.11
C GLU F 269 23.11 31.31 9.40
N GLU F 270 21.87 31.80 9.32
CA GLU F 270 20.97 31.92 10.45
C GLU F 270 20.04 30.73 10.44
N VAL F 271 20.01 29.92 11.52
CA VAL F 271 19.24 28.70 11.61
C VAL F 271 18.43 28.59 12.90
N ASP F 272 17.40 27.76 12.87
CA ASP F 272 16.60 27.46 14.06
C ASP F 272 17.38 26.56 15.00
N ALA F 273 17.14 26.70 16.31
CA ALA F 273 17.74 25.89 17.34
C ALA F 273 16.68 25.54 18.38
N ARG F 274 16.76 24.37 19.02
CA ARG F 274 15.80 23.93 20.02
C ARG F 274 16.49 23.31 21.22
N SER F 275 16.00 23.62 22.42
CA SER F 275 16.47 23.07 23.69
C SER F 275 15.26 22.61 24.49
N VAL F 276 15.32 21.47 25.18
CA VAL F 276 14.24 20.92 25.97
C VAL F 276 14.72 20.66 27.40
N TYR F 277 13.80 20.67 28.37
CA TYR F 277 14.13 20.49 29.78
C TYR F 277 15.07 19.30 30.00
N PRO F 278 16.11 19.39 30.81
CA PRO F 278 16.56 20.48 31.66
C PRO F 278 17.28 21.65 31.01
N TYR F 279 17.35 21.71 29.68
CA TYR F 279 18.04 22.73 28.92
C TYR F 279 19.56 22.69 29.07
N ASP F 280 20.15 21.49 29.11
CA ASP F 280 21.58 21.30 29.21
C ASP F 280 22.30 21.35 27.87
N GLU F 281 21.56 21.21 26.76
CA GLU F 281 22.05 21.20 25.39
C GLU F 281 21.03 21.84 24.44
N PHE F 282 21.41 22.01 23.17
CA PHE F 282 20.50 22.41 22.12
C PHE F 282 20.90 21.76 20.80
N VAL F 283 19.93 21.57 19.90
CA VAL F 283 20.14 21.01 18.58
C VAL F 283 19.89 22.09 17.55
N LEU F 284 20.70 22.13 16.48
CA LEU F 284 20.59 23.08 15.39
C LEU F 284 19.78 22.46 14.26
N ALA F 285 19.21 23.28 13.35
CA ALA F 285 18.47 22.78 12.22
C ALA F 285 19.28 21.88 11.30
N THR F 286 20.60 21.86 11.42
CA THR F 286 21.51 21.01 10.68
C THR F 286 21.57 19.58 11.20
N GLY F 287 20.96 19.31 12.35
CA GLY F 287 20.96 18.01 13.01
C GLY F 287 22.10 17.87 14.01
N ASP F 288 22.98 18.88 14.16
CA ASP F 288 24.08 18.86 15.09
C ASP F 288 23.69 19.34 16.48
N PHE F 289 24.27 18.71 17.51
CA PHE F 289 24.07 19.07 18.90
C PHE F 289 25.20 19.96 19.41
N VAL F 290 24.87 20.76 20.42
CA VAL F 290 25.80 21.63 21.11
C VAL F 290 25.65 21.35 22.60
N TYR F 291 26.67 20.79 23.25
CA TYR F 291 26.64 20.38 24.63
C TYR F 291 26.91 21.50 25.63
N MET F 292 26.10 22.56 25.54
CA MET F 292 26.15 23.73 26.38
C MET F 292 24.72 24.25 26.55
N SER F 293 24.33 24.70 27.73
CA SER F 293 23.00 25.22 27.95
C SER F 293 22.79 26.55 27.24
N PRO F 294 21.64 26.80 26.59
CA PRO F 294 21.40 28.08 25.94
C PRO F 294 21.44 29.26 26.89
N PHE F 295 21.27 29.00 28.19
CA PHE F 295 21.26 29.98 29.26
C PHE F 295 22.62 30.21 29.92
N TYR F 296 23.66 29.48 29.52
CA TYR F 296 25.00 29.64 30.06
C TYR F 296 25.54 31.04 29.77
N GLY F 297 26.37 31.57 30.68
CA GLY F 297 26.96 32.89 30.57
C GLY F 297 27.76 33.25 31.82
N TYR F 298 28.48 34.37 31.79
CA TYR F 298 29.27 34.81 32.92
C TYR F 298 28.47 35.48 34.04
N ARG F 299 27.18 35.74 33.82
CA ARG F 299 26.28 36.34 34.79
C ARG F 299 26.13 35.50 36.04
N GLU F 300 25.74 36.13 37.15
CA GLU F 300 25.58 35.50 38.45
C GLU F 300 24.75 34.23 38.46
N GLY F 301 23.58 34.23 37.80
CA GLY F 301 22.71 33.07 37.72
C GLY F 301 22.96 32.15 36.54
N SER F 302 24.03 32.39 35.76
CA SER F 302 24.31 31.64 34.55
C SER F 302 25.59 30.81 34.52
N HIS F 303 26.64 31.18 35.26
CA HIS F 303 27.87 30.41 35.25
C HIS F 303 27.74 29.05 35.91
N THR F 304 26.60 28.73 36.51
CA THR F 304 26.27 27.45 37.12
C THR F 304 25.53 26.51 36.19
N GLU F 305 25.14 26.95 34.98
CA GLU F 305 24.49 26.12 34.00
C GLU F 305 25.45 25.10 33.41
N HIS F 306 24.96 24.14 32.62
CA HIS F 306 25.81 23.12 32.04
C HIS F 306 26.64 23.55 30.84
N THR F 307 27.85 22.99 30.74
CA THR F 307 28.79 23.17 29.65
C THR F 307 29.77 22.01 29.62
N SER F 308 30.10 21.53 28.42
CA SER F 308 31.09 20.48 28.21
C SER F 308 32.41 21.01 27.64
N TYR F 309 32.49 22.29 27.26
CA TYR F 309 33.64 22.89 26.61
C TYR F 309 34.54 23.70 27.55
N ALA F 310 35.84 23.76 27.25
CA ALA F 310 36.78 24.56 28.00
C ALA F 310 36.43 26.04 27.90
N ALA F 311 36.76 26.83 28.92
CA ALA F 311 36.49 28.25 28.97
C ALA F 311 37.02 29.03 27.76
N ASP F 312 38.13 28.57 27.18
CA ASP F 312 38.76 29.18 26.02
C ASP F 312 37.92 29.08 24.75
N ARG F 313 36.94 28.18 24.69
CA ARG F 313 36.05 27.98 23.56
C ARG F 313 34.77 28.80 23.62
N PHE F 314 34.53 29.59 24.67
CA PHE F 314 33.33 30.38 24.83
C PHE F 314 33.65 31.83 25.15
N LYS F 315 32.84 32.76 24.64
CA LYS F 315 32.97 34.18 24.85
C LYS F 315 31.58 34.82 24.89
N GLN F 316 31.35 35.70 25.87
CA GLN F 316 30.10 36.44 26.03
C GLN F 316 30.40 37.92 25.92
N VAL F 317 29.64 38.63 25.08
CA VAL F 317 29.78 40.04 24.82
C VAL F 317 28.54 40.79 25.31
N ASP F 318 28.71 41.65 26.31
CA ASP F 318 27.67 42.52 26.80
C ASP F 318 27.68 43.82 26.02
N GLY F 319 26.50 44.41 25.76
CA GLY F 319 26.41 45.65 25.02
C GLY F 319 26.70 45.49 23.54
N PHE F 320 26.40 44.32 22.97
CA PHE F 320 26.59 44.01 21.56
C PHE F 320 25.48 44.62 20.71
N TYR F 321 25.87 45.27 19.61
CA TYR F 321 24.97 45.89 18.64
C TYR F 321 25.12 45.19 17.30
N ALA F 322 24.09 44.42 16.92
CA ALA F 322 24.06 43.68 15.68
C ALA F 322 23.98 44.56 14.45
N ARG F 323 24.42 44.07 13.30
CA ARG F 323 24.39 44.74 12.02
C ARG F 323 23.95 43.73 10.95
N ASP F 324 22.84 44.01 10.27
CA ASP F 324 22.32 43.11 9.26
C ASP F 324 23.23 43.01 8.03
N LEU F 325 23.59 41.79 7.64
CA LEU F 325 24.42 41.54 6.48
C LEU F 325 23.74 41.88 5.15
N THR F 326 22.47 42.29 5.17
CA THR F 326 21.70 42.70 4.00
C THR F 326 21.52 44.21 3.99
N THR F 327 20.72 44.78 4.91
CA THR F 327 20.45 46.20 4.96
C THR F 327 21.61 47.05 5.46
N LYS F 328 22.62 46.46 6.08
CA LYS F 328 23.77 47.11 6.68
C LYS F 328 23.40 48.06 7.81
N ALA F 329 22.16 47.99 8.30
CA ALA F 329 21.65 48.79 9.40
C ALA F 329 22.07 48.20 10.74
N ARG F 330 22.56 49.05 11.64
CA ARG F 330 22.94 48.67 12.99
C ARG F 330 21.74 48.77 13.91
N ALA F 331 21.58 47.78 14.81
CA ALA F 331 20.49 47.71 15.76
C ALA F 331 20.44 48.91 16.69
N THR F 332 19.23 49.31 17.07
CA THR F 332 18.96 50.45 17.93
C THR F 332 19.07 50.18 19.42
N SER F 333 19.29 48.95 19.85
CA SER F 333 19.40 48.58 21.25
C SER F 333 20.47 47.53 21.51
N PRO F 334 21.15 47.58 22.66
CA PRO F 334 22.18 46.63 23.03
C PRO F 334 21.60 45.28 23.42
N THR F 335 22.41 44.24 23.31
CA THR F 335 22.10 42.86 23.64
C THR F 335 23.31 42.15 24.23
N THR F 336 23.11 41.00 24.87
CA THR F 336 24.19 40.16 25.34
C THR F 336 24.31 38.99 24.37
N ARG F 337 25.43 38.83 23.68
CA ARG F 337 25.62 37.77 22.70
C ARG F 337 26.65 36.74 23.16
N ASN F 338 26.28 35.47 23.09
CA ASN F 338 27.12 34.32 23.37
C ASN F 338 27.76 33.84 22.08
N LEU F 339 29.02 33.42 22.11
CA LEU F 339 29.76 32.86 21.00
C LEU F 339 30.48 31.60 21.48
N LEU F 340 30.47 30.53 20.70
CA LEU F 340 31.09 29.26 21.04
C LEU F 340 31.81 28.67 19.84
N THR F 341 33.06 28.22 19.99
CA THR F 341 33.83 27.63 18.90
C THR F 341 33.83 26.10 18.93
N THR F 342 33.13 25.50 17.98
CA THR F 342 33.11 24.06 17.76
C THR F 342 34.16 23.76 16.70
N PRO F 343 34.81 22.60 16.66
CA PRO F 343 35.83 22.28 15.68
C PRO F 343 35.43 22.35 14.20
N LYS F 344 34.17 22.64 13.86
CA LYS F 344 33.68 22.76 12.50
C LYS F 344 32.99 24.08 12.18
N PHE F 345 32.66 24.92 13.16
CA PHE F 345 32.01 26.20 12.99
C PHE F 345 31.90 26.92 14.32
N THR F 346 31.75 28.25 14.33
CA THR F 346 31.41 28.93 15.57
C THR F 346 29.91 29.18 15.54
N VAL F 347 29.27 29.13 16.70
CA VAL F 347 27.85 29.38 16.85
C VAL F 347 27.68 30.59 17.76
N ALA F 348 26.70 31.45 17.45
CA ALA F 348 26.39 32.57 18.29
C ALA F 348 24.88 32.71 18.43
N TRP F 349 24.42 33.18 19.60
CA TRP F 349 23.01 33.36 19.91
C TRP F 349 22.85 34.45 20.96
N ASP F 350 21.68 35.08 20.99
CA ASP F 350 21.40 36.13 21.96
C ASP F 350 21.03 35.49 23.28
N TRP F 351 21.72 35.87 24.36
CA TRP F 351 21.44 35.37 25.69
C TRP F 351 20.27 36.09 26.32
N VAL F 352 19.44 35.33 27.05
CA VAL F 352 18.28 35.78 27.80
C VAL F 352 18.19 34.96 29.08
N PRO F 353 17.70 35.50 30.19
CA PRO F 353 17.59 34.75 31.43
C PRO F 353 16.61 33.59 31.27
N LYS F 354 16.84 32.51 32.02
CA LYS F 354 16.03 31.30 31.95
C LYS F 354 14.56 31.57 32.23
N ARG F 355 13.69 30.91 31.45
CA ARG F 355 12.25 30.99 31.59
C ARG F 355 11.81 30.44 32.93
N PRO F 356 10.78 31.00 33.59
CA PRO F 356 10.30 30.48 34.86
C PRO F 356 9.70 29.09 34.70
N ALA F 357 9.65 28.31 35.78
CA ALA F 357 9.14 26.96 35.77
C ALA F 357 7.66 26.86 35.42
N VAL F 358 7.23 25.67 34.98
CA VAL F 358 5.89 25.32 34.58
C VAL F 358 5.51 23.93 35.09
N CYS F 359 4.23 23.57 34.99
CA CYS F 359 3.71 22.29 35.42
C CYS F 359 4.49 21.13 34.81
N THR F 360 4.81 20.13 35.62
CA THR F 360 5.59 18.97 35.24
C THR F 360 4.95 18.06 34.20
N MET F 361 3.63 18.08 34.04
CA MET F 361 2.92 17.28 33.04
C MET F 361 1.99 18.16 32.22
N THR F 362 1.73 17.71 30.99
CA THR F 362 0.82 18.35 30.06
C THR F 362 -0.29 17.39 29.67
N LYS F 363 -1.52 17.91 29.54
CA LYS F 363 -2.69 17.13 29.18
C LYS F 363 -2.61 16.76 27.70
N TRP F 364 -2.27 15.50 27.43
CA TRP F 364 -2.09 14.97 26.09
C TRP F 364 -3.36 14.51 25.41
N GLN F 365 -4.21 13.74 26.09
CA GLN F 365 -5.44 13.20 25.55
C GLN F 365 -6.61 13.21 26.52
N GLU F 366 -7.81 13.43 25.99
CA GLU F 366 -9.08 13.37 26.68
C GLU F 366 -9.81 12.20 26.04
N VAL F 367 -9.91 11.06 26.74
CA VAL F 367 -10.49 9.84 26.22
C VAL F 367 -11.94 9.69 26.65
N ASP F 368 -12.82 9.78 25.65
CA ASP F 368 -14.28 9.76 25.75
C ASP F 368 -14.84 8.49 26.38
N GLU F 369 -14.24 7.33 26.13
CA GLU F 369 -14.60 6.06 26.71
C GLU F 369 -13.35 5.20 26.79
N MET F 370 -13.03 4.70 28.00
CA MET F 370 -11.84 3.92 28.26
C MET F 370 -12.18 2.72 29.15
N LEU F 371 -11.96 1.52 28.64
CA LEU F 371 -12.19 0.27 29.35
C LEU F 371 -10.94 -0.10 30.12
N ARG F 372 -11.11 -0.43 31.40
CA ARG F 372 -10.06 -0.89 32.30
C ARG F 372 -10.35 -2.33 32.68
N ALA F 373 -9.32 -3.16 32.71
CA ALA F 373 -9.41 -4.56 33.10
C ALA F 373 -8.14 -5.02 33.80
N GLU F 374 -8.26 -5.91 34.78
CA GLU F 374 -7.12 -6.50 35.46
C GLU F 374 -6.66 -7.71 34.66
N TYR F 375 -5.37 -7.80 34.36
CA TYR F 375 -4.78 -8.89 33.60
C TYR F 375 -3.34 -9.12 34.04
N GLY F 376 -3.04 -10.32 34.54
CA GLY F 376 -1.72 -10.70 35.00
C GLY F 376 -1.19 -9.89 36.17
N GLY F 377 -2.04 -9.38 37.05
CA GLY F 377 -1.66 -8.59 38.21
C GLY F 377 -1.33 -7.14 37.86
N SER F 378 -1.91 -6.62 36.77
CA SER F 378 -1.69 -5.28 36.26
C SER F 378 -2.94 -4.78 35.52
N PHE F 379 -3.24 -3.50 35.60
CA PHE F 379 -4.36 -2.93 34.86
C PHE F 379 -3.94 -2.66 33.42
N ARG F 380 -4.81 -2.99 32.48
CA ARG F 380 -4.68 -2.74 31.06
C ARG F 380 -5.84 -1.87 30.62
N PHE F 381 -5.53 -0.71 30.05
CA PHE F 381 -6.47 0.27 29.56
C PHE F 381 -6.58 0.20 28.04
N SER F 382 -7.76 0.45 27.47
CA SER F 382 -7.96 0.48 26.03
C SER F 382 -9.20 1.27 25.63
N SER F 383 -9.18 1.81 24.41
CA SER F 383 -10.26 2.57 23.80
C SER F 383 -10.22 2.39 22.29
N ASP F 384 -11.25 2.85 21.58
CA ASP F 384 -11.32 2.78 20.14
C ASP F 384 -10.39 3.77 19.45
N ALA F 385 -10.25 4.97 20.02
CA ALA F 385 -9.46 6.05 19.48
C ALA F 385 -7.96 5.94 19.76
N ILE F 386 -7.58 5.72 21.01
CA ILE F 386 -6.19 5.64 21.41
C ILE F 386 -5.60 4.28 21.06
N SER F 387 -4.76 4.27 20.03
CA SER F 387 -4.10 3.08 19.52
C SER F 387 -3.07 2.46 20.47
N THR F 388 -2.80 3.09 21.62
CA THR F 388 -1.90 2.62 22.66
C THR F 388 -2.66 2.07 23.86
N THR F 389 -2.35 0.84 24.27
CA THR F 389 -2.97 0.18 25.40
C THR F 389 -2.11 0.31 26.63
N PHE F 390 -2.35 1.34 27.44
CA PHE F 390 -1.56 1.62 28.64
C PHE F 390 -1.61 0.50 29.67
N THR F 391 -0.46 0.20 30.27
CA THR F 391 -0.24 -0.83 31.27
C THR F 391 0.26 -0.19 32.56
N THR F 392 -0.29 -0.56 33.72
CA THR F 392 0.06 -0.01 35.01
C THR F 392 -0.18 -0.95 36.18
N ASN F 393 0.35 -0.62 37.37
CA ASN F 393 0.13 -1.40 38.58
C ASN F 393 -1.27 -1.19 39.13
N LEU F 394 -1.74 -2.10 39.98
CA LEU F 394 -3.08 -2.07 40.55
C LEU F 394 -3.30 -1.05 41.65
N THR F 395 -2.23 -0.37 42.10
CA THR F 395 -2.28 0.63 43.14
C THR F 395 -2.19 2.04 42.56
N GLN F 396 -3.00 2.96 43.09
CA GLN F 396 -3.02 4.35 42.67
C GLN F 396 -1.76 5.08 43.10
N TYR F 397 -1.42 6.17 42.39
CA TYR F 397 -0.30 7.03 42.70
C TYR F 397 -0.70 8.17 43.64
N SER F 398 0.19 8.53 44.55
CA SER F 398 0.01 9.57 45.55
C SER F 398 0.21 10.97 44.98
N LEU F 399 -0.55 11.32 43.93
CA LEU F 399 -0.45 12.57 43.21
C LEU F 399 -0.47 13.83 44.07
N SER F 400 -1.41 13.94 45.01
CA SER F 400 -1.58 15.09 45.87
C SER F 400 -0.36 15.48 46.68
N ARG F 401 0.56 14.55 46.96
CA ARG F 401 1.78 14.81 47.70
C ARG F 401 2.81 15.60 46.90
N VAL F 402 2.73 15.53 45.57
CA VAL F 402 3.66 16.16 44.66
C VAL F 402 3.01 17.26 43.82
N ASP F 403 1.72 17.15 43.52
CA ASP F 403 0.95 18.10 42.74
C ASP F 403 0.52 19.34 43.53
N LEU F 404 1.49 20.00 44.17
CA LEU F 404 1.27 21.21 44.93
C LEU F 404 0.77 22.30 43.99
N GLY F 405 -0.38 22.90 44.32
CA GLY F 405 -1.03 23.90 43.51
C GLY F 405 -2.01 23.32 42.49
N ASP F 406 -2.23 22.01 42.49
CA ASP F 406 -3.14 21.26 41.64
C ASP F 406 -2.95 21.51 40.14
N CYS F 407 -1.73 21.43 39.63
CA CYS F 407 -1.46 21.54 38.21
C CYS F 407 -2.20 20.45 37.45
N ILE F 408 -2.17 19.22 37.97
CA ILE F 408 -2.77 18.04 37.37
C ILE F 408 -4.21 17.86 37.83
N GLY F 409 -4.45 17.92 39.14
CA GLY F 409 -5.76 17.75 39.73
C GLY F 409 -6.84 18.66 39.15
N ARG F 410 -6.55 19.97 38.99
CA ARG F 410 -7.50 20.92 38.46
C ARG F 410 -7.96 20.59 37.04
N ASP F 411 -7.01 20.23 36.16
CA ASP F 411 -7.31 19.88 34.78
C ASP F 411 -7.99 18.52 34.68
N ALA F 412 -7.58 17.53 35.48
CA ALA F 412 -8.18 16.21 35.47
C ALA F 412 -9.65 16.28 35.89
N ARG F 413 -9.96 16.99 36.96
CA ARG F 413 -11.31 17.18 37.44
C ARG F 413 -12.17 17.94 36.44
N GLU F 414 -11.65 19.03 35.86
CA GLU F 414 -12.36 19.83 34.88
C GLU F 414 -12.72 19.04 33.63
N ALA F 415 -11.75 18.31 33.06
CA ALA F 415 -11.96 17.53 31.85
C ALA F 415 -12.93 16.37 32.08
N ILE F 416 -12.78 15.60 33.15
CA ILE F 416 -13.65 14.49 33.45
C ILE F 416 -15.10 14.95 33.59
N ASP F 417 -15.34 16.05 34.32
CA ASP F 417 -16.67 16.60 34.48
C ASP F 417 -17.24 17.12 33.16
N ARG F 418 -16.45 17.76 32.32
CA ARG F 418 -16.87 18.27 31.03
C ARG F 418 -17.29 17.14 30.10
N MET F 419 -16.50 16.07 30.01
CA MET F 419 -16.81 14.92 29.17
C MET F 419 -18.03 14.17 29.67
N PHE F 420 -18.20 14.04 30.99
CA PHE F 420 -19.35 13.39 31.56
C PHE F 420 -20.62 14.16 31.23
N ALA F 421 -20.61 15.48 31.44
CA ALA F 421 -21.73 16.36 31.16
C ALA F 421 -22.12 16.34 29.69
N ARG F 422 -21.14 16.27 28.79
CA ARG F 422 -21.30 16.26 27.35
C ARG F 422 -21.99 15.01 26.81
N LYS F 423 -21.95 13.88 27.52
CA LYS F 423 -22.52 12.63 27.06
C LYS F 423 -23.22 11.79 28.13
N TYR F 424 -22.44 11.20 29.04
CA TYR F 424 -22.88 10.29 30.07
C TYR F 424 -23.93 10.78 31.06
N ASN F 425 -24.07 12.10 31.19
CA ASN F 425 -24.97 12.81 32.08
C ASN F 425 -26.33 12.18 32.32
N ALA F 426 -26.98 11.66 31.28
CA ALA F 426 -28.31 11.08 31.36
C ALA F 426 -28.38 9.55 31.28
N THR F 427 -27.26 8.85 31.08
CA THR F 427 -27.23 7.41 30.88
C THR F 427 -26.33 6.60 31.80
N HIS F 428 -25.42 7.25 32.52
CA HIS F 428 -24.49 6.60 33.43
C HIS F 428 -24.34 7.35 34.74
N ILE F 429 -23.79 6.63 35.73
CA ILE F 429 -23.52 7.05 37.09
C ILE F 429 -22.03 6.91 37.37
N LYS F 430 -21.44 7.91 38.04
CA LYS F 430 -20.04 7.91 38.44
C LYS F 430 -19.86 6.97 39.63
N VAL F 431 -18.89 6.06 39.57
CA VAL F 431 -18.64 5.14 40.66
C VAL F 431 -18.10 5.86 41.90
N GLY F 432 -17.13 6.76 41.72
CA GLY F 432 -16.51 7.52 42.79
C GLY F 432 -15.61 8.63 42.29
N GLN F 433 -14.75 9.18 43.16
CA GLN F 433 -13.83 10.23 42.80
C GLN F 433 -12.74 9.77 41.85
N PRO F 434 -12.19 10.64 41.00
CA PRO F 434 -11.13 10.26 40.07
C PRO F 434 -9.92 9.67 40.76
N GLN F 435 -9.32 8.68 40.09
CA GLN F 435 -8.16 7.91 40.48
C GLN F 435 -6.97 8.26 39.59
N TYR F 436 -5.74 7.94 39.99
CA TYR F 436 -4.55 8.24 39.23
C TYR F 436 -3.58 7.07 39.19
N TYR F 437 -3.03 6.76 38.01
CA TYR F 437 -2.12 5.65 37.79
C TYR F 437 -0.96 6.04 36.87
N LEU F 438 0.26 5.59 37.16
CA LEU F 438 1.43 5.83 36.34
C LEU F 438 1.65 4.62 35.44
N ALA F 439 1.73 4.82 34.12
CA ALA F 439 1.92 3.75 33.17
C ALA F 439 3.31 3.70 32.55
N THR F 440 3.59 2.62 31.83
CA THR F 440 4.83 2.44 31.10
C THR F 440 5.07 3.63 30.18
N GLY F 441 6.33 3.98 29.93
CA GLY F 441 6.66 5.20 29.20
C GLY F 441 6.55 6.40 30.12
N GLY F 442 6.27 7.59 29.58
CA GLY F 442 6.15 8.81 30.37
C GLY F 442 4.73 9.22 30.75
N PHE F 443 3.76 8.31 30.77
CA PHE F 443 2.37 8.62 30.99
C PHE F 443 1.82 8.49 32.40
N LEU F 444 0.82 9.33 32.69
CA LEU F 444 -0.01 9.36 33.89
C LEU F 444 -1.45 9.35 33.40
N ILE F 445 -2.29 8.47 33.95
CA ILE F 445 -3.69 8.35 33.60
C ILE F 445 -4.59 8.69 34.77
N ALA F 446 -5.41 9.73 34.61
CA ALA F 446 -6.48 10.04 35.53
C ALA F 446 -7.67 9.23 35.04
N TYR F 447 -8.42 8.56 35.92
CA TYR F 447 -9.53 7.71 35.53
C TYR F 447 -10.73 7.79 36.45
N GLN F 448 -11.94 7.78 35.89
CA GLN F 448 -13.18 7.75 36.65
C GLN F 448 -14.06 6.65 36.09
N PRO F 449 -14.21 5.51 36.76
CA PRO F 449 -15.07 4.45 36.31
C PRO F 449 -16.55 4.85 36.40
N LEU F 450 -17.35 4.32 35.47
CA LEU F 450 -18.77 4.54 35.34
C LEU F 450 -19.57 3.24 35.34
N LEU F 451 -20.86 3.37 35.67
CA LEU F 451 -21.84 2.30 35.62
C LEU F 451 -23.04 2.84 34.84
N SER F 452 -23.46 2.15 33.78
CA SER F 452 -24.63 2.55 33.04
C SER F 452 -25.87 2.34 33.90
N ASN F 453 -26.92 3.15 33.73
CA ASN F 453 -28.14 3.06 34.51
C ASN F 453 -28.69 1.63 34.54
N THR F 454 -28.71 0.93 33.41
CA THR F 454 -29.19 -0.44 33.30
C THR F 454 -28.39 -1.43 34.14
N LEU F 455 -27.08 -1.22 34.30
CA LEU F 455 -26.22 -2.06 35.09
C LEU F 455 -26.35 -1.70 36.57
N ALA F 456 -26.51 -0.42 36.90
CA ALA F 456 -26.67 0.04 38.26
C ALA F 456 -27.85 -0.62 38.94
N GLU F 457 -28.97 -0.82 38.22
CA GLU F 457 -30.15 -1.48 38.73
C GLU F 457 -29.88 -2.91 39.19
N LEU F 458 -28.95 -3.63 38.54
CA LEU F 458 -28.59 -4.98 38.91
C LEU F 458 -27.94 -5.00 40.29
N TYR F 459 -27.08 -4.03 40.58
CA TYR F 459 -26.45 -3.91 41.88
C TYR F 459 -27.48 -3.55 42.94
N VAL F 460 -28.44 -2.67 42.63
CA VAL F 460 -29.50 -2.28 43.55
C VAL F 460 -30.34 -3.48 43.97
N ARG F 461 -30.78 -4.29 43.00
CA ARG F 461 -31.59 -5.47 43.24
C ARG F 461 -30.84 -6.58 43.98
N GLU F 462 -29.52 -6.60 43.96
CA GLU F 462 -28.72 -7.56 44.71
C GLU F 462 -28.37 -7.06 46.11
N TYR F 463 -28.21 -5.74 46.28
CA TYR F 463 -27.90 -5.10 47.54
C TYR F 463 -29.04 -5.17 48.55
N MET F 464 -30.29 -5.10 48.09
CA MET F 464 -31.48 -5.14 48.93
C MET F 464 -31.73 -6.46 49.65
N ARG F 465 -30.99 -7.52 49.33
CA ARG F 465 -31.11 -8.84 49.96
C ARG F 465 -30.59 -8.85 51.38
N PHE F 500 -21.35 3.32 47.92
CA PHE F 500 -21.79 2.24 47.02
C PHE F 500 -20.69 1.62 46.17
N ALA F 501 -19.64 2.34 45.79
CA ALA F 501 -18.56 1.86 44.94
C ALA F 501 -17.99 0.48 45.26
N ARG F 502 -17.87 0.14 46.54
CA ARG F 502 -17.34 -1.13 47.03
C ARG F 502 -18.00 -2.36 46.43
N LEU F 503 -19.28 -2.28 46.05
CA LEU F 503 -20.06 -3.38 45.52
C LEU F 503 -19.64 -3.86 44.13
N GLN F 504 -19.03 -3.00 43.31
CA GLN F 504 -18.72 -3.25 41.91
C GLN F 504 -18.20 -4.64 41.56
N PHE F 505 -17.11 -5.11 42.16
CA PHE F 505 -16.53 -6.40 41.85
C PHE F 505 -16.86 -7.52 42.83
N THR F 506 -17.94 -7.37 43.61
CA THR F 506 -18.36 -8.34 44.60
C THR F 506 -19.37 -9.35 44.12
N TYR F 507 -20.35 -8.96 43.30
CA TYR F 507 -21.37 -9.84 42.77
C TYR F 507 -20.84 -10.63 41.57
N ASN F 508 -20.23 -11.79 41.84
CA ASN F 508 -19.61 -12.65 40.86
C ASN F 508 -20.47 -12.94 39.63
N HIS F 509 -21.76 -13.24 39.81
CA HIS F 509 -22.66 -13.51 38.70
C HIS F 509 -22.92 -12.29 37.83
N ILE F 510 -22.90 -11.08 38.38
CA ILE F 510 -23.06 -9.85 37.64
C ILE F 510 -21.77 -9.56 36.89
N GLN F 511 -20.62 -9.66 37.57
CA GLN F 511 -19.32 -9.42 36.96
C GLN F 511 -18.98 -10.41 35.86
N ARG F 512 -19.41 -11.68 35.97
CA ARG F 512 -19.21 -12.70 34.96
C ARG F 512 -19.84 -12.31 33.63
N HIS F 513 -21.02 -11.66 33.68
CA HIS F 513 -21.71 -11.17 32.51
C HIS F 513 -20.98 -9.97 31.92
N VAL F 514 -20.56 -9.03 32.77
CA VAL F 514 -19.84 -7.82 32.39
C VAL F 514 -18.49 -8.13 31.78
N ASN F 515 -17.73 -9.09 32.33
CA ASN F 515 -16.45 -9.50 31.82
C ASN F 515 -16.55 -10.02 30.39
N ASP F 516 -17.63 -10.70 30.04
CA ASP F 516 -17.84 -11.17 28.68
C ASP F 516 -18.32 -10.05 27.77
N MET F 517 -19.27 -9.23 28.23
CA MET F 517 -19.83 -8.12 27.50
C MET F 517 -18.79 -7.10 27.06
N LEU F 518 -17.95 -6.63 27.99
CA LEU F 518 -16.90 -5.67 27.70
C LEU F 518 -15.71 -6.35 27.04
N GLY F 519 -15.40 -7.60 27.39
CA GLY F 519 -14.32 -8.34 26.77
C GLY F 519 -14.52 -8.46 25.26
N ARG F 520 -15.77 -8.62 24.83
CA ARG F 520 -16.17 -8.67 23.43
C ARG F 520 -15.72 -7.41 22.70
N ILE F 521 -16.00 -6.25 23.29
CA ILE F 521 -15.68 -4.94 22.73
C ILE F 521 -14.18 -4.68 22.71
N ALA F 522 -13.49 -4.97 23.81
CA ALA F 522 -12.06 -4.76 23.93
C ALA F 522 -11.26 -5.52 22.88
N VAL F 523 -11.60 -6.79 22.65
CA VAL F 523 -10.95 -7.61 21.66
C VAL F 523 -11.27 -7.11 20.25
N ALA F 524 -12.51 -6.69 19.99
CA ALA F 524 -12.89 -6.15 18.70
C ALA F 524 -12.07 -4.93 18.33
N TRP F 525 -11.90 -3.98 19.25
CA TRP F 525 -11.11 -2.77 19.03
C TRP F 525 -9.64 -3.11 18.75
N CYS F 526 -9.07 -4.04 19.51
CA CYS F 526 -7.69 -4.45 19.37
C CYS F 526 -7.40 -5.06 18.01
N GLU F 527 -8.27 -5.94 17.50
CA GLU F 527 -8.10 -6.56 16.20
C GLU F 527 -8.22 -5.53 15.07
N LEU F 528 -9.12 -4.56 15.23
CA LEU F 528 -9.33 -3.49 14.28
C LEU F 528 -8.12 -2.58 14.20
N GLN F 529 -7.58 -2.14 15.35
CA GLN F 529 -6.41 -1.29 15.40
C GLN F 529 -5.20 -1.96 14.77
N ASN F 530 -4.97 -3.25 14.96
CA ASN F 530 -3.87 -3.94 14.32
C ASN F 530 -3.98 -3.94 12.81
N HIS F 531 -5.20 -4.02 12.27
CA HIS F 531 -5.45 -3.99 10.84
C HIS F 531 -5.15 -2.60 10.29
N GLU F 532 -5.59 -1.54 10.97
CA GLU F 532 -5.30 -0.18 10.55
C GLU F 532 -3.82 0.13 10.60
N LEU F 533 -3.13 -0.23 11.68
CA LEU F 533 -1.70 -0.01 11.82
C LEU F 533 -0.90 -0.74 10.75
N THR F 534 -1.28 -1.97 10.40
CA THR F 534 -0.58 -2.75 9.40
C THR F 534 -0.65 -2.05 8.04
N LEU F 535 -1.83 -1.55 7.64
CA LEU F 535 -1.96 -0.84 6.38
C LEU F 535 -1.25 0.50 6.38
N TRP F 536 -1.42 1.28 7.45
CA TRP F 536 -0.81 2.60 7.56
C TRP F 536 0.71 2.53 7.59
N ASN F 537 1.30 1.55 8.28
CA ASN F 537 2.74 1.39 8.33
C ASN F 537 3.33 0.97 7.00
N GLU F 538 2.65 0.16 6.19
CA GLU F 538 3.19 -0.19 4.89
C GLU F 538 3.13 1.01 3.94
N ALA F 539 2.04 1.77 3.95
CA ALA F 539 1.91 2.95 3.12
C ALA F 539 2.95 4.00 3.48
N ARG F 540 3.30 4.16 4.75
CA ARG F 540 4.28 5.11 5.24
C ARG F 540 5.62 4.97 4.54
N LYS F 541 6.05 3.75 4.20
CA LYS F 541 7.31 3.50 3.52
C LYS F 541 7.28 3.95 2.06
N LEU F 542 6.11 3.91 1.42
CA LEU F 542 5.94 4.30 0.03
C LEU F 542 5.89 5.80 -0.16
N ASN F 543 5.27 6.54 0.77
CA ASN F 543 5.12 7.97 0.67
C ASN F 543 5.07 8.63 2.04
N PRO F 544 6.21 8.85 2.69
CA PRO F 544 6.24 9.45 4.01
C PRO F 544 5.75 10.89 4.03
N ASN F 545 5.92 11.68 2.96
CA ASN F 545 5.44 13.04 2.94
C ASN F 545 3.93 13.10 3.10
N ALA F 546 3.18 12.28 2.37
CA ALA F 546 1.74 12.27 2.44
C ALA F 546 1.21 11.75 3.76
N ILE F 547 1.84 10.70 4.31
CA ILE F 547 1.40 10.10 5.55
C ILE F 547 1.76 10.93 6.78
N ALA F 548 2.91 11.62 6.76
CA ALA F 548 3.25 12.53 7.84
C ALA F 548 2.23 13.67 7.81
N SER F 549 1.97 14.24 6.62
CA SER F 549 1.03 15.33 6.46
C SER F 549 -0.39 14.95 6.86
N ALA F 550 -0.84 13.73 6.55
CA ALA F 550 -2.16 13.26 6.91
C ALA F 550 -2.28 13.01 8.41
N THR F 551 -1.21 12.53 9.05
CA THR F 551 -1.19 12.25 10.48
C THR F 551 -1.25 13.56 11.28
N VAL F 552 -0.45 14.54 10.87
CA VAL F 552 -0.33 15.84 11.50
C VAL F 552 -1.50 16.77 11.14
N GLY F 553 -2.09 16.62 9.96
CA GLY F 553 -3.17 17.46 9.47
C GLY F 553 -2.71 18.77 8.86
N ARG F 554 -1.47 18.85 8.37
CA ARG F 554 -0.85 20.00 7.74
C ARG F 554 0.35 19.55 6.93
N ARG F 555 0.74 20.26 5.85
CA ARG F 555 1.90 19.89 5.06
C ARG F 555 3.20 19.91 5.84
N VAL F 556 3.94 18.79 5.76
CA VAL F 556 5.25 18.64 6.35
C VAL F 556 6.12 17.80 5.42
N SER F 557 7.42 18.03 5.47
CA SER F 557 8.42 17.26 4.74
C SER F 557 8.82 16.10 5.63
N ALA F 558 8.96 14.88 5.11
CA ALA F 558 9.32 13.72 5.91
C ALA F 558 10.25 12.76 5.19
N ARG F 559 11.05 12.02 5.95
CA ARG F 559 12.04 11.08 5.47
C ARG F 559 12.08 9.88 6.40
N MET F 560 12.32 8.67 5.88
CA MET F 560 12.18 7.47 6.68
C MET F 560 13.28 7.09 7.66
N LEU F 561 14.50 7.63 7.57
CA LEU F 561 15.59 7.49 8.52
C LEU F 561 15.74 6.21 9.33
N GLY F 562 15.53 5.03 8.74
CA GLY F 562 15.58 3.75 9.42
C GLY F 562 14.17 3.28 9.74
N ASP F 563 13.87 3.09 11.03
CA ASP F 563 12.58 2.67 11.56
C ASP F 563 11.88 3.77 12.34
N VAL F 564 12.28 5.04 12.15
CA VAL F 564 11.75 6.22 12.80
C VAL F 564 11.65 7.34 11.77
N MET F 565 10.60 8.15 11.77
CA MET F 565 10.41 9.16 10.74
C MET F 565 10.95 10.53 11.11
N ALA F 566 11.80 11.14 10.28
CA ALA F 566 12.31 12.48 10.47
C ALA F 566 11.37 13.48 9.82
N VAL F 567 11.08 14.63 10.44
CA VAL F 567 10.15 15.60 9.90
C VAL F 567 10.61 17.05 9.98
N SER F 568 10.09 17.90 9.08
CA SER F 568 10.37 19.31 8.99
C SER F 568 9.26 20.09 8.31
N THR F 569 9.18 21.41 8.48
CA THR F 569 8.16 22.23 7.86
C THR F 569 8.43 22.49 6.38
N CYS F 570 7.37 22.65 5.59
CA CYS F 570 7.42 23.01 4.19
C CYS F 570 7.13 24.50 4.05
N VAL F 571 7.75 25.17 3.07
CA VAL F 571 7.58 26.58 2.81
C VAL F 571 6.53 26.81 1.73
N PRO F 572 5.43 27.53 1.98
CA PRO F 572 4.43 27.79 0.96
C PRO F 572 4.90 28.83 -0.05
N VAL F 573 4.47 28.66 -1.31
CA VAL F 573 4.76 29.51 -2.45
C VAL F 573 3.46 29.81 -3.19
N ALA F 574 3.16 31.09 -3.41
CA ALA F 574 1.95 31.51 -4.09
C ALA F 574 1.92 31.04 -5.54
N PRO F 575 0.77 30.61 -6.07
CA PRO F 575 0.67 30.05 -7.41
C PRO F 575 1.09 30.98 -8.54
N ASP F 576 0.98 32.29 -8.40
CA ASP F 576 1.37 33.24 -9.42
C ASP F 576 2.88 33.44 -9.51
N ASN F 577 3.64 32.95 -8.53
CA ASN F 577 5.08 33.02 -8.52
C ASN F 577 5.76 31.80 -9.13
N VAL F 578 5.00 30.88 -9.73
CA VAL F 578 5.49 29.67 -10.35
C VAL F 578 5.26 29.70 -11.86
N ILE F 579 6.25 29.28 -12.63
CA ILE F 579 6.25 29.23 -14.08
C ILE F 579 6.70 27.84 -14.52
N VAL F 580 6.03 27.25 -15.51
CA VAL F 580 6.37 25.95 -16.05
C VAL F 580 7.14 26.08 -17.35
N GLN F 581 8.23 25.32 -17.52
CA GLN F 581 9.06 25.37 -18.71
C GLN F 581 8.44 24.61 -19.87
N ASN F 582 8.64 25.09 -21.11
CA ASN F 582 8.03 24.53 -22.30
C ASN F 582 8.44 23.11 -22.69
N SER F 583 9.55 22.55 -22.21
CA SER F 583 9.99 21.22 -22.59
C SER F 583 10.63 20.45 -21.44
N MET F 584 10.46 19.13 -21.47
CA MET F 584 11.01 18.23 -20.49
C MET F 584 12.03 17.26 -21.08
N ARG F 585 12.63 17.57 -22.23
CA ARG F 585 13.72 16.78 -22.80
C ARG F 585 15.05 17.27 -22.26
N VAL F 586 16.02 16.39 -22.06
CA VAL F 586 17.35 16.77 -21.63
C VAL F 586 18.17 17.12 -22.86
N SER F 587 18.53 18.39 -23.04
CA SER F 587 19.25 18.87 -24.20
C SER F 587 20.62 18.25 -24.42
N SER F 588 21.38 18.01 -23.34
CA SER F 588 22.72 17.46 -23.37
C SER F 588 22.80 15.94 -23.44
N ARG F 589 21.71 15.21 -23.20
CA ARG F 589 21.64 13.76 -23.18
C ARG F 589 20.43 13.29 -23.96
N PRO F 590 20.43 13.40 -25.29
CA PRO F 590 19.31 13.12 -26.17
C PRO F 590 18.46 11.89 -25.91
N GLY F 591 19.00 10.80 -25.39
CA GLY F 591 18.23 9.62 -25.07
C GLY F 591 17.36 9.72 -23.81
N THR F 592 17.52 10.77 -23.00
CA THR F 592 16.82 10.97 -21.75
C THR F 592 16.00 12.24 -21.67
N CYS F 593 14.94 12.15 -20.86
CA CYS F 593 13.94 13.16 -20.60
C CYS F 593 13.63 13.22 -19.11
N TYR F 594 13.15 14.36 -18.62
CA TYR F 594 12.76 14.50 -17.23
C TYR F 594 11.45 13.79 -16.98
N SER F 595 11.30 13.17 -15.80
CA SER F 595 10.13 12.42 -15.43
C SER F 595 8.91 13.29 -15.14
N ARG F 596 9.12 14.52 -14.67
CA ARG F 596 8.11 15.50 -14.31
C ARG F 596 8.53 16.89 -14.78
N PRO F 597 7.61 17.83 -14.98
CA PRO F 597 7.90 19.15 -15.53
C PRO F 597 8.95 19.97 -14.79
N LEU F 598 9.74 20.71 -15.57
CA LEU F 598 10.71 21.64 -15.02
C LEU F 598 9.98 22.95 -14.74
N VAL F 599 10.40 23.67 -13.69
CA VAL F 599 9.77 24.91 -13.30
C VAL F 599 10.80 25.95 -12.88
N SER F 600 10.32 27.19 -12.76
CA SER F 600 11.05 28.35 -12.28
C SER F 600 10.13 29.08 -11.32
N PHE F 601 10.60 29.48 -10.15
CA PHE F 601 9.75 30.16 -9.18
C PHE F 601 10.51 31.11 -8.27
N ARG F 602 9.79 31.85 -7.42
CA ARG F 602 10.36 32.76 -6.44
C ARG F 602 9.54 32.74 -5.17
N TYR F 603 10.17 32.81 -3.99
CA TYR F 603 9.43 32.79 -2.74
C TYR F 603 8.65 34.06 -2.50
N GLU F 604 9.21 35.21 -2.90
CA GLU F 604 8.64 36.54 -2.77
C GLU F 604 8.49 37.18 -4.13
N ASP F 605 7.49 38.05 -4.30
CA ASP F 605 7.11 38.68 -5.56
C ASP F 605 8.21 39.38 -6.35
N GLN F 606 9.31 39.80 -5.71
CA GLN F 606 10.44 40.46 -6.35
C GLN F 606 11.74 39.69 -6.22
N GLY F 607 11.73 38.49 -5.63
CA GLY F 607 12.92 37.67 -5.49
C GLY F 607 13.42 37.08 -6.79
N PRO F 608 14.65 36.58 -6.85
CA PRO F 608 15.23 36.00 -8.03
C PRO F 608 14.56 34.67 -8.38
N LEU F 609 14.53 34.32 -9.66
CA LEU F 609 13.95 33.06 -10.11
C LEU F 609 14.90 31.90 -9.85
N ILE F 610 14.37 30.89 -9.16
CA ILE F 610 15.03 29.65 -8.76
C ILE F 610 14.56 28.54 -9.70
N GLU F 611 15.49 27.76 -10.24
CA GLU F 611 15.18 26.64 -11.11
C GLU F 611 14.90 25.39 -10.29
N GLY F 612 13.82 24.67 -10.60
CA GLY F 612 13.45 23.46 -9.90
C GLY F 612 12.68 22.46 -10.77
N GLN F 613 12.05 21.48 -10.13
CA GLN F 613 11.24 20.47 -10.79
C GLN F 613 9.95 20.25 -10.01
N LEU F 614 8.85 20.01 -10.74
CA LEU F 614 7.54 19.80 -10.15
C LEU F 614 7.43 18.41 -9.56
N GLY F 615 7.25 18.32 -8.24
CA GLY F 615 7.09 17.09 -7.50
C GLY F 615 5.63 16.65 -7.45
N GLU F 616 5.30 15.76 -6.52
CA GLU F 616 3.94 15.29 -6.33
C GLU F 616 3.08 16.32 -5.61
N ASN F 617 1.80 16.41 -5.95
CA ASN F 617 0.82 17.27 -5.33
C ASN F 617 1.32 18.67 -4.98
N ASN F 618 1.64 19.50 -5.97
CA ASN F 618 2.12 20.86 -5.82
C ASN F 618 3.44 21.06 -5.08
N GLU F 619 4.21 20.01 -4.80
CA GLU F 619 5.52 20.16 -4.20
C GLU F 619 6.51 20.67 -5.23
N LEU F 620 7.41 21.59 -4.86
CA LEU F 620 8.46 22.13 -5.70
C LEU F 620 9.79 21.59 -5.20
N ARG F 621 10.57 20.91 -6.04
CA ARG F 621 11.85 20.34 -5.68
C ARG F 621 12.98 21.19 -6.25
N LEU F 622 14.05 21.41 -5.50
CA LEU F 622 15.17 22.22 -5.95
C LEU F 622 16.13 21.50 -6.90
N THR F 623 16.08 20.17 -6.97
CA THR F 623 16.97 19.38 -7.81
C THR F 623 16.25 18.73 -8.99
N ARG F 624 16.67 19.08 -10.20
CA ARG F 624 16.14 18.54 -11.45
C ARG F 624 16.75 17.18 -11.72
N ASP F 625 16.44 16.19 -10.89
CA ASP F 625 17.02 14.85 -10.97
C ASP F 625 16.09 13.71 -11.35
N ALA F 626 14.77 13.89 -11.44
CA ALA F 626 13.88 12.82 -11.85
C ALA F 626 13.97 12.67 -13.37
N LEU F 627 14.50 11.55 -13.85
CA LEU F 627 14.77 11.27 -15.25
C LEU F 627 14.24 9.93 -15.74
N GLU F 628 14.11 9.79 -17.06
CA GLU F 628 13.63 8.63 -17.78
C GLU F 628 14.20 8.56 -19.19
N PRO F 629 14.24 7.39 -19.83
CA PRO F 629 14.57 7.29 -21.24
C PRO F 629 13.36 7.81 -22.03
N CYS F 630 13.57 8.62 -23.07
CA CYS F 630 12.48 9.16 -23.85
C CYS F 630 11.78 8.10 -24.67
N THR F 631 10.47 7.89 -24.45
CA THR F 631 9.65 6.92 -25.14
C THR F 631 8.59 7.58 -26.01
N VAL F 632 8.30 7.00 -27.18
CA VAL F 632 7.29 7.51 -28.09
C VAL F 632 5.88 7.38 -27.52
N GLY F 633 4.97 8.28 -27.90
CA GLY F 633 3.59 8.27 -27.47
C GLY F 633 3.33 8.78 -26.05
N HIS F 634 4.24 9.60 -25.50
CA HIS F 634 4.13 10.17 -24.17
C HIS F 634 3.01 11.19 -24.07
N ARG F 635 2.12 11.04 -23.08
CA ARG F 635 1.03 11.92 -22.73
C ARG F 635 0.92 11.95 -21.21
N ARG F 636 0.81 13.12 -20.58
CA ARG F 636 0.73 13.22 -19.13
C ARG F 636 -0.05 14.43 -18.66
N TYR F 637 -0.76 14.29 -17.56
CA TYR F 637 -1.47 15.35 -16.87
C TYR F 637 -0.85 15.46 -15.48
N PHE F 638 -0.25 16.59 -15.11
CA PHE F 638 0.35 16.75 -13.80
C PHE F 638 -0.45 17.75 -12.97
N ILE F 639 -0.61 17.53 -11.66
CA ILE F 639 -1.32 18.45 -10.80
C ILE F 639 -0.52 19.74 -10.72
N PHE F 640 -1.17 20.89 -10.94
CA PHE F 640 -0.51 22.18 -10.93
C PHE F 640 -1.45 23.31 -10.54
N GLY F 641 -1.38 23.75 -9.28
CA GLY F 641 -2.11 24.85 -8.70
C GLY F 641 -3.61 24.87 -8.90
N GLY F 642 -4.34 23.94 -8.29
CA GLY F 642 -5.79 23.90 -8.37
C GLY F 642 -6.35 23.48 -9.72
N GLY F 643 -5.51 22.90 -10.59
CA GLY F 643 -5.83 22.40 -11.90
C GLY F 643 -4.76 21.42 -12.35
N TYR F 644 -4.63 21.20 -13.66
CA TYR F 644 -3.63 20.33 -14.23
C TYR F 644 -2.87 21.04 -15.34
N VAL F 645 -1.73 20.47 -15.75
CA VAL F 645 -0.91 20.94 -16.83
C VAL F 645 -0.65 19.76 -17.74
N TYR F 646 -0.99 19.85 -19.03
CA TYR F 646 -0.88 18.76 -19.98
C TYR F 646 0.35 18.83 -20.86
N PHE F 647 1.13 17.74 -20.87
CA PHE F 647 2.35 17.55 -21.64
C PHE F 647 2.14 16.42 -22.64
N GLU F 648 2.57 16.64 -23.88
CA GLU F 648 2.47 15.68 -24.96
C GLU F 648 3.81 15.60 -25.68
N GLU F 649 4.37 14.39 -25.81
CA GLU F 649 5.66 14.14 -26.43
C GLU F 649 6.75 15.03 -25.85
N TYR F 650 6.79 15.07 -24.51
CA TYR F 650 7.72 15.82 -23.70
C TYR F 650 7.67 17.33 -23.85
N ALA F 651 6.60 17.90 -24.43
CA ALA F 651 6.42 19.33 -24.60
C ALA F 651 5.13 19.83 -23.96
N TYR F 652 5.20 20.99 -23.30
CA TYR F 652 4.06 21.62 -22.65
C TYR F 652 3.05 22.11 -23.67
N SER F 653 1.74 21.93 -23.42
CA SER F 653 0.70 22.39 -24.32
C SER F 653 -0.33 23.33 -23.71
N HIS F 654 -0.96 23.03 -22.58
CA HIS F 654 -1.94 23.90 -21.96
C HIS F 654 -2.26 23.50 -20.53
N GLN F 655 -3.03 24.33 -19.83
CA GLN F 655 -3.51 24.10 -18.48
C GLN F 655 -5.01 23.84 -18.47
N LEU F 656 -5.45 22.91 -17.62
CA LEU F 656 -6.83 22.55 -17.43
C LEU F 656 -7.31 22.94 -16.04
N SER F 657 -8.59 23.28 -15.91
CA SER F 657 -9.20 23.47 -14.60
C SER F 657 -9.55 22.09 -14.10
N ARG F 658 -9.70 21.90 -12.77
CA ARG F 658 -10.07 20.60 -12.25
C ARG F 658 -11.43 20.13 -12.75
N ALA F 659 -12.27 21.04 -13.25
CA ALA F 659 -13.58 20.75 -13.79
C ALA F 659 -13.56 20.24 -15.22
N ASP F 660 -12.45 20.33 -15.95
CA ASP F 660 -12.34 19.85 -17.31
C ASP F 660 -12.09 18.35 -17.41
N VAL F 661 -11.81 17.68 -16.30
CA VAL F 661 -11.56 16.24 -16.21
C VAL F 661 -12.75 15.55 -15.58
N THR F 662 -13.10 14.35 -16.04
CA THR F 662 -14.24 13.60 -15.52
C THR F 662 -14.01 13.05 -14.12
N THR F 663 -14.99 13.20 -13.23
CA THR F 663 -14.95 12.65 -11.89
C THR F 663 -15.82 11.41 -11.85
N VAL F 664 -15.28 10.29 -11.39
CA VAL F 664 -15.95 9.00 -11.33
C VAL F 664 -16.69 8.77 -10.02
N SER F 665 -17.86 8.12 -10.07
CA SER F 665 -18.64 7.77 -8.91
C SER F 665 -19.35 6.42 -9.00
N THR F 666 -19.83 6.02 -10.18
CA THR F 666 -20.52 4.76 -10.43
C THR F 666 -20.21 4.23 -11.82
N PHE F 667 -20.52 2.96 -12.09
CA PHE F 667 -20.35 2.39 -13.41
C PHE F 667 -21.28 3.04 -14.44
N ILE F 668 -22.44 3.58 -14.05
CA ILE F 668 -23.34 4.23 -14.97
C ILE F 668 -22.67 5.45 -15.58
N ASP F 669 -21.94 6.23 -14.78
CA ASP F 669 -21.21 7.39 -15.25
C ASP F 669 -20.20 7.04 -16.33
N LEU F 670 -19.54 5.88 -16.17
CA LEU F 670 -18.52 5.43 -17.09
C LEU F 670 -19.06 4.66 -18.29
N ASN F 671 -20.09 3.83 -18.14
CA ASN F 671 -20.64 3.04 -19.23
C ASN F 671 -21.07 3.90 -20.42
N ILE F 672 -21.54 5.12 -20.13
CA ILE F 672 -21.95 6.09 -21.13
C ILE F 672 -20.80 6.91 -21.71
N THR F 673 -19.59 6.81 -21.15
CA THR F 673 -18.43 7.58 -21.55
C THR F 673 -17.27 6.75 -22.08
N MET F 674 -16.89 5.63 -21.43
CA MET F 674 -15.80 4.78 -21.83
C MET F 674 -15.95 4.20 -23.23
N LEU F 675 -14.80 3.87 -23.82
CA LEU F 675 -14.66 3.28 -25.14
C LEU F 675 -13.77 2.03 -25.05
N GLU F 676 -13.78 1.21 -26.09
CA GLU F 676 -12.87 0.09 -26.19
C GLU F 676 -11.62 0.65 -26.86
N ASP F 677 -10.69 1.17 -26.06
CA ASP F 677 -9.49 1.82 -26.56
C ASP F 677 -8.71 0.94 -27.52
N HIS F 678 -8.19 1.55 -28.60
CA HIS F 678 -7.48 0.85 -29.67
C HIS F 678 -6.13 1.50 -29.93
N GLU F 679 -5.04 0.87 -29.50
CA GLU F 679 -3.70 1.40 -29.66
C GLU F 679 -3.29 1.59 -31.11
N PHE F 680 -2.78 2.78 -31.45
CA PHE F 680 -2.43 3.16 -32.81
C PHE F 680 -0.99 2.92 -33.24
N VAL F 681 -0.10 2.51 -32.33
CA VAL F 681 1.31 2.21 -32.53
C VAL F 681 2.06 3.20 -33.42
N PRO F 682 2.36 4.41 -32.96
CA PRO F 682 3.08 5.41 -33.73
C PRO F 682 4.46 4.96 -34.19
N LEU F 683 4.90 5.52 -35.33
CA LEU F 683 6.17 5.25 -36.00
C LEU F 683 7.34 5.96 -35.34
#